data_4UBT
#
_entry.id   4UBT
#
_cell.length_a   76.660
_cell.length_b   100.180
_cell.length_c   107.950
_cell.angle_alpha   90.00
_cell.angle_beta   99.90
_cell.angle_gamma   90.00
#
_symmetry.space_group_name_H-M   'P 1 21 1'
#
loop_
_entity.id
_entity.type
_entity.pdbx_description
1 polymer 'Acetyl-CoA acetyltransferase FadA5'
2 non-polymer 'COENZYME A'
3 non-polymer '(2S)-2-[(8S,9S,10R,13S,14S,17R)-10,13-dimethyl-3-oxo-2,3,6,7,8,9,10,11,12,13,14,15,16,17-tetradecahydro-1H-cyclopenta[a]phenanthren-17-yl]propanoic acid (non-preferred name)'
4 non-polymer GLYCEROL
5 non-polymer 'CHLORIDE ION'
6 non-polymer DI(HYDROXYETHYL)ETHER
7 non-polymer 'SODIUM ION'
8 water water
#
_entity_poly.entity_id   1
_entity_poly.type   'polypeptide(L)'
_entity_poly.pdbx_seq_one_letter_code
;HHHHHHGSMGYPVIVEATRSPIGKRNGWLSGLHATELLGAVQKAVVDKAGIQSGLHAGDVEQVIGGCVTQFGEQSNNISR
VAWLTAGLPEHVGATTVDCQSGSGQQANHLIAGLIAAGAIDVGIACGIEAMSRVGLGANAGPDRSLIRAQSWDIDLPNQF
EAAERIAKRRGITREDVDVFGLESQRRAQRAWAEGRFDREISPIQAPVLDEQNQPTGERRLVFRDQGLRETTMAGLGELK
PVLEGGIHTAGTSSQISDGAAAVLWMDEAVARAHGLTPRARIVAQALVGAEPYYHLDGPVQSTAKVLEKAGMKIGDIDIV
EINEAFASVVLSWARVHEPDMDRVNVNGGAIALGHPVGCTGSRLITTALHELERTDQSLALITMCAGGALSTGTIIERI
;
_entity_poly.pdbx_strand_id   A,B,C,D
#
# COMPACT_ATOMS: atom_id res chain seq x y z
N HIS A 4 30.14 12.39 -11.52
CA HIS A 4 29.61 12.38 -10.16
C HIS A 4 29.52 10.95 -9.63
N HIS A 5 29.87 9.99 -10.48
CA HIS A 5 29.93 8.56 -10.12
C HIS A 5 29.50 7.66 -11.27
N HIS A 6 30.04 6.45 -11.34
CA HIS A 6 29.57 5.52 -12.39
C HIS A 6 29.41 4.02 -12.07
N GLY A 7 30.43 3.36 -11.52
CA GLY A 7 30.21 2.03 -11.00
C GLY A 7 31.16 0.88 -11.30
N SER A 8 31.01 -0.18 -10.51
CA SER A 8 31.65 -1.47 -10.76
C SER A 8 30.54 -2.47 -11.08
N MET A 9 30.29 -2.67 -12.37
CA MET A 9 29.14 -3.46 -12.80
C MET A 9 29.60 -4.72 -13.50
N GLY A 10 28.70 -5.70 -13.55
CA GLY A 10 28.94 -6.90 -14.32
C GLY A 10 27.97 -6.91 -15.48
N TYR A 11 28.24 -7.79 -16.43
CA TYR A 11 27.36 -8.03 -17.56
C TYR A 11 27.00 -9.50 -17.50
N PRO A 12 25.84 -9.80 -16.91
CA PRO A 12 25.44 -11.18 -16.64
C PRO A 12 25.19 -11.93 -17.94
N VAL A 13 25.75 -13.13 -18.06
CA VAL A 13 25.47 -13.99 -19.19
C VAL A 13 25.30 -15.40 -18.67
N ILE A 14 24.47 -16.18 -19.35
CA ILE A 14 24.38 -17.61 -19.09
C ILE A 14 25.56 -18.36 -19.75
N VAL A 15 26.23 -19.21 -18.98
CA VAL A 15 27.29 -20.05 -19.52
C VAL A 15 26.91 -21.53 -19.59
N GLU A 16 26.01 -21.96 -18.71
CA GLU A 16 25.55 -23.35 -18.71
CA GLU A 16 25.53 -23.33 -18.74
C GLU A 16 24.13 -23.45 -18.17
N ALA A 17 23.39 -24.45 -18.62
CA ALA A 17 22.04 -24.67 -18.08
C ALA A 17 21.64 -26.13 -18.23
N THR A 18 20.99 -26.68 -17.21
CA THR A 18 20.63 -28.08 -17.27
C THR A 18 19.42 -28.33 -16.39
N ARG A 19 18.74 -29.45 -16.62
CA ARG A 19 17.58 -29.78 -15.80
C ARG A 19 17.48 -31.27 -15.62
N SER A 20 16.82 -31.69 -14.55
CA SER A 20 16.49 -33.11 -14.40
C SER A 20 15.39 -33.46 -15.37
N PRO A 21 15.25 -34.76 -15.66
CA PRO A 21 13.98 -35.18 -16.28
C PRO A 21 12.86 -34.85 -15.30
N ILE A 22 11.63 -34.72 -15.80
CA ILE A 22 10.52 -34.35 -14.92
C ILE A 22 9.71 -35.63 -14.63
N GLY A 23 9.56 -35.97 -13.35
CA GLY A 23 8.83 -37.17 -12.98
C GLY A 23 7.37 -36.89 -12.68
N LYS A 24 6.50 -37.89 -12.87
CA LYS A 24 5.09 -37.77 -12.51
C LYS A 24 4.93 -37.92 -11.00
N ARG A 25 3.77 -37.51 -10.49
CA ARG A 25 3.48 -37.67 -9.07
C ARG A 25 3.62 -39.12 -8.67
N ASN A 26 4.35 -39.38 -7.59
CA ASN A 26 4.64 -40.74 -7.14
C ASN A 26 5.37 -41.54 -8.21
N GLY A 27 6.09 -40.82 -9.08
CA GLY A 27 6.74 -41.43 -10.22
C GLY A 27 8.22 -41.68 -10.06
N TRP A 28 8.96 -41.54 -11.16
CA TRP A 28 10.34 -42.01 -11.23
C TRP A 28 11.30 -41.33 -10.25
N LEU A 29 10.96 -40.12 -9.82
CA LEU A 29 11.85 -39.35 -8.97
C LEU A 29 11.32 -39.25 -7.54
N SER A 30 10.20 -39.91 -7.25
CA SER A 30 9.50 -39.67 -5.99
C SER A 30 10.28 -40.25 -4.81
N GLY A 31 11.26 -41.09 -5.11
CA GLY A 31 12.04 -41.71 -4.05
C GLY A 31 13.23 -40.89 -3.60
N LEU A 32 13.46 -39.75 -4.24
CA LEU A 32 14.59 -38.89 -3.88
C LEU A 32 14.15 -37.83 -2.90
N HIS A 33 14.93 -37.63 -1.84
CA HIS A 33 14.68 -36.53 -0.91
C HIS A 33 14.76 -35.24 -1.74
N ALA A 34 13.94 -34.24 -1.43
CA ALA A 34 13.94 -33.03 -2.22
C ALA A 34 15.33 -32.38 -2.29
N THR A 35 16.07 -32.44 -1.17
CA THR A 35 17.39 -31.81 -1.12
C THR A 35 18.39 -32.56 -2.02
N GLU A 36 18.18 -33.86 -2.20
CA GLU A 36 19.05 -34.64 -3.08
C GLU A 36 18.76 -34.35 -4.55
N LEU A 37 17.50 -34.16 -4.89
CA LEU A 37 17.13 -33.85 -6.27
C LEU A 37 17.72 -32.50 -6.67
N LEU A 38 17.56 -31.48 -5.84
CA LEU A 38 18.13 -30.17 -6.17
C LEU A 38 19.67 -30.20 -6.18
N GLY A 39 20.24 -30.83 -5.16
CA GLY A 39 21.68 -30.89 -5.04
C GLY A 39 22.33 -31.53 -6.25
N ALA A 40 21.69 -32.58 -6.77
CA ALA A 40 22.23 -33.30 -7.92
C ALA A 40 22.27 -32.41 -9.17
N VAL A 41 21.26 -31.56 -9.32
CA VAL A 41 21.20 -30.64 -10.46
C VAL A 41 22.15 -29.44 -10.28
N GLN A 42 22.29 -28.98 -9.04
CA GLN A 42 23.29 -27.95 -8.74
C GLN A 42 24.68 -28.46 -9.11
N LYS A 43 25.01 -29.68 -8.68
CA LYS A 43 26.31 -30.27 -8.97
C LYS A 43 26.45 -30.48 -10.49
N ALA A 44 25.36 -30.87 -11.14
CA ALA A 44 25.42 -31.19 -12.57
C ALA A 44 25.74 -29.96 -13.42
N VAL A 45 25.17 -28.81 -13.08
CA VAL A 45 25.42 -27.61 -13.88
C VAL A 45 26.85 -27.11 -13.69
N VAL A 46 27.42 -27.30 -12.50
CA VAL A 46 28.83 -26.97 -12.26
C VAL A 46 29.72 -27.91 -13.05
N ASP A 47 29.44 -29.21 -12.96
CA ASP A 47 30.26 -30.19 -13.66
C ASP A 47 30.26 -29.93 -15.17
N LYS A 48 29.13 -29.49 -15.71
CA LYS A 48 29.00 -29.30 -17.16
C LYS A 48 29.92 -28.19 -17.65
N ALA A 49 30.09 -27.17 -16.83
CA ALA A 49 30.98 -26.05 -17.14
C ALA A 49 32.44 -26.49 -17.06
N GLY A 50 32.75 -27.34 -16.09
CA GLY A 50 34.12 -27.74 -15.83
C GLY A 50 34.82 -28.45 -16.97
N ILE A 51 34.04 -28.98 -17.91
CA ILE A 51 34.57 -29.70 -19.07
C ILE A 51 35.43 -28.79 -19.96
N GLN A 52 34.95 -27.56 -20.13
CA GLN A 52 35.56 -26.59 -21.03
C GLN A 52 36.51 -25.63 -20.33
N SER A 53 36.71 -25.85 -19.03
CA SER A 53 37.33 -24.82 -18.20
C SER A 53 37.95 -25.39 -16.93
N GLY A 54 38.52 -24.50 -16.13
CA GLY A 54 39.02 -24.87 -14.81
C GLY A 54 38.07 -24.42 -13.71
N LEU A 55 36.82 -24.13 -14.08
CA LEU A 55 35.83 -23.69 -13.10
C LEU A 55 35.45 -24.85 -12.17
N HIS A 56 35.36 -24.57 -10.88
CA HIS A 56 35.00 -25.55 -9.86
CA HIS A 56 34.98 -25.56 -9.88
C HIS A 56 33.84 -25.02 -9.02
N ALA A 57 33.16 -25.90 -8.29
CA ALA A 57 32.00 -25.48 -7.49
C ALA A 57 32.35 -24.36 -6.51
N GLY A 58 33.59 -24.33 -6.03
CA GLY A 58 33.99 -23.32 -5.05
C GLY A 58 34.12 -21.93 -5.65
N ASP A 59 34.05 -21.86 -6.99
CA ASP A 59 34.14 -20.58 -7.68
C ASP A 59 32.78 -19.91 -7.73
N VAL A 60 31.72 -20.67 -7.47
CA VAL A 60 30.38 -20.10 -7.42
C VAL A 60 30.31 -19.26 -6.14
N GLU A 61 29.72 -18.07 -6.23
CA GLU A 61 29.63 -17.20 -5.04
C GLU A 61 28.31 -17.29 -4.30
N GLN A 62 27.21 -17.34 -5.06
CA GLN A 62 25.90 -17.49 -4.48
C GLN A 62 25.02 -18.37 -5.36
N VAL A 63 24.10 -19.06 -4.69
CA VAL A 63 23.07 -19.84 -5.34
C VAL A 63 21.73 -19.25 -4.92
N ILE A 64 20.83 -19.04 -5.87
CA ILE A 64 19.47 -18.63 -5.53
C ILE A 64 18.51 -19.65 -6.16
N GLY A 65 17.67 -20.28 -5.34
CA GLY A 65 16.76 -21.31 -5.82
C GLY A 65 15.29 -20.99 -5.55
N GLY A 66 14.43 -21.27 -6.52
CA GLY A 66 13.00 -21.16 -6.35
C GLY A 66 12.37 -22.43 -5.78
N CYS A 67 11.37 -22.24 -4.93
CA CYS A 67 10.61 -23.38 -4.37
C CYS A 67 9.34 -22.82 -3.79
N VAL A 68 8.21 -23.42 -4.15
CA VAL A 68 6.93 -22.91 -3.68
C VAL A 68 6.55 -23.38 -2.27
N THR A 69 6.48 -24.69 -2.06
CA THR A 69 5.92 -25.19 -0.80
C THR A 69 7.05 -25.45 0.20
N GLN A 70 7.45 -24.43 0.95
CA GLN A 70 8.68 -24.50 1.71
C GLN A 70 8.42 -25.07 3.09
N PHE A 71 8.03 -26.35 3.06
CA PHE A 71 7.67 -27.11 4.24
C PHE A 71 8.48 -28.39 4.28
N GLY A 72 8.82 -28.85 5.48
CA GLY A 72 9.42 -30.16 5.63
C GLY A 72 10.73 -30.26 4.89
N GLU A 73 10.83 -31.25 4.00
CA GLU A 73 12.01 -31.44 3.18
C GLU A 73 12.39 -30.18 2.42
N GLN A 74 11.40 -29.32 2.16
CA GLN A 74 11.64 -28.12 1.34
C GLN A 74 11.70 -26.85 2.17
N SER A 75 11.76 -26.99 3.49
CA SER A 75 11.86 -25.83 4.35
C SER A 75 13.33 -25.52 4.67
N ASN A 76 13.56 -24.49 5.46
CA ASN A 76 14.90 -24.22 5.99
C ASN A 76 15.93 -23.96 4.90
N ASN A 77 15.54 -23.18 3.90
CA ASN A 77 16.43 -22.75 2.81
C ASN A 77 16.98 -23.96 2.06
N ILE A 78 16.10 -24.62 1.31
CA ILE A 78 16.48 -25.85 0.62
C ILE A 78 17.67 -25.63 -0.33
N SER A 79 17.78 -24.44 -0.91
CA SER A 79 18.91 -24.14 -1.80
C SER A 79 20.22 -24.40 -1.10
N ARG A 80 20.32 -23.95 0.15
CA ARG A 80 21.52 -24.17 0.96
C ARG A 80 21.66 -25.62 1.41
N VAL A 81 20.55 -26.22 1.86
CA VAL A 81 20.63 -27.59 2.38
C VAL A 81 21.01 -28.55 1.25
N ALA A 82 20.45 -28.33 0.06
CA ALA A 82 20.78 -29.15 -1.11
C ALA A 82 22.26 -29.07 -1.45
N TRP A 83 22.80 -27.85 -1.49
CA TRP A 83 24.20 -27.62 -1.81
C TRP A 83 25.10 -28.41 -0.86
N LEU A 84 24.85 -28.30 0.45
CA LEU A 84 25.63 -29.01 1.45
C LEU A 84 25.47 -30.53 1.35
N THR A 85 24.26 -30.98 1.03
CA THR A 85 23.95 -32.39 0.98
C THR A 85 24.69 -33.09 -0.17
N ALA A 86 24.87 -32.34 -1.26
CA ALA A 86 25.56 -32.85 -2.44
C ALA A 86 27.08 -32.78 -2.26
N GLY A 87 27.53 -32.30 -1.11
CA GLY A 87 28.95 -32.30 -0.79
C GLY A 87 29.70 -31.13 -1.39
N LEU A 88 28.96 -30.09 -1.79
CA LEU A 88 29.58 -28.92 -2.44
C LEU A 88 30.12 -27.94 -1.39
N PRO A 89 31.03 -27.04 -1.80
CA PRO A 89 31.85 -26.32 -0.80
C PRO A 89 31.04 -25.41 0.12
N GLU A 90 31.39 -25.43 1.40
CA GLU A 90 30.58 -24.78 2.43
C GLU A 90 30.57 -23.26 2.32
N HIS A 91 31.60 -22.67 1.73
CA HIS A 91 31.71 -21.21 1.72
C HIS A 91 30.78 -20.52 0.73
N VAL A 92 30.07 -21.30 -0.09
CA VAL A 92 29.16 -20.71 -1.08
C VAL A 92 27.82 -20.31 -0.45
N GLY A 93 27.37 -19.09 -0.69
CA GLY A 93 26.11 -18.64 -0.12
C GLY A 93 24.89 -19.13 -0.89
N ALA A 94 23.74 -19.22 -0.22
CA ALA A 94 22.51 -19.68 -0.87
C ALA A 94 21.28 -19.07 -0.24
N THR A 95 20.29 -18.79 -1.09
CA THR A 95 19.02 -18.19 -0.67
C THR A 95 17.92 -18.91 -1.43
N THR A 96 16.75 -19.08 -0.79
CA THR A 96 15.61 -19.68 -1.48
C THR A 96 14.52 -18.60 -1.63
N VAL A 97 13.83 -18.61 -2.77
CA VAL A 97 12.86 -17.55 -3.04
C VAL A 97 11.49 -18.10 -3.42
N ASP A 98 10.46 -17.32 -3.10
CA ASP A 98 9.06 -17.72 -3.32
C ASP A 98 8.30 -16.57 -3.96
N CYS A 99 8.06 -16.65 -5.27
CA CYS A 99 6.94 -15.89 -5.87
C CYS A 99 6.10 -16.93 -6.59
N GLN A 100 5.80 -18.00 -5.87
CA GLN A 100 4.92 -19.06 -6.34
C GLN A 100 5.48 -19.66 -7.63
N SER A 101 4.67 -19.96 -8.64
CA SER A 101 5.26 -20.66 -9.78
CA SER A 101 5.20 -20.63 -9.84
C SER A 101 6.25 -19.79 -10.56
N GLY A 102 6.31 -18.51 -10.24
CA GLY A 102 7.32 -17.66 -10.86
C GLY A 102 8.71 -17.86 -10.26
N SER A 103 8.80 -18.59 -9.17
CA SER A 103 10.04 -18.66 -8.37
C SER A 103 11.31 -19.01 -9.12
N GLY A 104 11.27 -20.06 -9.93
CA GLY A 104 12.46 -20.53 -10.62
C GLY A 104 12.93 -19.53 -11.66
N GLN A 105 11.99 -18.69 -12.14
CA GLN A 105 12.33 -17.71 -13.16
C GLN A 105 12.91 -16.45 -12.50
N GLN A 106 12.27 -16.02 -11.43
CA GLN A 106 12.74 -14.90 -10.63
C GLN A 106 14.13 -15.21 -10.05
N ALA A 107 14.40 -16.48 -9.75
CA ALA A 107 15.75 -16.84 -9.29
C ALA A 107 16.81 -16.39 -10.30
N ASN A 108 16.51 -16.56 -11.59
CA ASN A 108 17.43 -16.14 -12.62
C ASN A 108 17.55 -14.64 -12.70
N HIS A 109 16.41 -13.97 -12.64
CA HIS A 109 16.41 -12.51 -12.59
C HIS A 109 17.29 -11.98 -11.47
N LEU A 110 17.18 -12.61 -10.29
CA LEU A 110 17.90 -12.13 -9.11
C LEU A 110 19.41 -12.37 -9.20
N ILE A 111 19.83 -13.52 -9.72
CA ILE A 111 21.25 -13.76 -9.92
C ILE A 111 21.83 -12.76 -10.92
N ALA A 112 21.08 -12.47 -11.99
CA ALA A 112 21.56 -11.52 -12.98
C ALA A 112 21.71 -10.16 -12.32
N GLY A 113 20.77 -9.84 -11.43
CA GLY A 113 20.84 -8.61 -10.67
C GLY A 113 22.11 -8.51 -9.82
N LEU A 114 22.44 -9.56 -9.09
CA LEU A 114 23.65 -9.53 -8.26
C LEU A 114 24.92 -9.37 -9.09
N ILE A 115 24.93 -9.95 -10.29
CA ILE A 115 26.10 -9.80 -11.15
C ILE A 115 26.14 -8.38 -11.70
N ALA A 116 24.99 -7.86 -12.12
CA ALA A 116 24.95 -6.48 -12.62
C ALA A 116 25.47 -5.49 -11.58
N ALA A 117 25.13 -5.73 -10.31
CA ALA A 117 25.51 -4.83 -9.22
C ALA A 117 26.97 -4.98 -8.85
N GLY A 118 27.65 -5.96 -9.44
CA GLY A 118 29.03 -6.23 -9.10
C GLY A 118 29.21 -6.95 -7.77
N ALA A 119 28.12 -7.51 -7.25
CA ALA A 119 28.14 -8.22 -5.97
C ALA A 119 28.82 -9.58 -6.09
N ILE A 120 28.53 -10.26 -7.20
CA ILE A 120 29.14 -11.55 -7.48
C ILE A 120 29.58 -11.63 -8.93
N ASP A 121 30.53 -12.51 -9.21
CA ASP A 121 30.99 -12.75 -10.58
C ASP A 121 30.46 -14.07 -11.11
N VAL A 122 30.03 -14.94 -10.19
CA VAL A 122 29.59 -16.28 -10.58
C VAL A 122 28.44 -16.72 -9.69
N GLY A 123 27.34 -17.14 -10.29
CA GLY A 123 26.20 -17.53 -9.49
C GLY A 123 25.36 -18.60 -10.17
N ILE A 124 24.57 -19.32 -9.38
CA ILE A 124 23.66 -20.31 -9.92
C ILE A 124 22.24 -19.94 -9.57
N ALA A 125 21.40 -19.85 -10.60
CA ALA A 125 19.95 -19.72 -10.39
C ALA A 125 19.34 -21.10 -10.56
N CYS A 126 18.44 -21.50 -9.66
CA CYS A 126 17.86 -22.84 -9.79
C CYS A 126 16.43 -22.88 -9.28
N GLY A 127 15.82 -24.07 -9.40
CA GLY A 127 14.48 -24.26 -8.85
C GLY A 127 14.23 -25.73 -8.56
N ILE A 128 13.39 -26.00 -7.57
CA ILE A 128 13.13 -27.37 -7.12
C ILE A 128 11.67 -27.48 -6.72
N GLU A 129 11.03 -28.58 -7.09
CA GLU A 129 9.78 -28.96 -6.45
C GLU A 129 9.65 -30.47 -6.49
N ALA A 130 9.51 -31.07 -5.31
CA ALA A 130 9.28 -32.50 -5.19
C ALA A 130 7.85 -32.66 -4.72
N MET A 131 6.92 -32.50 -5.66
CA MET A 131 5.49 -32.48 -5.31
C MET A 131 4.96 -33.82 -4.81
N SER A 132 5.64 -34.92 -5.17
CA SER A 132 5.25 -36.21 -4.62
C SER A 132 5.45 -36.22 -3.11
N ARG A 133 6.44 -35.48 -2.64
CA ARG A 133 6.85 -35.59 -1.24
C ARG A 133 6.37 -34.42 -0.39
N VAL A 134 6.18 -33.27 -1.04
CA VAL A 134 5.67 -32.07 -0.38
C VAL A 134 4.61 -31.48 -1.31
N GLY A 135 3.35 -31.80 -1.05
CA GLY A 135 2.26 -31.39 -1.93
C GLY A 135 1.82 -29.95 -1.76
N LEU A 136 1.08 -29.44 -2.75
CA LEU A 136 0.61 -28.07 -2.67
C LEU A 136 -0.19 -27.92 -1.39
N GLY A 137 0.02 -26.80 -0.69
CA GLY A 137 -0.74 -26.50 0.51
C GLY A 137 -0.18 -27.05 1.80
N ALA A 138 0.89 -27.85 1.73
CA ALA A 138 1.46 -28.43 2.95
C ALA A 138 2.06 -27.34 3.86
N ASN A 139 2.32 -26.18 3.27
N ASN A 139 2.36 -26.19 3.27
CA ASN A 139 2.93 -25.06 3.98
CA ASN A 139 2.98 -25.08 3.99
C ASN A 139 1.88 -24.18 4.66
C ASN A 139 1.97 -24.29 4.82
N ALA A 140 0.61 -24.39 4.33
N ALA A 140 0.75 -24.82 4.90
CA ALA A 140 -0.46 -23.56 4.89
CA ALA A 140 -0.25 -24.28 5.80
C ALA A 140 -0.99 -24.03 6.24
C ALA A 140 -0.85 -25.47 6.52
N GLY A 141 -0.90 -25.32 6.52
N GLY A 141 -1.27 -25.27 7.76
CA GLY A 141 -1.46 -25.88 7.74
CA GLY A 141 -1.88 -26.36 8.48
C GLY A 141 -2.88 -26.38 7.56
C GLY A 141 -3.23 -26.67 7.87
N PRO A 142 -3.42 -27.04 8.60
N PRO A 142 -4.03 -27.49 8.55
CA PRO A 142 -4.73 -27.74 8.61
CA PRO A 142 -5.42 -27.56 8.11
C PRO A 142 -5.89 -26.87 8.13
C PRO A 142 -6.02 -26.22 8.52
N ASP A 143 -5.98 -25.65 8.64
N ASP A 143 -7.22 -25.91 8.05
CA ASP A 143 -7.11 -24.77 8.37
CA ASP A 143 -7.80 -24.59 8.25
C ASP A 143 -6.68 -23.55 7.55
C ASP A 143 -6.95 -23.51 7.57
N ARG A 144 -6.95 -23.56 6.25
CA ARG A 144 -6.36 -22.53 5.39
C ARG A 144 -6.99 -21.15 5.56
N SER A 145 -8.15 -21.08 6.23
CA SER A 145 -8.78 -19.78 6.45
C SER A 145 -7.89 -18.91 7.35
N LEU A 146 -7.08 -19.57 8.18
CA LEU A 146 -6.19 -18.88 9.11
C LEU A 146 -5.01 -18.16 8.45
N ILE A 147 -4.71 -18.49 7.19
CA ILE A 147 -3.49 -17.93 6.58
C ILE A 147 -3.71 -16.52 6.04
N ARG A 148 -4.96 -16.07 6.08
CA ARG A 148 -5.30 -14.72 5.68
CA ARG A 148 -5.30 -14.72 5.68
C ARG A 148 -5.95 -13.96 6.83
N ALA A 149 -5.74 -12.65 6.86
CA ALA A 149 -6.31 -11.81 7.91
C ALA A 149 -7.82 -11.77 7.78
N GLN A 150 -8.52 -11.49 8.88
CA GLN A 150 -9.98 -11.38 8.88
CA GLN A 150 -9.97 -11.41 8.85
C GLN A 150 -10.46 -10.36 7.86
N SER A 151 -9.68 -9.28 7.71
CA SER A 151 -10.05 -8.18 6.82
C SER A 151 -10.04 -8.55 5.34
N TRP A 152 -9.38 -9.66 4.97
CA TRP A 152 -9.26 -10.05 3.57
C TRP A 152 -10.61 -10.13 2.85
N ASP A 153 -10.74 -9.41 1.75
CA ASP A 153 -12.01 -9.43 1.02
CA ASP A 153 -12.00 -9.31 1.03
C ASP A 153 -11.79 -9.31 -0.48
N ILE A 154 -10.70 -9.89 -0.93
CA ILE A 154 -10.38 -9.91 -2.35
C ILE A 154 -10.88 -11.21 -2.95
N ASP A 155 -11.52 -11.13 -4.12
CA ASP A 155 -12.05 -12.31 -4.79
C ASP A 155 -10.95 -13.00 -5.56
N LEU A 156 -10.05 -13.66 -4.83
CA LEU A 156 -8.92 -14.36 -5.45
C LEU A 156 -9.23 -15.86 -5.45
N PRO A 157 -9.48 -16.43 -6.63
CA PRO A 157 -9.96 -17.82 -6.69
C PRO A 157 -8.84 -18.86 -6.57
N ASN A 158 -9.21 -20.12 -6.35
CA ASN A 158 -8.21 -21.18 -6.42
C ASN A 158 -7.82 -21.40 -7.87
N GLN A 159 -6.80 -22.22 -8.13
CA GLN A 159 -6.25 -22.30 -9.49
C GLN A 159 -7.23 -22.88 -10.51
N PHE A 160 -8.07 -23.82 -10.06
CA PHE A 160 -9.00 -24.46 -10.99
C PHE A 160 -10.14 -23.51 -11.34
N GLU A 161 -10.63 -22.77 -10.34
CA GLU A 161 -11.65 -21.76 -10.60
C GLU A 161 -11.07 -20.68 -11.50
N ALA A 162 -9.82 -20.33 -11.29
CA ALA A 162 -9.17 -19.32 -12.13
C ALA A 162 -9.15 -19.75 -13.60
N ALA A 163 -8.82 -21.02 -13.85
CA ALA A 163 -8.71 -21.49 -15.24
C ALA A 163 -10.06 -21.34 -15.92
N GLU A 164 -11.12 -21.60 -15.18
CA GLU A 164 -12.47 -21.50 -15.74
C GLU A 164 -12.90 -20.05 -15.93
N ARG A 165 -12.51 -19.16 -15.02
CA ARG A 165 -12.82 -17.74 -15.17
C ARG A 165 -12.11 -17.19 -16.41
N ILE A 166 -10.87 -17.58 -16.59
CA ILE A 166 -10.09 -17.13 -17.74
C ILE A 166 -10.72 -17.64 -19.03
N ALA A 167 -11.20 -18.88 -19.02
CA ALA A 167 -11.87 -19.41 -20.22
C ALA A 167 -13.06 -18.53 -20.55
N LYS A 168 -13.84 -18.18 -19.54
CA LYS A 168 -15.03 -17.38 -19.80
CA LYS A 168 -15.04 -17.38 -19.79
C LYS A 168 -14.66 -15.98 -20.27
N ARG A 169 -13.52 -15.49 -19.81
CA ARG A 169 -13.07 -14.14 -20.15
C ARG A 169 -12.86 -13.99 -21.66
N ARG A 170 -12.48 -15.09 -22.31
CA ARG A 170 -12.08 -15.08 -23.72
C ARG A 170 -12.96 -15.95 -24.62
N GLY A 171 -14.00 -16.55 -24.07
CA GLY A 171 -14.90 -17.38 -24.86
C GLY A 171 -14.25 -18.68 -25.30
N ILE A 172 -13.34 -19.18 -24.47
CA ILE A 172 -12.59 -20.41 -24.75
C ILE A 172 -13.47 -21.62 -24.44
N THR A 173 -13.53 -22.58 -25.37
CA THR A 173 -14.43 -23.74 -25.27
C THR A 173 -13.67 -25.01 -24.90
N ARG A 174 -14.40 -26.06 -24.55
CA ARG A 174 -13.82 -27.39 -24.33
C ARG A 174 -13.03 -27.87 -25.56
N GLU A 175 -13.57 -27.65 -26.75
CA GLU A 175 -12.86 -28.02 -27.96
C GLU A 175 -11.53 -27.26 -28.09
N ASP A 176 -11.55 -25.96 -27.83
CA ASP A 176 -10.34 -25.13 -27.88
C ASP A 176 -9.26 -25.71 -26.97
N VAL A 177 -9.61 -26.02 -25.73
CA VAL A 177 -8.57 -26.49 -24.80
C VAL A 177 -8.09 -27.91 -25.14
N ASP A 178 -9.00 -28.74 -25.65
CA ASP A 178 -8.63 -30.09 -26.03
C ASP A 178 -7.67 -30.08 -27.22
N VAL A 179 -7.95 -29.24 -28.21
CA VAL A 179 -7.02 -29.06 -29.32
C VAL A 179 -5.64 -28.67 -28.79
N PHE A 180 -5.61 -27.73 -27.86
CA PHE A 180 -4.34 -27.27 -27.30
C PHE A 180 -3.64 -28.38 -26.52
N GLY A 181 -4.38 -29.08 -25.66
CA GLY A 181 -3.79 -30.16 -24.89
C GLY A 181 -3.21 -31.25 -25.79
N LEU A 182 -3.91 -31.55 -26.87
CA LEU A 182 -3.45 -32.58 -27.80
C LEU A 182 -2.13 -32.13 -28.41
N GLU A 183 -2.07 -30.88 -28.84
CA GLU A 183 -0.87 -30.37 -29.50
CA GLU A 183 -0.88 -30.31 -29.47
C GLU A 183 0.32 -30.35 -28.54
N SER A 184 0.07 -30.11 -27.25
CA SER A 184 1.15 -30.14 -26.27
C SER A 184 1.76 -31.54 -26.21
N GLN A 185 0.93 -32.56 -26.12
CA GLN A 185 1.44 -33.94 -26.13
C GLN A 185 2.15 -34.29 -27.43
N ARG A 186 1.58 -33.84 -28.55
CA ARG A 186 2.16 -34.15 -29.84
CA ARG A 186 2.15 -34.13 -29.86
C ARG A 186 3.54 -33.50 -30.00
N ARG A 187 3.65 -32.24 -29.59
CA ARG A 187 4.91 -31.53 -29.73
C ARG A 187 5.98 -32.08 -28.80
N ALA A 188 5.59 -32.46 -27.59
CA ALA A 188 6.54 -33.03 -26.63
C ALA A 188 7.03 -34.38 -27.13
N GLN A 189 6.11 -35.17 -27.65
CA GLN A 189 6.48 -36.49 -28.17
C GLN A 189 7.42 -36.38 -29.36
N ARG A 190 7.17 -35.40 -30.23
CA ARG A 190 8.04 -35.19 -31.39
C ARG A 190 9.42 -34.74 -30.93
N ALA A 191 9.44 -33.78 -30.02
CA ALA A 191 10.69 -33.27 -29.48
C ALA A 191 11.51 -34.41 -28.86
N TRP A 192 10.87 -35.23 -28.04
CA TRP A 192 11.56 -36.35 -27.40
C TRP A 192 12.04 -37.38 -28.43
N ALA A 193 11.17 -37.74 -29.37
CA ALA A 193 11.55 -38.76 -30.36
C ALA A 193 12.78 -38.32 -31.15
N GLU A 194 12.91 -37.02 -31.38
CA GLU A 194 14.01 -36.44 -32.15
C GLU A 194 15.23 -36.13 -31.27
N GLY A 195 15.11 -36.36 -29.97
CA GLY A 195 16.21 -36.12 -29.05
C GLY A 195 16.48 -34.65 -28.75
N ARG A 196 15.50 -33.78 -28.96
CA ARG A 196 15.71 -32.35 -28.73
C ARG A 196 16.12 -32.00 -27.31
N PHE A 197 15.65 -32.78 -26.33
CA PHE A 197 15.93 -32.51 -24.92
C PHE A 197 17.22 -33.15 -24.41
N ASP A 198 17.90 -33.91 -25.25
CA ASP A 198 19.07 -34.66 -24.77
C ASP A 198 20.19 -33.74 -24.21
N ARG A 199 20.44 -32.62 -24.88
CA ARG A 199 21.47 -31.69 -24.43
C ARG A 199 21.19 -31.13 -23.04
N GLU A 200 19.96 -30.67 -22.81
CA GLU A 200 19.64 -29.94 -21.57
C GLU A 200 19.39 -30.84 -20.36
N ILE A 201 19.22 -32.14 -20.59
CA ILE A 201 18.89 -33.04 -19.49
C ILE A 201 20.14 -33.58 -18.79
N SER A 202 20.14 -33.54 -17.46
CA SER A 202 21.12 -34.25 -16.67
C SER A 202 20.42 -35.45 -16.05
N PRO A 203 20.82 -36.66 -16.46
CA PRO A 203 20.18 -37.86 -15.89
C PRO A 203 20.40 -37.93 -14.39
N ILE A 204 19.44 -38.49 -13.66
CA ILE A 204 19.50 -38.55 -12.20
C ILE A 204 19.28 -39.96 -11.68
N GLN A 205 20.15 -40.43 -10.79
CA GLN A 205 19.94 -41.71 -10.09
C GLN A 205 18.84 -41.55 -9.04
N ALA A 206 17.84 -42.43 -9.06
CA ALA A 206 16.74 -42.33 -8.09
C ALA A 206 16.41 -43.69 -7.49
N PRO A 207 16.22 -43.74 -6.16
CA PRO A 207 15.74 -44.97 -5.53
C PRO A 207 14.35 -45.28 -6.04
N VAL A 208 14.12 -46.51 -6.50
CA VAL A 208 12.82 -46.93 -6.98
C VAL A 208 11.88 -47.20 -5.80
N LEU A 209 10.64 -46.75 -5.91
CA LEU A 209 9.62 -47.05 -4.89
C LEU A 209 8.60 -48.04 -5.45
N ASP A 210 8.12 -48.96 -4.61
CA ASP A 210 7.08 -49.89 -5.05
C ASP A 210 5.73 -49.21 -5.09
N GLU A 211 4.66 -50.00 -5.13
CA GLU A 211 3.31 -49.46 -5.28
C GLU A 211 2.77 -48.82 -4.00
N GLN A 212 3.34 -49.23 -2.86
CA GLN A 212 3.00 -48.65 -1.57
C GLN A 212 4.04 -47.58 -1.25
N ASN A 213 4.68 -47.06 -2.30
CA ASN A 213 5.66 -45.99 -2.16
C ASN A 213 6.78 -46.29 -1.16
N GLN A 214 7.15 -47.57 -1.07
CA GLN A 214 8.28 -47.98 -0.25
C GLN A 214 9.44 -48.41 -1.15
N PRO A 215 10.68 -48.10 -0.72
CA PRO A 215 11.87 -48.40 -1.54
C PRO A 215 12.12 -49.91 -1.66
N THR A 216 12.54 -50.33 -2.86
CA THR A 216 12.82 -51.74 -3.13
C THR A 216 14.29 -52.06 -2.91
N GLY A 217 15.12 -51.03 -2.88
CA GLY A 217 16.57 -51.21 -2.82
C GLY A 217 17.22 -50.92 -4.16
N GLU A 218 16.42 -50.96 -5.23
CA GLU A 218 16.94 -50.69 -6.56
C GLU A 218 17.11 -49.20 -6.79
N ARG A 219 18.19 -48.83 -7.49
CA ARG A 219 18.38 -47.47 -7.94
CA ARG A 219 18.38 -47.45 -7.93
C ARG A 219 18.43 -47.46 -9.46
N ARG A 220 17.80 -46.47 -10.07
CA ARG A 220 17.77 -46.40 -11.52
C ARG A 220 18.16 -45.01 -12.02
N LEU A 221 18.74 -44.99 -13.22
CA LEU A 221 19.04 -43.72 -13.88
C LEU A 221 17.80 -43.28 -14.63
N VAL A 222 17.28 -42.11 -14.26
CA VAL A 222 16.12 -41.52 -14.91
C VAL A 222 16.61 -40.49 -15.91
N PHE A 223 16.17 -40.59 -17.16
CA PHE A 223 16.60 -39.65 -18.19
C PHE A 223 15.49 -39.19 -19.14
N ARG A 224 14.26 -39.64 -18.89
CA ARG A 224 13.10 -39.22 -19.70
C ARG A 224 12.09 -38.45 -18.89
N ASP A 225 11.38 -37.51 -19.54
CA ASP A 225 10.21 -36.92 -18.89
C ASP A 225 9.08 -37.94 -18.87
N GLN A 226 8.49 -38.15 -17.70
CA GLN A 226 7.53 -39.24 -17.49
C GLN A 226 6.11 -38.90 -17.95
N GLY A 227 5.82 -37.62 -18.12
CA GLY A 227 4.45 -37.20 -18.41
C GLY A 227 3.90 -37.49 -19.80
N LEU A 228 4.76 -37.84 -20.74
CA LEU A 228 4.30 -38.10 -22.10
C LEU A 228 3.40 -39.32 -22.15
N ARG A 229 2.35 -39.25 -22.97
CA ARG A 229 1.51 -40.41 -23.20
CA ARG A 229 1.50 -40.41 -23.19
C ARG A 229 0.67 -40.25 -24.46
N GLU A 230 0.35 -41.38 -25.09
CA GLU A 230 -0.45 -41.39 -26.30
C GLU A 230 -1.77 -40.66 -26.04
N THR A 231 -2.02 -39.63 -26.84
CA THR A 231 -3.18 -38.77 -26.64
C THR A 231 -3.91 -38.58 -27.96
N THR A 232 -5.24 -38.59 -27.92
CA THR A 232 -6.06 -38.39 -29.10
C THR A 232 -7.18 -37.40 -28.79
N MET A 233 -7.71 -36.75 -29.82
CA MET A 233 -8.89 -35.90 -29.62
C MET A 233 -10.04 -36.68 -28.97
N ALA A 234 -10.27 -37.90 -29.45
CA ALA A 234 -11.34 -38.72 -28.89
C ALA A 234 -11.06 -39.06 -27.42
N GLY A 235 -9.82 -39.42 -27.11
CA GLY A 235 -9.44 -39.70 -25.73
C GLY A 235 -9.64 -38.50 -24.81
N LEU A 236 -9.22 -37.32 -25.27
CA LEU A 236 -9.39 -36.12 -24.49
C LEU A 236 -10.87 -35.76 -24.29
N GLY A 237 -11.68 -36.01 -25.30
CA GLY A 237 -13.09 -35.67 -25.23
C GLY A 237 -13.86 -36.50 -24.21
N GLU A 238 -13.28 -37.64 -23.82
CA GLU A 238 -13.93 -38.53 -22.85
C GLU A 238 -13.64 -38.13 -21.40
N LEU A 239 -12.61 -37.33 -21.19
CA LEU A 239 -12.18 -37.01 -19.84
C LEU A 239 -13.18 -36.12 -19.10
N LYS A 240 -13.27 -36.32 -17.79
CA LYS A 240 -14.20 -35.58 -16.95
C LYS A 240 -13.52 -34.32 -16.38
N PRO A 241 -14.21 -33.18 -16.50
CA PRO A 241 -13.59 -31.93 -16.00
C PRO A 241 -13.30 -32.00 -14.50
N VAL A 242 -12.29 -31.26 -14.08
CA VAL A 242 -11.90 -31.21 -12.67
C VAL A 242 -13.01 -30.59 -11.84
N LEU A 243 -13.58 -29.49 -12.36
CA LEU A 243 -14.70 -28.82 -11.70
C LEU A 243 -16.01 -29.09 -12.40
N GLU A 244 -17.04 -29.23 -11.59
CA GLU A 244 -18.41 -29.31 -12.08
C GLU A 244 -18.69 -28.17 -13.04
N GLY A 245 -19.07 -28.50 -14.28
CA GLY A 245 -19.36 -27.48 -15.28
C GLY A 245 -18.15 -26.79 -15.89
N GLY A 246 -16.95 -27.28 -15.59
CA GLY A 246 -15.73 -26.71 -16.15
C GLY A 246 -15.36 -27.30 -17.50
N ILE A 247 -14.35 -26.73 -18.16
CA ILE A 247 -13.86 -27.28 -19.44
C ILE A 247 -12.52 -28.00 -19.30
N HIS A 248 -11.75 -27.69 -18.25
CA HIS A 248 -10.43 -28.29 -18.07
C HIS A 248 -10.47 -29.67 -17.38
N THR A 249 -9.63 -30.58 -17.87
CA THR A 249 -9.53 -31.94 -17.36
C THR A 249 -8.07 -32.21 -17.10
N ALA A 250 -7.74 -33.44 -16.72
CA ALA A 250 -6.35 -33.80 -16.50
C ALA A 250 -5.55 -33.65 -17.80
N GLY A 251 -6.25 -33.76 -18.93
CA GLY A 251 -5.61 -33.70 -20.24
C GLY A 251 -5.32 -32.30 -20.74
N THR A 252 -5.85 -31.29 -20.05
CA THR A 252 -5.63 -29.89 -20.44
C THR A 252 -5.17 -29.03 -19.27
N SER A 253 -4.67 -29.69 -18.23
CA SER A 253 -4.10 -29.02 -17.06
C SER A 253 -2.66 -29.48 -16.89
N SER A 254 -1.83 -28.65 -16.26
CA SER A 254 -0.45 -29.05 -15.97
C SER A 254 -0.49 -30.27 -15.04
N GLN A 255 0.54 -31.11 -15.12
CA GLN A 255 0.64 -32.27 -14.25
C GLN A 255 1.32 -31.90 -12.94
N ILE A 256 1.00 -32.65 -11.89
CA ILE A 256 1.75 -32.58 -10.64
C ILE A 256 3.03 -33.40 -10.82
N SER A 257 4.18 -32.81 -10.50
CA SER A 257 5.45 -33.39 -10.91
C SER A 257 6.61 -33.13 -9.95
N ASP A 258 7.68 -33.88 -10.14
CA ASP A 258 8.94 -33.72 -9.41
C ASP A 258 10.03 -33.29 -10.40
N GLY A 259 10.86 -32.31 -10.03
CA GLY A 259 11.97 -31.95 -10.88
C GLY A 259 12.78 -30.78 -10.36
N ALA A 260 13.99 -30.60 -10.90
CA ALA A 260 14.83 -29.45 -10.58
C ALA A 260 15.56 -28.97 -11.84
N ALA A 261 16.04 -27.73 -11.80
CA ALA A 261 16.77 -27.17 -12.94
C ALA A 261 17.73 -26.13 -12.40
N ALA A 262 18.80 -25.86 -13.14
CA ALA A 262 19.82 -24.93 -12.66
C ALA A 262 20.52 -24.26 -13.83
N VAL A 263 20.82 -22.98 -13.66
CA VAL A 263 21.46 -22.19 -14.70
C VAL A 263 22.68 -21.50 -14.10
N LEU A 264 23.83 -21.66 -14.77
CA LEU A 264 25.08 -21.07 -14.30
C LEU A 264 25.30 -19.73 -14.99
N TRP A 265 25.39 -18.67 -14.18
CA TRP A 265 25.58 -17.31 -14.69
C TRP A 265 26.95 -16.76 -14.30
N MET A 266 27.52 -15.94 -15.18
CA MET A 266 28.77 -15.26 -14.85
C MET A 266 28.78 -13.84 -15.41
N ASP A 267 29.62 -12.98 -14.84
CA ASP A 267 29.96 -11.72 -15.50
C ASP A 267 30.66 -12.09 -16.81
N GLU A 268 30.33 -11.41 -17.89
CA GLU A 268 30.89 -11.75 -19.21
C GLU A 268 32.42 -11.91 -19.24
N ALA A 269 33.13 -10.94 -18.67
CA ALA A 269 34.59 -10.96 -18.68
C ALA A 269 35.15 -12.16 -17.92
N VAL A 270 34.52 -12.50 -16.80
CA VAL A 270 34.92 -13.65 -16.01
C VAL A 270 34.66 -14.96 -16.77
N ALA A 271 33.52 -15.05 -17.44
CA ALA A 271 33.26 -16.15 -18.36
C ALA A 271 34.44 -16.35 -19.32
N ARG A 272 34.86 -15.29 -19.99
CA ARG A 272 35.93 -15.40 -20.98
C ARG A 272 37.26 -15.81 -20.34
N ALA A 273 37.51 -15.34 -19.13
CA ALA A 273 38.76 -15.63 -18.44
C ALA A 273 38.85 -17.12 -18.15
N HIS A 274 37.69 -17.76 -18.02
CA HIS A 274 37.61 -19.19 -17.74
C HIS A 274 37.48 -20.00 -19.02
N GLY A 275 37.49 -19.33 -20.17
CA GLY A 275 37.34 -20.00 -21.44
C GLY A 275 35.95 -20.57 -21.63
N LEU A 276 34.96 -19.93 -21.00
CA LEU A 276 33.57 -20.32 -21.19
C LEU A 276 32.88 -19.34 -22.13
N THR A 277 32.16 -19.87 -23.11
CA THR A 277 31.47 -19.04 -24.08
C THR A 277 30.16 -18.49 -23.50
N PRO A 278 29.98 -17.16 -23.56
CA PRO A 278 28.69 -16.58 -23.16
C PRO A 278 27.61 -17.07 -24.13
N ARG A 279 26.49 -17.56 -23.63
CA ARG A 279 25.49 -18.18 -24.50
C ARG A 279 24.20 -17.37 -24.64
N ALA A 280 23.85 -16.62 -23.60
CA ALA A 280 22.66 -15.78 -23.63
C ALA A 280 22.74 -14.67 -22.60
N ARG A 281 21.95 -13.61 -22.81
CA ARG A 281 21.78 -12.57 -21.81
C ARG A 281 20.31 -12.18 -21.71
N ILE A 282 19.93 -11.54 -20.60
CA ILE A 282 18.58 -11.02 -20.45
C ILE A 282 18.48 -9.67 -21.20
N VAL A 283 17.50 -9.56 -22.10
CA VAL A 283 17.20 -8.29 -22.74
C VAL A 283 16.29 -7.45 -21.82
N ALA A 284 15.28 -8.10 -21.25
CA ALA A 284 14.38 -7.46 -20.29
C ALA A 284 13.81 -8.50 -19.35
N GLN A 285 13.52 -8.10 -18.11
CA GLN A 285 12.93 -9.01 -17.14
C GLN A 285 11.88 -8.27 -16.32
N ALA A 286 10.90 -9.01 -15.80
CA ALA A 286 9.86 -8.42 -14.97
C ALA A 286 9.20 -9.45 -14.07
N LEU A 287 8.72 -8.97 -12.93
CA LEU A 287 7.76 -9.72 -12.13
C LEU A 287 6.66 -8.72 -11.81
N VAL A 288 5.47 -8.91 -12.37
CA VAL A 288 4.40 -7.94 -12.19
C VAL A 288 3.24 -8.56 -11.43
N GLY A 289 2.38 -7.70 -10.89
CA GLY A 289 1.14 -8.15 -10.28
C GLY A 289 0.06 -8.26 -11.34
N ALA A 290 -0.82 -9.24 -11.18
CA ALA A 290 -1.90 -9.49 -12.12
C ALA A 290 -3.25 -9.18 -11.47
N GLU A 291 -4.34 -9.35 -12.22
CA GLU A 291 -5.67 -9.07 -11.71
C GLU A 291 -6.14 -10.23 -10.83
N PRO A 292 -6.42 -9.95 -9.55
CA PRO A 292 -6.80 -11.05 -8.67
C PRO A 292 -8.03 -11.85 -9.11
N TYR A 293 -9.07 -11.21 -9.65
CA TYR A 293 -10.27 -11.96 -10.03
C TYR A 293 -9.94 -13.12 -10.97
N TYR A 294 -9.08 -12.89 -11.97
CA TYR A 294 -8.71 -13.95 -12.90
C TYR A 294 -7.53 -14.77 -12.41
N HIS A 295 -6.69 -14.14 -11.59
CA HIS A 295 -5.59 -14.80 -10.88
C HIS A 295 -4.40 -15.18 -11.77
N LEU A 296 -4.67 -16.00 -12.79
CA LEU A 296 -3.61 -16.62 -13.56
C LEU A 296 -3.50 -16.04 -14.97
N ASP A 297 -4.04 -14.85 -15.20
CA ASP A 297 -4.01 -14.27 -16.54
C ASP A 297 -2.85 -13.28 -16.68
N GLY A 298 -1.95 -13.29 -15.70
CA GLY A 298 -0.83 -12.35 -15.68
C GLY A 298 0.19 -12.40 -16.82
N PRO A 299 0.29 -13.54 -17.52
CA PRO A 299 1.24 -13.51 -18.65
C PRO A 299 0.92 -12.39 -19.65
N VAL A 300 -0.34 -11.98 -19.72
CA VAL A 300 -0.69 -10.84 -20.57
C VAL A 300 0.13 -9.62 -20.16
N GLN A 301 0.13 -9.32 -18.87
CA GLN A 301 0.82 -8.15 -18.34
C GLN A 301 2.34 -8.27 -18.32
N SER A 302 2.85 -9.43 -17.96
CA SER A 302 4.30 -9.57 -17.89
C SER A 302 4.91 -9.55 -19.29
N THR A 303 4.21 -10.12 -20.26
CA THR A 303 4.65 -10.06 -21.65
C THR A 303 4.68 -8.60 -22.12
N ALA A 304 3.59 -7.88 -21.86
CA ALA A 304 3.52 -6.47 -22.24
C ALA A 304 4.70 -5.71 -21.64
N LYS A 305 4.99 -5.95 -20.36
CA LYS A 305 6.05 -5.20 -19.69
C LYS A 305 7.43 -5.46 -20.29
N VAL A 306 7.80 -6.72 -20.48
CA VAL A 306 9.12 -6.99 -21.07
C VAL A 306 9.22 -6.52 -22.53
N LEU A 307 8.16 -6.67 -23.30
CA LEU A 307 8.19 -6.15 -24.68
C LEU A 307 8.43 -4.63 -24.68
N GLU A 308 7.78 -3.92 -23.77
CA GLU A 308 7.91 -2.48 -23.68
CA GLU A 308 7.91 -2.48 -23.68
C GLU A 308 9.32 -2.06 -23.27
N LYS A 309 9.85 -2.72 -22.23
CA LYS A 309 11.21 -2.44 -21.77
C LYS A 309 12.24 -2.75 -22.86
N ALA A 310 11.99 -3.81 -23.63
CA ALA A 310 12.91 -4.21 -24.70
C ALA A 310 12.73 -3.41 -25.99
N GLY A 311 11.62 -2.68 -26.11
CA GLY A 311 11.36 -1.94 -27.33
C GLY A 311 11.00 -2.87 -28.47
N MET A 312 10.34 -3.97 -28.15
CA MET A 312 10.05 -5.02 -29.13
C MET A 312 8.56 -5.30 -29.28
N LYS A 313 8.20 -6.00 -30.36
CA LYS A 313 6.84 -6.50 -30.54
C LYS A 313 6.86 -8.02 -30.50
N ILE A 314 5.71 -8.64 -30.28
CA ILE A 314 5.63 -10.09 -30.19
C ILE A 314 6.24 -10.73 -31.45
N GLY A 315 6.09 -10.07 -32.59
CA GLY A 315 6.61 -10.60 -33.85
C GLY A 315 8.13 -10.67 -33.94
N ASP A 316 8.81 -9.97 -33.04
CA ASP A 316 10.28 -9.99 -32.99
C ASP A 316 10.80 -11.25 -32.30
N ILE A 317 9.93 -11.89 -31.53
CA ILE A 317 10.33 -13.05 -30.73
C ILE A 317 10.32 -14.33 -31.57
N ASP A 318 11.41 -15.08 -31.52
CA ASP A 318 11.55 -16.31 -32.32
C ASP A 318 10.87 -17.49 -31.64
N ILE A 319 11.04 -17.61 -30.34
CA ILE A 319 10.51 -18.72 -29.54
CA ILE A 319 10.35 -18.67 -29.62
C ILE A 319 9.83 -18.20 -28.28
N VAL A 320 8.67 -18.76 -27.92
CA VAL A 320 7.98 -18.41 -26.67
C VAL A 320 7.81 -19.64 -25.82
N GLU A 321 8.19 -19.54 -24.54
CA GLU A 321 7.82 -20.55 -23.56
C GLU A 321 6.84 -19.89 -22.61
N ILE A 322 5.56 -20.23 -22.75
CA ILE A 322 4.57 -19.76 -21.79
C ILE A 322 4.08 -20.95 -20.99
N ASN A 323 4.15 -20.88 -19.67
CA ASN A 323 3.83 -22.08 -18.91
C ASN A 323 2.38 -22.51 -19.06
N GLU A 324 2.19 -23.79 -19.36
CA GLU A 324 0.86 -24.32 -19.61
C GLU A 324 0.23 -24.75 -18.30
N ALA A 325 0.03 -23.81 -17.38
CA ALA A 325 -0.60 -24.12 -16.10
C ALA A 325 -1.95 -24.78 -16.36
N PHE A 326 -2.73 -24.13 -17.23
CA PHE A 326 -3.95 -24.69 -17.79
C PHE A 326 -4.02 -24.20 -19.22
N ALA A 327 -4.68 -24.95 -20.09
CA ALA A 327 -4.81 -24.54 -21.49
C ALA A 327 -5.35 -23.11 -21.61
N SER A 328 -6.32 -22.74 -20.78
CA SER A 328 -6.96 -21.44 -21.01
C SER A 328 -5.98 -20.29 -20.76
N VAL A 329 -5.00 -20.50 -19.89
CA VAL A 329 -4.02 -19.46 -19.62
C VAL A 329 -3.27 -19.10 -20.88
N VAL A 330 -2.83 -20.11 -21.61
CA VAL A 330 -2.07 -19.88 -22.84
C VAL A 330 -2.98 -19.30 -23.93
N LEU A 331 -4.17 -19.87 -24.08
CA LEU A 331 -5.09 -19.41 -25.12
C LEU A 331 -5.58 -17.98 -24.88
N SER A 332 -5.70 -17.60 -23.61
CA SER A 332 -6.07 -16.22 -23.26
C SER A 332 -4.94 -15.27 -23.64
N TRP A 333 -3.73 -15.61 -23.26
CA TRP A 333 -2.54 -14.83 -23.59
C TRP A 333 -2.44 -14.66 -25.11
N ALA A 334 -2.69 -15.73 -25.85
CA ALA A 334 -2.58 -15.70 -27.30
C ALA A 334 -3.64 -14.80 -27.93
N ARG A 335 -4.83 -14.81 -27.35
CA ARG A 335 -5.93 -13.99 -27.85
CA ARG A 335 -5.93 -14.00 -27.87
C ARG A 335 -5.59 -12.52 -27.75
N VAL A 336 -4.86 -12.16 -26.70
CA VAL A 336 -4.49 -10.76 -26.46
C VAL A 336 -3.28 -10.37 -27.30
N HIS A 337 -2.23 -11.19 -27.25
CA HIS A 337 -0.97 -10.83 -27.87
C HIS A 337 -0.79 -11.26 -29.33
N GLU A 338 -1.62 -12.20 -29.78
CA GLU A 338 -1.65 -12.62 -31.18
C GLU A 338 -0.31 -13.09 -31.76
N PRO A 339 0.34 -14.03 -31.08
CA PRO A 339 1.59 -14.64 -31.56
C PRO A 339 1.34 -15.62 -32.71
N ASP A 340 2.40 -15.95 -33.43
CA ASP A 340 2.39 -17.09 -34.34
C ASP A 340 2.50 -18.33 -33.46
N MET A 341 1.43 -19.12 -33.35
CA MET A 341 1.43 -20.23 -32.41
C MET A 341 2.44 -21.33 -32.78
N ASP A 342 2.95 -21.28 -34.01
CA ASP A 342 4.00 -22.22 -34.43
C ASP A 342 5.29 -21.94 -33.65
N ARG A 343 5.37 -20.78 -33.00
CA ARG A 343 6.56 -20.40 -32.25
C ARG A 343 6.37 -20.56 -30.75
N VAL A 344 5.18 -21.02 -30.35
CA VAL A 344 4.81 -21.09 -28.94
C VAL A 344 4.91 -22.50 -28.39
N ASN A 345 5.71 -22.70 -27.34
CA ASN A 345 5.91 -24.02 -26.74
C ASN A 345 6.17 -25.08 -27.80
N VAL A 346 7.23 -24.86 -28.58
CA VAL A 346 7.48 -25.66 -29.77
C VAL A 346 7.84 -27.11 -29.46
N ASN A 347 8.35 -27.36 -28.26
CA ASN A 347 8.71 -28.72 -27.84
C ASN A 347 7.74 -29.28 -26.79
N GLY A 348 6.53 -28.70 -26.76
CA GLY A 348 5.54 -29.11 -25.78
C GLY A 348 5.65 -28.27 -24.52
N GLY A 349 4.64 -28.39 -23.66
CA GLY A 349 4.64 -27.63 -22.43
C GLY A 349 4.15 -28.48 -21.25
N ALA A 350 3.85 -27.81 -20.14
CA ALA A 350 3.57 -28.46 -18.86
C ALA A 350 2.42 -29.46 -18.88
N ILE A 351 1.48 -29.29 -19.82
CA ILE A 351 0.40 -30.26 -19.92
C ILE A 351 0.94 -31.65 -20.23
N ALA A 352 2.01 -31.71 -21.04
CA ALA A 352 2.61 -33.00 -21.40
C ALA A 352 3.89 -33.30 -20.62
N LEU A 353 4.64 -32.25 -20.29
CA LEU A 353 5.98 -32.44 -19.69
C LEU A 353 5.97 -32.43 -18.16
N GLY A 354 4.93 -31.86 -17.56
CA GLY A 354 4.86 -31.73 -16.12
C GLY A 354 5.25 -30.36 -15.60
N HIS A 355 4.88 -30.07 -14.35
CA HIS A 355 5.04 -28.73 -13.80
C HIS A 355 5.45 -28.80 -12.32
N PRO A 356 6.73 -29.11 -12.04
CA PRO A 356 7.16 -29.04 -10.63
C PRO A 356 7.27 -27.58 -10.30
N VAL A 357 6.32 -27.05 -9.54
CA VAL A 357 6.07 -25.61 -9.58
C VAL A 357 7.27 -24.70 -9.35
N GLY A 358 8.09 -24.97 -8.34
CA GLY A 358 9.24 -24.11 -8.08
C GLY A 358 10.36 -24.25 -9.11
N CYS A 359 10.39 -25.38 -9.80
CA CYS A 359 11.43 -25.68 -10.78
C CYS A 359 11.16 -25.05 -12.14
N THR A 360 9.89 -25.00 -12.51
CA THR A 360 9.54 -24.69 -13.90
C THR A 360 10.16 -23.40 -14.45
N GLY A 361 10.22 -22.33 -13.66
CA GLY A 361 10.81 -21.09 -14.17
C GLY A 361 12.22 -21.27 -14.70
N SER A 362 13.03 -22.04 -13.98
CA SER A 362 14.39 -22.30 -14.43
C SER A 362 14.38 -23.32 -15.56
N ARG A 363 13.42 -24.24 -15.52
CA ARG A 363 13.29 -25.25 -16.57
C ARG A 363 12.96 -24.59 -17.90
N LEU A 364 12.09 -23.58 -17.88
CA LEU A 364 11.66 -22.91 -19.11
C LEU A 364 12.80 -22.11 -19.73
N ILE A 365 13.61 -21.46 -18.90
CA ILE A 365 14.77 -20.74 -19.44
C ILE A 365 15.74 -21.73 -20.06
N THR A 366 15.96 -22.85 -19.36
CA THR A 366 16.85 -23.90 -19.88
C THR A 366 16.36 -24.42 -21.24
N THR A 367 15.06 -24.72 -21.32
CA THR A 367 14.49 -25.25 -22.56
C THR A 367 14.56 -24.23 -23.69
N ALA A 368 14.20 -22.98 -23.39
CA ALA A 368 14.20 -21.94 -24.41
C ALA A 368 15.60 -21.71 -24.98
N LEU A 369 16.60 -21.66 -24.10
CA LEU A 369 17.97 -21.43 -24.55
C LEU A 369 18.41 -22.54 -25.51
N HIS A 370 18.19 -23.79 -25.11
CA HIS A 370 18.57 -24.92 -25.93
C HIS A 370 17.83 -24.96 -27.28
N GLU A 371 16.57 -24.54 -27.30
CA GLU A 371 15.86 -24.51 -28.58
C GLU A 371 16.37 -23.39 -29.49
N LEU A 372 16.67 -22.22 -28.92
CA LEU A 372 17.32 -21.16 -29.68
C LEU A 372 18.61 -21.68 -30.31
N GLU A 373 19.41 -22.39 -29.52
CA GLU A 373 20.67 -22.93 -30.01
C GLU A 373 20.44 -23.99 -31.09
N ARG A 374 19.44 -24.83 -30.90
CA ARG A 374 19.16 -25.91 -31.86
C ARG A 374 18.76 -25.37 -33.24
N THR A 375 18.03 -24.27 -33.26
CA THR A 375 17.45 -23.74 -34.49
C THR A 375 18.22 -22.53 -35.00
N ASP A 376 19.28 -22.15 -34.29
CA ASP A 376 20.05 -20.97 -34.64
C ASP A 376 19.17 -19.72 -34.71
N GLN A 377 18.35 -19.52 -33.69
CA GLN A 377 17.51 -18.33 -33.59
C GLN A 377 18.00 -17.43 -32.47
N SER A 378 17.42 -16.23 -32.34
CA SER A 378 18.02 -15.18 -31.51
CA SER A 378 18.02 -15.18 -31.51
C SER A 378 17.28 -14.87 -30.21
N LEU A 379 15.97 -14.64 -30.31
CA LEU A 379 15.20 -14.14 -29.18
C LEU A 379 14.14 -15.12 -28.64
N ALA A 380 14.09 -15.26 -27.31
CA ALA A 380 13.03 -16.06 -26.69
C ALA A 380 12.30 -15.27 -25.59
N LEU A 381 10.99 -15.47 -25.50
CA LEU A 381 10.21 -14.91 -24.42
C LEU A 381 9.79 -16.06 -23.51
N ILE A 382 9.98 -15.87 -22.20
CA ILE A 382 9.50 -16.80 -21.19
C ILE A 382 8.52 -16.06 -20.28
N THR A 383 7.34 -16.63 -20.10
CA THR A 383 6.32 -15.96 -19.31
C THR A 383 5.49 -16.99 -18.53
N MET A 384 5.23 -16.72 -17.25
CA MET A 384 4.52 -17.67 -16.40
C MET A 384 3.46 -16.97 -15.55
N CYS A 385 2.29 -17.60 -15.42
CA CYS A 385 1.32 -17.16 -14.40
C CYS A 385 1.79 -17.66 -13.03
N ALA A 386 1.32 -17.02 -11.96
CA ALA A 386 1.74 -17.42 -10.62
C ALA A 386 0.69 -17.12 -9.57
N GLY A 387 0.68 -17.94 -8.53
CA GLY A 387 -0.20 -17.71 -7.40
C GLY A 387 0.00 -16.34 -6.76
N GLY A 388 -1.06 -15.88 -6.12
CA GLY A 388 -1.11 -14.54 -5.55
C GLY A 388 -1.31 -13.49 -6.62
N ALA A 389 -1.71 -13.94 -7.82
CA ALA A 389 -1.94 -13.06 -8.96
C ALA A 389 -0.65 -12.33 -9.32
N LEU A 390 0.33 -13.09 -9.78
CA LEU A 390 1.62 -12.56 -10.20
C LEU A 390 1.98 -13.14 -11.55
N SER A 391 2.97 -12.56 -12.21
CA SER A 391 3.51 -13.20 -13.41
C SER A 391 4.94 -12.73 -13.67
N THR A 392 5.81 -13.66 -14.03
CA THR A 392 7.19 -13.37 -14.39
C THR A 392 7.33 -13.35 -15.91
N GLY A 393 8.17 -12.46 -16.42
CA GLY A 393 8.47 -12.43 -17.84
C GLY A 393 9.95 -12.20 -18.04
N THR A 394 10.53 -12.82 -19.07
CA THR A 394 11.91 -12.58 -19.47
C THR A 394 12.01 -12.63 -20.98
N ILE A 395 12.77 -11.71 -21.56
CA ILE A 395 13.21 -11.88 -22.94
C ILE A 395 14.71 -12.16 -22.88
N ILE A 396 15.11 -13.30 -23.44
CA ILE A 396 16.54 -13.62 -23.49
C ILE A 396 17.00 -13.60 -24.95
N GLU A 397 18.28 -13.31 -25.15
CA GLU A 397 18.80 -13.34 -26.51
C GLU A 397 20.11 -14.09 -26.55
N ARG A 398 20.31 -14.87 -27.62
CA ARG A 398 21.56 -15.59 -27.80
C ARG A 398 22.72 -14.65 -28.06
N ILE A 399 23.87 -14.99 -27.49
CA ILE A 399 25.12 -14.27 -27.73
C ILE A 399 25.99 -15.03 -28.74
N SER B 8 19.81 1.61 -19.47
CA SER B 8 19.44 0.22 -19.20
C SER B 8 20.24 -0.34 -18.03
N MET B 9 20.75 0.56 -17.21
CA MET B 9 21.55 0.23 -16.04
C MET B 9 21.15 1.22 -14.96
N GLY B 10 21.14 0.79 -13.71
CA GLY B 10 20.70 1.64 -12.63
C GLY B 10 21.77 1.92 -11.59
N TYR B 11 21.52 2.93 -10.76
CA TYR B 11 22.40 3.27 -9.66
C TYR B 11 21.53 3.30 -8.41
N PRO B 12 21.48 2.17 -7.69
CA PRO B 12 20.54 2.05 -6.57
C PRO B 12 20.91 2.85 -5.32
N VAL B 13 19.92 3.61 -4.82
CA VAL B 13 20.08 4.38 -3.60
C VAL B 13 18.88 4.19 -2.69
N ILE B 14 19.13 4.24 -1.39
CA ILE B 14 18.04 4.25 -0.42
C ILE B 14 17.46 5.66 -0.35
N VAL B 15 16.13 5.77 -0.39
CA VAL B 15 15.48 7.06 -0.26
C VAL B 15 14.65 7.17 1.02
N GLU B 16 14.26 6.02 1.58
CA GLU B 16 13.47 6.00 2.80
C GLU B 16 13.58 4.66 3.51
N ALA B 17 13.45 4.66 4.82
CA ALA B 17 13.48 3.41 5.57
C ALA B 17 12.68 3.57 6.85
N THR B 18 11.97 2.53 7.25
CA THR B 18 11.19 2.62 8.48
C THR B 18 11.01 1.22 9.08
N ARG B 19 10.65 1.17 10.36
CA ARG B 19 10.42 -0.13 11.00
C ARG B 19 9.31 -0.02 12.02
N SER B 20 8.65 -1.13 12.33
CA SER B 20 7.71 -1.12 13.45
C SER B 20 8.54 -1.17 14.73
N PRO B 21 7.94 -0.76 15.85
CA PRO B 21 8.57 -1.15 17.12
C PRO B 21 8.62 -2.67 17.15
N ILE B 22 9.48 -3.23 17.99
CA ILE B 22 9.62 -4.68 18.05
C ILE B 22 8.91 -5.18 19.31
N GLY B 23 7.93 -6.05 19.13
CA GLY B 23 7.19 -6.61 20.26
C GLY B 23 7.81 -7.88 20.81
N LYS B 24 7.62 -8.13 22.11
CA LYS B 24 8.05 -9.38 22.71
C LYS B 24 7.07 -10.49 22.32
N ARG B 25 7.50 -11.73 22.52
CA ARG B 25 6.65 -12.88 22.25
CA ARG B 25 6.65 -12.90 22.27
C ARG B 25 5.34 -12.80 23.05
N ASN B 26 4.22 -12.97 22.35
CA ASN B 26 2.88 -12.84 22.95
C ASN B 26 2.67 -11.43 23.49
N GLY B 27 3.38 -10.47 22.91
CA GLY B 27 3.38 -9.10 23.41
C GLY B 27 2.55 -8.13 22.59
N TRP B 28 3.00 -6.88 22.54
CA TRP B 28 2.18 -5.78 22.04
C TRP B 28 1.72 -5.91 20.59
N LEU B 29 2.46 -6.65 19.77
CA LEU B 29 2.13 -6.77 18.35
C LEU B 29 1.49 -8.13 18.02
N SER B 30 1.35 -8.99 19.03
CA SER B 30 0.95 -10.38 18.78
C SER B 30 -0.50 -10.55 18.31
N GLY B 31 -1.29 -9.47 18.37
CA GLY B 31 -2.67 -9.53 17.93
C GLY B 31 -2.82 -9.27 16.43
N LEU B 32 -1.72 -8.89 15.79
CA LEU B 32 -1.71 -8.63 14.34
C LEU B 32 -1.44 -9.89 13.55
N HIS B 33 -2.25 -10.16 12.54
CA HIS B 33 -1.94 -11.23 11.60
C HIS B 33 -0.59 -10.90 11.00
N ALA B 34 0.23 -11.92 10.72
CA ALA B 34 1.55 -11.63 10.17
C ALA B 34 1.48 -10.76 8.93
N THR B 35 0.45 -10.97 8.11
CA THR B 35 0.33 -10.23 6.86
C THR B 35 -0.07 -8.79 7.13
N GLU B 36 -0.77 -8.56 8.24
CA GLU B 36 -1.15 -7.20 8.64
C GLU B 36 0.05 -6.41 9.12
N LEU B 37 0.94 -7.07 9.88
CA LEU B 37 2.13 -6.43 10.42
C LEU B 37 3.07 -5.99 9.28
N LEU B 38 3.35 -6.90 8.34
CA LEU B 38 4.23 -6.54 7.22
C LEU B 38 3.53 -5.51 6.34
N GLY B 39 2.25 -5.70 6.11
CA GLY B 39 1.49 -4.78 5.25
C GLY B 39 1.52 -3.36 5.79
N ALA B 40 1.39 -3.21 7.11
CA ALA B 40 1.40 -1.87 7.71
C ALA B 40 2.73 -1.17 7.50
N VAL B 41 3.81 -1.95 7.58
CA VAL B 41 5.15 -1.38 7.41
C VAL B 41 5.48 -1.08 5.94
N GLN B 42 5.03 -1.93 5.02
CA GLN B 42 5.15 -1.62 3.60
C GLN B 42 4.44 -0.30 3.28
N LYS B 43 3.22 -0.16 3.78
CA LYS B 43 2.45 1.04 3.50
C LYS B 43 3.12 2.25 4.17
N ALA B 44 3.70 2.03 5.35
CA ALA B 44 4.30 3.13 6.10
C ALA B 44 5.50 3.73 5.36
N VAL B 45 6.31 2.88 4.73
CA VAL B 45 7.51 3.40 4.07
C VAL B 45 7.10 4.20 2.83
N VAL B 46 6.05 3.75 2.13
CA VAL B 46 5.50 4.52 1.02
C VAL B 46 4.90 5.84 1.46
N ASP B 47 4.09 5.80 2.50
CA ASP B 47 3.44 7.02 2.99
C ASP B 47 4.48 8.05 3.43
N LYS B 48 5.52 7.57 4.13
CA LYS B 48 6.60 8.43 4.60
C LYS B 48 7.30 9.13 3.43
N ALA B 49 7.61 8.36 2.39
CA ALA B 49 8.22 8.94 1.20
C ALA B 49 7.27 9.94 0.54
N GLY B 50 5.97 9.68 0.67
CA GLY B 50 4.97 10.54 0.04
C GLY B 50 4.76 11.90 0.67
N ILE B 51 5.24 12.08 1.89
CA ILE B 51 5.01 13.34 2.60
C ILE B 51 5.55 14.55 1.85
N GLN B 52 6.79 14.46 1.38
CA GLN B 52 7.42 15.58 0.69
C GLN B 52 7.76 15.26 -0.77
N SER B 53 7.02 14.30 -1.34
CA SER B 53 7.13 14.01 -2.77
C SER B 53 5.77 13.55 -3.32
N GLY B 54 5.71 13.33 -4.63
N GLY B 54 5.71 13.33 -4.63
CA GLY B 54 4.49 12.87 -5.26
CA GLY B 54 4.47 12.86 -5.26
C GLY B 54 4.45 11.35 -5.41
C GLY B 54 4.44 11.35 -5.40
N LEU B 55 5.38 10.67 -4.74
CA LEU B 55 5.46 9.22 -4.83
C LEU B 55 4.20 8.56 -4.28
N HIS B 56 3.71 7.55 -5.00
N HIS B 56 3.72 7.56 -5.01
CA HIS B 56 2.55 6.78 -4.57
CA HIS B 56 2.50 6.82 -4.68
C HIS B 56 2.93 5.30 -4.56
C HIS B 56 2.86 5.34 -4.67
N ALA B 57 2.15 4.47 -3.86
N ALA B 57 2.10 4.52 -3.93
CA ALA B 57 2.45 3.04 -3.77
CA ALA B 57 2.44 3.10 -3.80
C ALA B 57 2.53 2.39 -5.16
C ALA B 57 2.52 2.42 -5.16
N GLY B 58 1.75 2.90 -6.11
N GLY B 58 1.73 2.91 -6.12
CA GLY B 58 1.69 2.33 -7.44
CA GLY B 58 1.70 2.33 -7.45
C GLY B 58 2.97 2.56 -8.25
C GLY B 58 2.97 2.54 -8.25
N ASP B 59 3.83 3.44 -7.76
CA ASP B 59 5.12 3.69 -8.41
C ASP B 59 6.15 2.60 -8.09
N VAL B 60 5.90 1.81 -7.05
CA VAL B 60 6.82 0.72 -6.68
C VAL B 60 6.65 -0.38 -7.72
N GLU B 61 7.76 -0.96 -8.17
CA GLU B 61 7.65 -2.01 -9.19
C GLU B 61 7.72 -3.43 -8.60
N GLN B 62 8.60 -3.62 -7.63
CA GLN B 62 8.72 -4.90 -6.93
C GLN B 62 9.01 -4.71 -5.46
N VAL B 63 8.51 -5.66 -4.68
CA VAL B 63 8.80 -5.77 -3.27
C VAL B 63 9.51 -7.11 -3.06
N ILE B 64 10.56 -7.13 -2.25
CA ILE B 64 11.19 -8.41 -1.87
C ILE B 64 11.29 -8.40 -0.35
N GLY B 65 10.69 -9.40 0.30
CA GLY B 65 10.66 -9.45 1.75
C GLY B 65 11.31 -10.72 2.28
N GLY B 66 12.07 -10.57 3.37
CA GLY B 66 12.62 -11.72 4.07
C GLY B 66 11.66 -12.27 5.10
N CYS B 67 11.66 -13.59 5.26
CA CYS B 67 10.84 -14.26 6.28
C CYS B 67 11.42 -15.63 6.44
N VAL B 68 11.64 -16.05 7.69
CA VAL B 68 12.27 -17.36 7.91
C VAL B 68 11.28 -18.53 7.94
N THR B 69 10.26 -18.46 8.79
CA THR B 69 9.39 -19.62 8.98
C THR B 69 8.17 -19.45 8.09
N GLN B 70 8.28 -19.90 6.84
CA GLN B 70 7.22 -19.60 5.86
C GLN B 70 6.13 -20.65 5.89
N PHE B 71 5.42 -20.65 7.02
CA PHE B 71 4.37 -21.60 7.30
C PHE B 71 3.10 -20.83 7.70
N GLY B 72 1.93 -21.36 7.37
CA GLY B 72 0.69 -20.76 7.85
C GLY B 72 0.55 -19.31 7.43
N GLU B 73 0.36 -18.41 8.41
CA GLU B 73 0.22 -16.99 8.13
C GLU B 73 1.39 -16.43 7.34
N GLN B 74 2.53 -17.11 7.41
CA GLN B 74 3.74 -16.61 6.75
C GLN B 74 4.11 -17.40 5.49
N SER B 75 3.22 -18.28 5.07
CA SER B 75 3.43 -19.06 3.85
C SER B 75 2.85 -18.32 2.63
N ASN B 76 2.97 -18.93 1.46
CA ASN B 76 2.29 -18.41 0.26
C ASN B 76 2.69 -17.00 -0.12
N ASN B 77 3.99 -16.72 -0.01
CA ASN B 77 4.57 -15.45 -0.42
C ASN B 77 3.99 -14.29 0.39
N ILE B 78 4.33 -14.25 1.67
CA ILE B 78 3.78 -13.23 2.54
C ILE B 78 4.03 -11.80 2.03
N SER B 79 5.15 -11.59 1.35
CA SER B 79 5.41 -10.23 0.85
C SER B 79 4.27 -9.74 -0.03
N ARG B 80 3.77 -10.63 -0.88
CA ARG B 80 2.63 -10.33 -1.76
C ARG B 80 1.30 -10.27 -1.00
N VAL B 81 1.05 -11.25 -0.14
CA VAL B 81 -0.24 -11.27 0.57
C VAL B 81 -0.37 -10.04 1.44
N ALA B 82 0.75 -9.64 2.07
CA ALA B 82 0.76 -8.44 2.92
C ALA B 82 0.40 -7.20 2.10
N TRP B 83 1.01 -7.08 0.93
CA TRP B 83 0.81 -5.92 0.07
C TRP B 83 -0.68 -5.80 -0.27
N LEU B 84 -1.27 -6.92 -0.69
CA LEU B 84 -2.69 -6.93 -1.05
C LEU B 84 -3.60 -6.67 0.13
N THR B 85 -3.22 -7.23 1.28
CA THR B 85 -4.03 -7.13 2.50
C THR B 85 -4.08 -5.68 2.99
N ALA B 86 -2.99 -4.95 2.76
CA ALA B 86 -2.92 -3.55 3.16
C ALA B 86 -3.62 -2.64 2.15
N GLY B 87 -4.16 -3.22 1.09
CA GLY B 87 -4.94 -2.44 0.13
C GLY B 87 -4.07 -1.70 -0.88
N LEU B 88 -2.82 -2.14 -1.03
CA LEU B 88 -1.89 -1.49 -1.95
C LEU B 88 -2.08 -2.04 -3.37
N PRO B 89 -1.56 -1.31 -4.39
CA PRO B 89 -1.96 -1.62 -5.77
C PRO B 89 -1.56 -3.01 -6.26
N GLU B 90 -2.49 -3.67 -6.96
CA GLU B 90 -2.29 -5.08 -7.32
C GLU B 90 -1.20 -5.28 -8.37
N HIS B 91 -0.87 -4.25 -9.14
CA HIS B 91 0.06 -4.44 -10.26
C HIS B 91 1.52 -4.57 -9.79
N VAL B 92 1.77 -4.32 -8.52
CA VAL B 92 3.13 -4.40 -7.99
C VAL B 92 3.58 -5.86 -7.73
N GLY B 93 4.75 -6.24 -8.25
CA GLY B 93 5.25 -7.60 -8.03
C GLY B 93 5.84 -7.79 -6.63
N ALA B 94 5.89 -9.04 -6.14
CA ALA B 94 6.47 -9.31 -4.83
C ALA B 94 7.00 -10.73 -4.75
N THR B 95 8.08 -10.88 -3.96
CA THR B 95 8.78 -12.16 -3.77
C THR B 95 9.19 -12.23 -2.32
N THR B 96 9.14 -13.42 -1.74
CA THR B 96 9.60 -13.62 -0.37
C THR B 96 10.88 -14.46 -0.40
N VAL B 97 11.85 -14.12 0.44
CA VAL B 97 13.15 -14.81 0.37
C VAL B 97 13.56 -15.39 1.70
N ASP B 98 14.32 -16.47 1.64
CA ASP B 98 14.78 -17.17 2.85
C ASP B 98 16.27 -17.51 2.77
N CYS B 99 17.09 -16.73 3.48
CA CYS B 99 18.41 -17.24 3.86
C CYS B 99 18.51 -17.11 5.38
N GLN B 100 17.47 -17.64 6.03
CA GLN B 100 17.37 -17.64 7.48
C GLN B 100 17.49 -16.23 8.03
N SER B 101 18.23 -16.01 9.12
CA SER B 101 18.20 -14.66 9.71
CA SER B 101 18.33 -14.68 9.75
C SER B 101 18.87 -13.61 8.81
N GLY B 102 19.50 -14.05 7.74
CA GLY B 102 20.06 -13.08 6.79
C GLY B 102 19.01 -12.51 5.84
N SER B 103 17.79 -13.06 5.88
CA SER B 103 16.79 -12.82 4.84
C SER B 103 16.46 -11.34 4.61
N GLY B 104 16.30 -10.58 5.69
CA GLY B 104 15.88 -9.20 5.55
C GLY B 104 17.02 -8.35 4.99
N GLN B 105 18.24 -8.80 5.21
CA GLN B 105 19.40 -8.07 4.69
C GLN B 105 19.59 -8.41 3.21
N GLN B 106 19.56 -9.71 2.89
CA GLN B 106 19.60 -10.14 1.49
C GLN B 106 18.48 -9.50 0.67
N ALA B 107 17.31 -9.29 1.27
CA ALA B 107 16.22 -8.64 0.52
C ALA B 107 16.68 -7.28 -0.04
N ASN B 108 17.47 -6.56 0.74
CA ASN B 108 18.01 -5.29 0.28
C ASN B 108 19.04 -5.46 -0.83
N HIS B 109 19.95 -6.42 -0.66
CA HIS B 109 20.92 -6.73 -1.69
C HIS B 109 20.23 -7.03 -3.01
N LEU B 110 19.12 -7.78 -2.92
CA LEU B 110 18.44 -8.24 -4.14
C LEU B 110 17.71 -7.11 -4.85
N ILE B 111 17.06 -6.24 -4.08
CA ILE B 111 16.43 -5.06 -4.70
C ILE B 111 17.49 -4.19 -5.37
N ALA B 112 18.61 -3.97 -4.68
CA ALA B 112 19.67 -3.16 -5.28
C ALA B 112 20.11 -3.79 -6.61
N GLY B 113 20.25 -5.11 -6.64
CA GLY B 113 20.64 -5.79 -7.86
C GLY B 113 19.66 -5.58 -9.01
N LEU B 114 18.37 -5.70 -8.73
CA LEU B 114 17.37 -5.49 -9.77
C LEU B 114 17.42 -4.06 -10.30
N ILE B 115 17.69 -3.11 -9.42
CA ILE B 115 17.88 -1.73 -9.89
C ILE B 115 19.15 -1.59 -10.72
N ALA B 116 20.26 -2.17 -10.25
CA ALA B 116 21.50 -2.14 -11.02
C ALA B 116 21.33 -2.73 -12.42
N ALA B 117 20.50 -3.77 -12.55
CA ALA B 117 20.32 -4.44 -13.82
C ALA B 117 19.41 -3.67 -14.77
N GLY B 118 18.74 -2.65 -14.24
CA GLY B 118 17.79 -1.88 -15.03
C GLY B 118 16.45 -2.57 -15.12
N ALA B 119 16.24 -3.57 -14.27
CA ALA B 119 14.97 -4.30 -14.25
C ALA B 119 13.86 -3.44 -13.68
N ILE B 120 14.16 -2.74 -12.60
CA ILE B 120 13.18 -1.87 -11.95
C ILE B 120 13.84 -0.55 -11.60
N ASP B 121 13.02 0.48 -11.40
CA ASP B 121 13.52 1.79 -11.00
C ASP B 121 13.14 2.11 -9.56
N VAL B 122 12.17 1.39 -9.03
CA VAL B 122 11.67 1.62 -7.67
C VAL B 122 11.32 0.29 -7.03
N GLY B 123 11.89 0.01 -5.86
CA GLY B 123 11.56 -1.24 -5.16
C GLY B 123 11.59 -1.09 -3.66
N ILE B 124 10.91 -1.99 -2.96
CA ILE B 124 10.94 -2.04 -1.51
C ILE B 124 11.58 -3.34 -1.07
N ALA B 125 12.57 -3.24 -0.18
CA ALA B 125 13.16 -4.41 0.48
C ALA B 125 12.60 -4.42 1.89
N CYS B 126 12.13 -5.56 2.37
CA CYS B 126 11.52 -5.56 3.71
C CYS B 126 11.78 -6.89 4.38
N GLY B 127 11.26 -7.03 5.59
CA GLY B 127 11.42 -8.27 6.34
C GLY B 127 10.31 -8.34 7.36
N ILE B 128 9.86 -9.55 7.67
CA ILE B 128 8.77 -9.76 8.62
C ILE B 128 9.07 -11.02 9.41
N GLU B 129 8.79 -10.99 10.69
CA GLU B 129 8.60 -12.23 11.44
C GLU B 129 7.63 -11.97 12.56
N ALA B 130 6.57 -12.78 12.61
CA ALA B 130 5.63 -12.72 13.71
C ALA B 130 5.77 -14.00 14.52
N MET B 131 6.79 -14.04 15.37
CA MET B 131 7.16 -15.28 16.03
C MET B 131 6.14 -15.69 17.07
N SER B 132 5.33 -14.75 17.54
CA SER B 132 4.28 -15.11 18.48
C SER B 132 3.30 -16.06 17.80
N ARG B 133 3.11 -15.86 16.51
CA ARG B 133 2.07 -16.57 15.76
C ARG B 133 2.62 -17.73 14.94
N VAL B 134 3.84 -17.58 14.46
CA VAL B 134 4.51 -18.65 13.71
C VAL B 134 5.89 -18.86 14.32
N GLY B 135 6.01 -19.87 15.18
CA GLY B 135 7.25 -20.08 15.91
C GLY B 135 8.32 -20.80 15.11
N LEU B 136 9.56 -20.72 15.58
CA LEU B 136 10.66 -21.42 14.91
C LEU B 136 10.34 -22.90 14.77
N GLY B 137 10.65 -23.46 13.61
CA GLY B 137 10.42 -24.87 13.35
C GLY B 137 9.01 -25.27 12.93
N ALA B 138 8.10 -24.30 12.88
CA ALA B 138 6.72 -24.61 12.48
C ALA B 138 6.72 -25.11 11.04
N ASN B 139 7.73 -24.70 10.29
CA ASN B 139 7.81 -24.99 8.86
C ASN B 139 8.42 -26.38 8.58
N ALA B 140 8.96 -27.03 9.60
CA ALA B 140 9.69 -28.29 9.40
C ALA B 140 8.78 -29.50 9.56
N GLY B 141 7.63 -29.30 10.18
CA GLY B 141 6.76 -30.41 10.51
C GLY B 141 7.18 -31.08 11.80
N PRO B 142 6.38 -32.06 12.25
CA PRO B 142 6.51 -32.71 13.56
C PRO B 142 7.69 -33.67 13.71
N ASP B 143 8.10 -34.33 12.63
CA ASP B 143 9.25 -35.23 12.67
C ASP B 143 10.44 -34.59 11.96
N ARG B 144 11.29 -33.90 12.72
CA ARG B 144 12.37 -33.10 12.13
C ARG B 144 13.47 -33.93 11.46
N SER B 145 13.59 -35.21 11.86
CA SER B 145 14.58 -36.08 11.24
C SER B 145 14.35 -36.16 9.73
N LEU B 146 13.09 -36.01 9.32
CA LEU B 146 12.68 -36.17 7.94
C LEU B 146 13.16 -35.06 6.98
N ILE B 147 13.52 -33.90 7.53
CA ILE B 147 13.79 -32.76 6.65
C ILE B 147 15.19 -32.77 6.02
N ARG B 148 16.04 -33.70 6.46
CA ARG B 148 17.34 -33.92 5.83
C ARG B 148 17.44 -35.32 5.26
N ALA B 149 18.24 -35.46 4.22
CA ALA B 149 18.42 -36.76 3.57
C ALA B 149 19.18 -37.71 4.50
N GLN B 150 18.92 -39.00 4.33
CA GLN B 150 19.57 -40.04 5.13
CA GLN B 150 19.56 -40.04 5.14
C GLN B 150 21.08 -39.91 5.12
N SER B 151 21.62 -39.45 3.99
CA SER B 151 23.07 -39.36 3.80
C SER B 151 23.70 -38.22 4.59
N TRP B 152 22.89 -37.27 5.04
CA TRP B 152 23.42 -36.10 5.75
C TRP B 152 24.37 -36.55 6.86
N ASP B 153 25.60 -36.02 6.83
CA ASP B 153 26.56 -36.36 7.88
CA ASP B 153 26.61 -36.38 7.81
C ASP B 153 27.46 -35.18 8.21
N ILE B 154 26.86 -34.00 8.25
CA ILE B 154 27.55 -32.77 8.62
C ILE B 154 27.23 -32.43 10.08
N ASP B 155 28.26 -32.11 10.85
CA ASP B 155 28.08 -31.73 12.25
C ASP B 155 27.61 -30.28 12.31
N LEU B 156 26.31 -30.07 12.04
CA LEU B 156 25.71 -28.74 12.07
C LEU B 156 24.79 -28.64 13.30
N PRO B 157 25.27 -27.93 14.35
CA PRO B 157 24.60 -27.91 15.65
C PRO B 157 23.37 -27.01 15.66
N ASN B 158 22.49 -27.15 16.64
CA ASN B 158 21.40 -26.18 16.79
C ASN B 158 21.98 -24.84 17.26
N GLN B 159 21.16 -23.80 17.31
CA GLN B 159 21.67 -22.46 17.55
C GLN B 159 22.28 -22.32 18.95
N PHE B 160 21.69 -22.99 19.94
CA PHE B 160 22.18 -22.88 21.30
C PHE B 160 23.50 -23.60 21.49
N GLU B 161 23.62 -24.79 20.90
CA GLU B 161 24.89 -25.51 20.91
C GLU B 161 25.97 -24.70 20.17
N ALA B 162 25.58 -24.07 19.06
CA ALA B 162 26.48 -23.22 18.30
C ALA B 162 27.08 -22.12 19.18
N ALA B 163 26.22 -21.42 19.91
CA ALA B 163 26.66 -20.30 20.75
C ALA B 163 27.71 -20.79 21.74
N GLU B 164 27.51 -21.99 22.27
CA GLU B 164 28.46 -22.52 23.25
C GLU B 164 29.75 -22.98 22.60
N ARG B 165 29.66 -23.57 21.40
CA ARG B 165 30.85 -23.98 20.68
C ARG B 165 31.70 -22.76 20.31
N ILE B 166 31.03 -21.68 19.94
CA ILE B 166 31.71 -20.43 19.63
C ILE B 166 32.36 -19.83 20.87
N ALA B 167 31.67 -19.90 22.01
CA ALA B 167 32.23 -19.41 23.27
C ALA B 167 33.50 -20.16 23.62
N LYS B 168 33.44 -21.49 23.55
CA LYS B 168 34.61 -22.32 23.88
C LYS B 168 35.77 -22.06 22.92
N ARG B 169 35.45 -21.81 21.67
CA ARG B 169 36.47 -21.55 20.65
C ARG B 169 37.29 -20.29 20.98
N ARG B 170 36.65 -19.31 21.63
CA ARG B 170 37.29 -18.03 21.91
C ARG B 170 37.63 -17.83 23.39
N GLY B 171 37.33 -18.80 24.24
CA GLY B 171 37.54 -18.63 25.67
C GLY B 171 36.63 -17.59 26.31
N ILE B 172 35.41 -17.45 25.80
CA ILE B 172 34.44 -16.51 26.32
C ILE B 172 33.70 -17.12 27.53
N THR B 173 33.65 -16.38 28.63
CA THR B 173 33.03 -16.87 29.88
C THR B 173 31.62 -16.32 30.13
N ARG B 174 30.96 -16.87 31.15
CA ARG B 174 29.68 -16.35 31.62
C ARG B 174 29.80 -14.87 31.98
N GLU B 175 30.91 -14.51 32.62
CA GLU B 175 31.18 -13.11 32.95
CA GLU B 175 31.18 -13.11 32.95
C GLU B 175 31.22 -12.25 31.69
N ASP B 176 31.98 -12.70 30.69
CA ASP B 176 32.09 -11.97 29.43
C ASP B 176 30.75 -11.69 28.79
N VAL B 177 29.91 -12.71 28.65
CA VAL B 177 28.63 -12.52 27.98
C VAL B 177 27.66 -11.67 28.82
N ASP B 178 27.65 -11.86 30.14
CA ASP B 178 26.77 -11.05 30.99
C ASP B 178 27.13 -9.56 30.89
N VAL B 179 28.43 -9.28 30.87
CA VAL B 179 28.90 -7.91 30.68
C VAL B 179 28.34 -7.36 29.37
N PHE B 180 28.40 -8.17 28.32
CA PHE B 180 27.93 -7.72 27.01
C PHE B 180 26.41 -7.52 26.99
N GLY B 181 25.67 -8.42 27.62
CA GLY B 181 24.21 -8.32 27.66
C GLY B 181 23.75 -7.12 28.46
N LEU B 182 24.47 -6.79 29.52
CA LEU B 182 24.20 -5.59 30.30
C LEU B 182 24.33 -4.36 29.41
N GLU B 183 25.40 -4.32 28.63
CA GLU B 183 25.69 -3.15 27.82
C GLU B 183 24.68 -2.98 26.67
N SER B 184 24.16 -4.10 26.14
CA SER B 184 23.14 -4.00 25.10
C SER B 184 21.89 -3.36 25.67
N GLN B 185 21.48 -3.79 26.86
CA GLN B 185 20.34 -3.17 27.53
C GLN B 185 20.61 -1.70 27.85
N ARG B 186 21.83 -1.39 28.29
CA ARG B 186 22.15 0.00 28.62
C ARG B 186 22.09 0.91 27.39
N ARG B 187 22.60 0.42 26.26
CA ARG B 187 22.64 1.26 25.05
C ARG B 187 21.26 1.39 24.44
N ALA B 188 20.49 0.32 24.50
CA ALA B 188 19.11 0.38 24.03
C ALA B 188 18.32 1.39 24.84
N GLN B 189 18.48 1.37 26.16
CA GLN B 189 17.78 2.32 27.02
CA GLN B 189 17.78 2.32 27.02
C GLN B 189 18.23 3.75 26.77
N ARG B 190 19.54 3.94 26.54
CA ARG B 190 20.08 5.27 26.25
C ARG B 190 19.49 5.80 24.96
N ALA B 191 19.46 4.94 23.93
CA ALA B 191 18.89 5.33 22.64
C ALA B 191 17.45 5.79 22.79
N TRP B 192 16.63 4.99 23.47
CA TRP B 192 15.25 5.37 23.73
C TRP B 192 15.11 6.62 24.60
N ALA B 193 15.99 6.79 25.57
CA ALA B 193 15.91 7.97 26.45
C ALA B 193 16.27 9.23 25.69
N GLU B 194 17.11 9.09 24.67
CA GLU B 194 17.59 10.24 23.89
C GLU B 194 16.73 10.47 22.66
N GLY B 195 15.96 9.46 22.27
CA GLY B 195 15.09 9.60 21.12
C GLY B 195 15.74 9.22 19.80
N ARG B 196 16.80 8.42 19.86
CA ARG B 196 17.54 8.05 18.65
C ARG B 196 16.72 7.29 17.64
N PHE B 197 15.73 6.52 18.11
CA PHE B 197 14.91 5.71 17.21
C PHE B 197 13.66 6.42 16.69
N ASP B 198 13.41 7.65 17.14
CA ASP B 198 12.16 8.32 16.78
C ASP B 198 11.96 8.40 15.27
N ARG B 199 13.01 8.79 14.54
CA ARG B 199 12.91 8.98 13.08
C ARG B 199 12.57 7.68 12.35
N GLU B 200 13.16 6.58 12.79
CA GLU B 200 13.06 5.34 12.00
C GLU B 200 11.82 4.54 12.33
N ILE B 201 11.17 4.84 13.44
CA ILE B 201 10.00 4.05 13.81
C ILE B 201 8.69 4.61 13.24
N SER B 202 7.88 3.71 12.66
CA SER B 202 6.49 4.01 12.35
C SER B 202 5.62 3.35 13.41
N PRO B 203 5.01 4.16 14.29
CA PRO B 203 4.11 3.55 15.29
C PRO B 203 2.99 2.79 14.59
N ILE B 204 2.58 1.67 15.18
CA ILE B 204 1.69 0.75 14.48
C ILE B 204 0.42 0.50 15.29
N GLN B 205 -0.74 0.56 14.63
CA GLN B 205 -1.99 0.24 15.30
C GLN B 205 -2.07 -1.25 15.52
N ALA B 206 -2.37 -1.66 16.76
CA ALA B 206 -2.48 -3.09 17.07
C ALA B 206 -3.65 -3.37 18.00
N PRO B 207 -4.27 -4.56 17.83
CA PRO B 207 -5.33 -5.01 18.72
C PRO B 207 -4.83 -5.17 20.15
N VAL B 208 -5.61 -4.71 21.12
CA VAL B 208 -5.27 -4.91 22.53
C VAL B 208 -5.71 -6.32 22.94
N LEU B 209 -4.87 -7.01 23.71
CA LEU B 209 -5.17 -8.36 24.16
C LEU B 209 -5.60 -8.38 25.61
N ASP B 210 -6.58 -9.23 25.95
CA ASP B 210 -6.89 -9.46 27.37
C ASP B 210 -5.76 -10.29 27.96
N GLU B 211 -5.83 -10.61 29.24
CA GLU B 211 -4.72 -11.27 29.94
C GLU B 211 -4.46 -12.68 29.42
N GLN B 212 -5.35 -13.16 28.55
CA GLN B 212 -5.20 -14.49 27.96
C GLN B 212 -4.48 -14.45 26.61
N ASN B 213 -4.88 -13.48 25.79
CA ASN B 213 -4.43 -13.37 24.40
C ASN B 213 -5.62 -13.47 23.45
N GLN B 214 -6.77 -12.98 23.91
CA GLN B 214 -7.93 -12.76 23.06
C GLN B 214 -8.07 -11.26 22.90
N PRO B 215 -8.50 -10.80 21.72
CA PRO B 215 -8.64 -9.35 21.51
C PRO B 215 -9.77 -8.80 22.38
N THR B 216 -9.64 -7.54 22.79
CA THR B 216 -10.61 -6.91 23.68
C THR B 216 -11.60 -6.04 22.90
N GLY B 217 -11.22 -5.68 21.69
CA GLY B 217 -11.98 -4.75 20.88
C GLY B 217 -11.18 -3.48 20.73
N GLU B 218 -10.36 -3.23 21.74
CA GLU B 218 -9.48 -2.06 21.74
C GLU B 218 -8.41 -2.18 20.66
N ARG B 219 -8.08 -1.03 20.06
CA ARG B 219 -7.02 -0.97 19.07
CA ARG B 219 -7.02 -0.96 19.08
C ARG B 219 -6.23 0.32 19.29
N ARG B 220 -4.93 0.18 19.57
CA ARG B 220 -4.13 1.35 19.90
CA ARG B 220 -4.09 1.30 19.98
C ARG B 220 -2.74 1.33 19.26
N LEU B 221 -2.14 2.51 19.20
CA LEU B 221 -0.81 2.69 18.64
C LEU B 221 0.25 2.12 19.57
N VAL B 222 1.18 1.35 19.00
CA VAL B 222 2.34 0.87 19.73
C VAL B 222 3.55 1.67 19.25
N PHE B 223 4.30 2.24 20.19
CA PHE B 223 5.37 3.18 19.86
C PHE B 223 6.77 2.60 20.06
N ARG B 224 6.95 1.81 21.11
CA ARG B 224 8.31 1.47 21.55
C ARG B 224 8.66 -0.01 21.51
N ASP B 225 9.96 -0.29 21.44
CA ASP B 225 10.45 -1.66 21.50
C ASP B 225 10.18 -2.23 22.90
N GLN B 226 9.53 -3.39 22.95
CA GLN B 226 9.03 -3.93 24.21
C GLN B 226 10.11 -4.65 25.03
N GLY B 227 11.20 -5.05 24.37
CA GLY B 227 12.21 -5.89 25.00
C GLY B 227 13.08 -5.23 26.06
N LEU B 228 13.08 -3.90 26.12
CA LEU B 228 13.90 -3.23 27.13
C LEU B 228 13.43 -3.53 28.54
N ARG B 229 14.37 -3.73 29.46
CA ARG B 229 14.02 -3.86 30.87
C ARG B 229 15.21 -3.51 31.75
N GLU B 230 14.92 -3.10 32.98
CA GLU B 230 15.98 -2.77 33.92
C GLU B 230 16.87 -4.00 34.14
N THR B 231 18.17 -3.82 33.91
CA THR B 231 19.11 -4.93 33.95
C THR B 231 20.34 -4.54 34.77
N THR B 232 20.80 -5.47 35.61
CA THR B 232 22.03 -5.29 36.38
C THR B 232 22.90 -6.54 36.27
N MET B 233 24.20 -6.41 36.55
CA MET B 233 25.08 -7.57 36.53
CA MET B 233 25.09 -7.56 36.53
C MET B 233 24.59 -8.64 37.50
N ALA B 234 24.18 -8.21 38.68
CA ALA B 234 23.67 -9.12 39.71
C ALA B 234 22.46 -9.89 39.19
N GLY B 235 21.54 -9.18 38.54
CA GLY B 235 20.33 -9.78 38.03
C GLY B 235 20.61 -10.82 36.95
N LEU B 236 21.50 -10.47 36.02
CA LEU B 236 21.90 -11.40 34.98
C LEU B 236 22.59 -12.63 35.57
N GLY B 237 23.27 -12.44 36.69
CA GLY B 237 23.99 -13.53 37.32
C GLY B 237 23.09 -14.59 37.90
N GLU B 238 21.83 -14.22 38.18
CA GLU B 238 20.84 -15.14 38.74
C GLU B 238 20.16 -15.95 37.64
N LEU B 239 20.35 -15.54 36.39
CA LEU B 239 19.66 -16.20 35.28
C LEU B 239 20.19 -17.60 34.99
N LYS B 240 19.30 -18.49 34.57
CA LYS B 240 19.64 -19.88 34.34
C LYS B 240 19.96 -20.13 32.88
N PRO B 241 21.07 -20.83 32.61
CA PRO B 241 21.50 -21.09 31.23
C PRO B 241 20.49 -21.96 30.46
N VAL B 242 20.30 -21.66 29.18
CA VAL B 242 19.41 -22.41 28.32
C VAL B 242 19.84 -23.89 28.24
N LEU B 243 21.14 -24.12 28.06
CA LEU B 243 21.68 -25.49 28.04
C LEU B 243 22.42 -25.84 29.32
N GLU B 244 22.38 -27.11 29.70
CA GLU B 244 23.18 -27.56 30.82
C GLU B 244 24.66 -27.33 30.49
N GLY B 245 25.38 -26.69 31.41
CA GLY B 245 26.78 -26.40 31.21
C GLY B 245 27.05 -25.20 30.32
N GLY B 246 25.98 -24.55 29.86
CA GLY B 246 26.11 -23.40 28.98
C GLY B 246 26.35 -22.09 29.72
N ILE B 247 26.74 -21.06 28.97
CA ILE B 247 26.92 -19.74 29.55
C ILE B 247 25.83 -18.75 29.15
N HIS B 248 25.11 -19.03 28.06
CA HIS B 248 24.07 -18.10 27.61
C HIS B 248 22.75 -18.33 28.34
N THR B 249 22.09 -17.22 28.69
CA THR B 249 20.78 -17.25 29.35
C THR B 249 19.85 -16.37 28.53
N ALA B 250 18.62 -16.18 29.01
CA ALA B 250 17.71 -15.27 28.33
C ALA B 250 18.27 -13.86 28.29
N GLY B 251 19.12 -13.53 29.26
CA GLY B 251 19.70 -12.20 29.39
C GLY B 251 20.87 -11.95 28.44
N THR B 252 21.34 -13.00 27.76
CA THR B 252 22.48 -12.87 26.86
C THR B 252 22.22 -13.50 25.49
N SER B 253 20.94 -13.76 25.21
CA SER B 253 20.52 -14.30 23.92
C SER B 253 19.51 -13.35 23.30
N SER B 254 19.38 -13.37 21.98
CA SER B 254 18.32 -12.60 21.32
C SER B 254 16.95 -13.02 21.85
N GLN B 255 16.00 -12.08 21.84
CA GLN B 255 14.64 -12.40 22.26
C GLN B 255 13.82 -12.91 21.08
N ILE B 256 12.79 -13.69 21.38
CA ILE B 256 11.78 -14.07 20.40
C ILE B 256 10.80 -12.90 20.32
N SER B 257 10.52 -12.44 19.10
CA SER B 257 9.93 -11.12 18.87
C SER B 257 9.06 -11.07 17.63
N ASP B 258 8.21 -10.04 17.56
CA ASP B 258 7.42 -9.72 16.37
C ASP B 258 7.86 -8.37 15.82
N GLY B 259 8.00 -8.26 14.51
CA GLY B 259 8.31 -6.96 13.93
C GLY B 259 8.45 -7.02 12.44
N ALA B 260 8.43 -5.84 11.79
CA ALA B 260 8.68 -5.72 10.36
C ALA B 260 9.49 -4.46 10.08
N ALA B 261 10.15 -4.41 8.94
CA ALA B 261 10.92 -3.23 8.53
C ALA B 261 10.90 -3.16 7.03
N ALA B 262 11.03 -1.95 6.50
CA ALA B 262 10.98 -1.75 5.06
C ALA B 262 11.88 -0.61 4.62
N VAL B 263 12.56 -0.81 3.49
CA VAL B 263 13.48 0.18 2.94
C VAL B 263 13.07 0.43 1.48
N LEU B 264 12.87 1.70 1.13
CA LEU B 264 12.51 2.09 -0.23
C LEU B 264 13.76 2.46 -1.02
N TRP B 265 14.00 1.74 -2.13
CA TRP B 265 15.14 1.94 -3.01
C TRP B 265 14.71 2.52 -4.35
N MET B 266 15.55 3.34 -4.96
CA MET B 266 15.28 3.80 -6.32
C MET B 266 16.57 3.92 -7.11
N ASP B 267 16.46 3.89 -8.44
CA ASP B 267 17.56 4.37 -9.25
C ASP B 267 17.72 5.86 -8.93
N GLU B 268 18.95 6.32 -8.84
N GLU B 268 18.96 6.33 -8.84
CA GLU B 268 19.20 7.68 -8.36
CA GLU B 268 19.22 7.69 -8.38
C GLU B 268 18.52 8.79 -9.18
C GLU B 268 18.48 8.77 -9.19
N ALA B 269 18.57 8.70 -10.51
CA ALA B 269 17.93 9.69 -11.37
C ALA B 269 16.41 9.69 -11.17
N VAL B 270 15.86 8.52 -10.92
CA VAL B 270 14.42 8.40 -10.70
C VAL B 270 14.02 9.01 -9.35
N ALA B 271 14.85 8.79 -8.34
CA ALA B 271 14.68 9.47 -7.06
C ALA B 271 14.55 10.98 -7.29
N ARG B 272 15.47 11.55 -8.08
CA ARG B 272 15.44 12.98 -8.32
C ARG B 272 14.16 13.42 -9.02
N ALA B 273 13.73 12.64 -10.01
CA ALA B 273 12.51 12.98 -10.75
C ALA B 273 11.30 13.01 -9.80
N HIS B 274 11.33 12.15 -8.79
CA HIS B 274 10.27 12.10 -7.78
C HIS B 274 10.44 13.15 -6.69
N GLY B 275 11.58 13.85 -6.72
CA GLY B 275 11.86 14.86 -5.71
C GLY B 275 12.21 14.23 -4.36
N LEU B 276 12.82 13.04 -4.41
CA LEU B 276 13.29 12.39 -3.19
C LEU B 276 14.81 12.51 -3.09
N THR B 277 15.31 12.56 -1.86
CA THR B 277 16.75 12.72 -1.65
C THR B 277 17.44 11.36 -1.50
N PRO B 278 18.45 11.10 -2.35
CA PRO B 278 19.25 9.88 -2.15
C PRO B 278 19.98 9.97 -0.82
N ARG B 279 19.85 8.94 0.03
CA ARG B 279 20.43 9.00 1.37
C ARG B 279 21.61 8.06 1.60
N ALA B 280 21.67 6.97 0.83
CA ALA B 280 22.75 5.99 1.01
C ALA B 280 22.83 5.03 -0.16
N ARG B 281 23.97 4.36 -0.27
CA ARG B 281 24.13 3.33 -1.29
C ARG B 281 24.96 2.19 -0.72
N ILE B 282 24.88 1.04 -1.37
CA ILE B 282 25.72 -0.10 -1.01
C ILE B 282 27.11 0.06 -1.61
N VAL B 283 28.12 0.01 -0.76
CA VAL B 283 29.51 0.00 -1.22
C VAL B 283 29.92 -1.41 -1.60
N ALA B 284 29.53 -2.37 -0.76
CA ALA B 284 29.82 -3.78 -0.98
C ALA B 284 28.78 -4.64 -0.27
N GLN B 285 28.43 -5.77 -0.89
CA GLN B 285 27.47 -6.69 -0.28
C GLN B 285 27.94 -8.13 -0.45
N ALA B 286 27.51 -9.00 0.45
CA ALA B 286 27.82 -10.41 0.31
C ALA B 286 26.90 -11.28 1.13
N LEU B 287 26.76 -12.53 0.68
CA LEU B 287 26.17 -13.59 1.49
C LEU B 287 27.12 -14.74 1.31
N VAL B 288 27.82 -15.12 2.39
CA VAL B 288 28.79 -16.18 2.32
C VAL B 288 28.39 -17.36 3.20
N GLY B 289 29.00 -18.51 2.93
CA GLY B 289 28.83 -19.68 3.78
C GLY B 289 29.86 -19.66 4.90
N ALA B 290 29.47 -20.22 6.05
CA ALA B 290 30.33 -20.22 7.23
C ALA B 290 30.74 -21.65 7.55
N GLU B 291 31.57 -21.81 8.59
CA GLU B 291 31.96 -23.14 9.05
C GLU B 291 30.79 -23.81 9.76
N PRO B 292 30.32 -24.95 9.21
CA PRO B 292 29.17 -25.63 9.82
C PRO B 292 29.38 -26.01 11.28
N TYR B 293 30.58 -26.45 11.66
CA TYR B 293 30.79 -26.88 13.04
C TYR B 293 30.36 -25.80 14.03
N TYR B 294 30.75 -24.57 13.76
CA TYR B 294 30.43 -23.49 14.68
C TYR B 294 29.10 -22.85 14.34
N HIS B 295 28.67 -23.03 13.09
CA HIS B 295 27.36 -22.61 12.60
C HIS B 295 27.16 -21.08 12.47
N LEU B 296 27.32 -20.36 13.57
CA LEU B 296 26.99 -18.94 13.62
C LEU B 296 28.19 -17.99 13.77
N ASP B 297 29.40 -18.46 13.41
CA ASP B 297 30.59 -17.60 13.46
C ASP B 297 30.83 -16.89 12.13
N GLY B 298 29.88 -17.03 11.21
CA GLY B 298 29.96 -16.45 9.88
C GLY B 298 30.21 -14.96 9.75
N PRO B 299 29.85 -14.16 10.77
CA PRO B 299 30.12 -12.72 10.62
C PRO B 299 31.60 -12.44 10.43
N VAL B 300 32.46 -13.30 10.95
CA VAL B 300 33.90 -13.17 10.70
C VAL B 300 34.17 -13.18 9.19
N GLN B 301 33.57 -14.13 8.47
CA GLN B 301 33.76 -14.27 7.03
C GLN B 301 33.05 -13.23 6.17
N SER B 302 31.79 -12.92 6.48
CA SER B 302 31.05 -11.93 5.70
C SER B 302 31.68 -10.55 5.87
N THR B 303 32.16 -10.25 7.07
CA THR B 303 32.85 -9.00 7.32
C THR B 303 34.16 -8.93 6.53
N ALA B 304 34.92 -10.02 6.56
CA ALA B 304 36.14 -10.08 5.78
C ALA B 304 35.84 -9.85 4.31
N LYS B 305 34.75 -10.45 3.81
CA LYS B 305 34.45 -10.35 2.39
C LYS B 305 34.06 -8.95 1.93
N VAL B 306 33.19 -8.26 2.66
CA VAL B 306 32.79 -6.91 2.23
C VAL B 306 33.91 -5.89 2.38
N LEU B 307 34.73 -6.05 3.43
CA LEU B 307 35.90 -5.18 3.60
C LEU B 307 36.83 -5.33 2.40
N GLU B 308 37.02 -6.57 1.97
CA GLU B 308 37.93 -6.86 0.87
C GLU B 308 37.40 -6.26 -0.43
N LYS B 309 36.13 -6.49 -0.71
CA LYS B 309 35.48 -5.95 -1.91
C LYS B 309 35.49 -4.42 -1.91
N ALA B 310 35.30 -3.81 -0.74
CA ALA B 310 35.31 -2.36 -0.61
C ALA B 310 36.71 -1.75 -0.55
N GLY B 311 37.73 -2.59 -0.36
CA GLY B 311 39.09 -2.09 -0.20
C GLY B 311 39.24 -1.31 1.10
N MET B 312 38.56 -1.78 2.14
CA MET B 312 38.55 -1.08 3.42
C MET B 312 39.05 -1.95 4.55
N LYS B 313 39.36 -1.31 5.68
CA LYS B 313 39.70 -2.02 6.91
C LYS B 313 38.65 -1.67 7.95
N ILE B 314 38.60 -2.45 9.03
CA ILE B 314 37.57 -2.26 10.04
C ILE B 314 37.58 -0.83 10.59
N GLY B 315 38.75 -0.21 10.60
CA GLY B 315 38.90 1.14 11.13
C GLY B 315 38.25 2.23 10.28
N ASP B 316 37.92 1.89 9.03
CA ASP B 316 37.29 2.84 8.12
C ASP B 316 35.79 2.98 8.42
N ILE B 317 35.26 2.01 9.17
CA ILE B 317 33.82 1.95 9.40
C ILE B 317 33.42 2.76 10.64
N ASP B 318 32.43 3.64 10.48
CA ASP B 318 32.00 4.52 11.58
C ASP B 318 31.03 3.82 12.53
N ILE B 319 30.13 3.02 11.96
CA ILE B 319 29.07 2.38 12.72
C ILE B 319 28.96 0.91 12.31
N VAL B 320 29.01 0.00 13.28
CA VAL B 320 28.75 -1.41 13.00
C VAL B 320 27.45 -1.87 13.63
N GLU B 321 26.63 -2.62 12.87
CA GLU B 321 25.50 -3.35 13.41
C GLU B 321 25.77 -4.82 13.16
N ILE B 322 26.12 -5.54 14.22
CA ILE B 322 26.29 -7.00 14.12
C ILE B 322 25.20 -7.66 14.94
N ASN B 323 24.39 -8.52 14.33
CA ASN B 323 23.23 -9.02 15.05
C ASN B 323 23.60 -9.81 16.30
N GLU B 324 22.97 -9.45 17.41
CA GLU B 324 23.25 -10.10 18.69
C GLU B 324 22.43 -11.37 18.85
N ALA B 325 22.62 -12.33 17.94
CA ALA B 325 21.92 -13.61 18.04
C ALA B 325 22.21 -14.22 19.41
N PHE B 326 23.49 -14.23 19.76
CA PHE B 326 23.96 -14.61 21.09
C PHE B 326 25.16 -13.75 21.38
N ALA B 327 25.41 -13.46 22.66
CA ALA B 327 26.55 -12.63 23.01
C ALA B 327 27.85 -13.18 22.42
N SER B 328 28.04 -14.50 22.47
CA SER B 328 29.31 -15.08 22.03
C SER B 328 29.57 -14.83 20.53
N VAL B 329 28.51 -14.72 19.73
CA VAL B 329 28.69 -14.48 18.30
C VAL B 329 29.38 -13.13 18.10
N VAL B 330 28.91 -12.12 18.83
CA VAL B 330 29.48 -10.78 18.71
C VAL B 330 30.89 -10.72 19.30
N LEU B 331 31.08 -11.37 20.45
CA LEU B 331 32.39 -11.33 21.10
C LEU B 331 33.44 -12.09 20.28
N SER B 332 33.00 -13.12 19.57
CA SER B 332 33.90 -13.90 18.72
C SER B 332 34.36 -13.03 17.57
N TRP B 333 33.40 -12.45 16.88
CA TRP B 333 33.65 -11.54 15.77
C TRP B 333 34.61 -10.42 16.22
N ALA B 334 34.36 -9.86 17.39
CA ALA B 334 35.20 -8.78 17.91
C ALA B 334 36.63 -9.22 18.20
N ARG B 335 36.78 -10.43 18.73
CA ARG B 335 38.11 -10.93 19.06
C ARG B 335 38.95 -11.05 17.79
N VAL B 336 38.28 -11.40 16.69
CA VAL B 336 38.95 -11.62 15.42
C VAL B 336 39.21 -10.30 14.70
N HIS B 337 38.18 -9.45 14.61
CA HIS B 337 38.28 -8.21 13.84
C HIS B 337 38.78 -6.99 14.61
N GLU B 338 38.80 -7.08 15.94
CA GLU B 338 39.31 -6.01 16.79
C GLU B 338 38.74 -4.63 16.45
N PRO B 339 37.41 -4.50 16.47
CA PRO B 339 36.77 -3.20 16.26
C PRO B 339 36.90 -2.30 17.48
N ASP B 340 36.59 -1.02 17.31
CA ASP B 340 36.39 -0.13 18.46
C ASP B 340 34.96 -0.37 18.92
N MET B 341 34.79 -0.96 20.09
CA MET B 341 33.46 -1.41 20.50
C MET B 341 32.49 -0.26 20.78
N ASP B 342 33.04 0.96 20.91
CA ASP B 342 32.22 2.16 21.03
C ASP B 342 31.49 2.45 19.73
N ARG B 343 31.85 1.74 18.67
CA ARG B 343 31.18 1.92 17.38
C ARG B 343 30.28 0.75 17.04
N VAL B 344 30.21 -0.25 17.92
CA VAL B 344 29.47 -1.48 17.64
C VAL B 344 28.12 -1.54 18.38
N ASN B 345 27.04 -1.65 17.61
CA ASN B 345 25.68 -1.72 18.17
C ASN B 345 25.47 -0.60 19.17
N VAL B 346 25.65 0.63 18.71
CA VAL B 346 25.68 1.79 19.60
C VAL B 346 24.33 2.11 20.23
N ASN B 347 23.25 1.63 19.60
CA ASN B 347 21.90 1.86 20.12
C ASN B 347 21.28 0.59 20.70
N GLY B 348 22.14 -0.34 21.11
CA GLY B 348 21.67 -1.65 21.55
C GLY B 348 21.47 -2.63 20.41
N GLY B 349 21.26 -3.89 20.76
CA GLY B 349 21.08 -4.93 19.77
C GLY B 349 20.02 -5.92 20.20
N ALA B 350 19.93 -7.04 19.48
CA ALA B 350 18.83 -7.98 19.62
C ALA B 350 18.65 -8.55 21.03
N ILE B 351 19.71 -8.56 21.83
CA ILE B 351 19.55 -9.00 23.21
C ILE B 351 18.56 -8.10 23.95
N ALA B 352 18.60 -6.79 23.65
CA ALA B 352 17.69 -5.83 24.31
C ALA B 352 16.47 -5.50 23.47
N LEU B 353 16.67 -5.40 22.15
CA LEU B 353 15.63 -4.88 21.26
C LEU B 353 14.74 -5.97 20.67
N GLY B 354 15.19 -7.22 20.71
CA GLY B 354 14.45 -8.31 20.09
C GLY B 354 14.95 -8.67 18.70
N HIS B 355 14.52 -9.82 18.19
CA HIS B 355 15.04 -10.37 16.94
C HIS B 355 13.93 -11.14 16.24
N PRO B 356 13.00 -10.41 15.59
CA PRO B 356 12.07 -11.11 14.71
C PRO B 356 12.88 -11.52 13.50
N VAL B 357 13.15 -12.82 13.39
CA VAL B 357 14.27 -13.26 12.57
C VAL B 357 14.28 -12.75 11.12
N GLY B 358 13.17 -12.85 10.41
CA GLY B 358 13.16 -12.40 9.01
C GLY B 358 13.19 -10.89 8.82
N CYS B 359 12.80 -10.18 9.88
CA CYS B 359 12.78 -8.73 9.87
C CYS B 359 14.16 -8.12 10.11
N THR B 360 14.94 -8.76 10.98
CA THR B 360 16.11 -8.07 11.53
C THR B 360 17.09 -7.48 10.51
N GLY B 361 17.31 -8.18 9.40
CA GLY B 361 18.25 -7.71 8.39
C GLY B 361 17.88 -6.35 7.83
N SER B 362 16.59 -6.14 7.59
CA SER B 362 16.14 -4.83 7.11
C SER B 362 16.13 -3.85 8.26
N ARG B 363 15.82 -4.34 9.46
CA ARG B 363 15.84 -3.50 10.66
C ARG B 363 17.25 -2.93 10.89
N LEU B 364 18.29 -3.74 10.72
CA LEU B 364 19.66 -3.28 10.99
C LEU B 364 20.13 -2.26 9.96
N ILE B 365 19.73 -2.44 8.70
CA ILE B 365 20.06 -1.45 7.67
C ILE B 365 19.35 -0.14 8.00
N THR B 366 18.10 -0.25 8.42
CA THR B 366 17.34 0.94 8.84
C THR B 366 18.02 1.65 10.01
N THR B 367 18.34 0.90 11.05
CA THR B 367 18.96 1.48 12.24
C THR B 367 20.33 2.10 11.93
N ALA B 368 21.12 1.40 11.12
CA ALA B 368 22.46 1.88 10.77
C ALA B 368 22.40 3.18 9.99
N LEU B 369 21.53 3.25 8.98
CA LEU B 369 21.40 4.49 8.20
C LEU B 369 21.03 5.67 9.08
N HIS B 370 20.04 5.48 9.95
CA HIS B 370 19.59 6.59 10.80
C HIS B 370 20.66 7.03 11.80
N GLU B 371 21.50 6.09 12.24
CA GLU B 371 22.58 6.46 13.16
C GLU B 371 23.68 7.23 12.42
N LEU B 372 24.02 6.79 11.22
CA LEU B 372 24.93 7.56 10.39
C LEU B 372 24.42 9.00 10.20
N GLU B 373 23.13 9.15 9.91
CA GLU B 373 22.57 10.48 9.72
C GLU B 373 22.58 11.29 11.01
N ARG B 374 22.21 10.65 12.12
CA ARG B 374 22.16 11.35 13.40
C ARG B 374 23.51 11.94 13.76
N THR B 375 24.57 11.20 13.45
CA THR B 375 25.92 11.60 13.85
C THR B 375 26.71 12.25 12.71
N ASP B 376 26.08 12.39 11.55
CA ASP B 376 26.75 12.94 10.37
C ASP B 376 28.03 12.18 10.03
N GLN B 377 27.94 10.85 10.03
CA GLN B 377 29.06 10.00 9.66
C GLN B 377 28.76 9.34 8.33
N SER B 378 29.69 8.52 7.82
CA SER B 378 29.66 8.13 6.41
C SER B 378 29.43 6.64 6.13
N LEU B 379 30.12 5.78 6.87
CA LEU B 379 30.16 4.34 6.55
C LEU B 379 29.63 3.46 7.67
N ALA B 380 28.81 2.47 7.31
CA ALA B 380 28.32 1.50 8.29
C ALA B 380 28.48 0.10 7.73
N LEU B 381 28.78 -0.85 8.63
CA LEU B 381 28.86 -2.26 8.28
C LEU B 381 27.75 -2.99 9.00
N ILE B 382 27.01 -3.81 8.26
CA ILE B 382 25.95 -4.62 8.83
C ILE B 382 26.32 -6.08 8.58
N THR B 383 26.32 -6.90 9.63
CA THR B 383 26.72 -8.31 9.48
C THR B 383 25.88 -9.20 10.40
N MET B 384 25.42 -10.32 9.86
CA MET B 384 24.56 -11.22 10.63
C MET B 384 24.93 -12.67 10.42
N CYS B 385 24.91 -13.44 11.52
CA CYS B 385 25.00 -14.89 11.43
C CYS B 385 23.65 -15.41 10.97
N ALA B 386 23.63 -16.63 10.44
CA ALA B 386 22.38 -17.18 9.92
C ALA B 386 22.40 -18.70 9.87
N GLY B 387 21.21 -19.27 10.01
CA GLY B 387 21.04 -20.72 9.96
C GLY B 387 21.54 -21.31 8.66
N GLY B 388 21.91 -22.59 8.70
CA GLY B 388 22.50 -23.27 7.56
C GLY B 388 23.96 -22.86 7.38
N ALA B 389 24.53 -22.24 8.42
CA ALA B 389 25.91 -21.79 8.39
C ALA B 389 26.15 -20.80 7.24
N LEU B 390 25.47 -19.66 7.35
CA LEU B 390 25.56 -18.57 6.38
C LEU B 390 25.80 -17.26 7.10
N SER B 391 26.24 -16.23 6.38
CA SER B 391 26.30 -14.89 6.96
C SER B 391 26.19 -13.82 5.88
N THR B 392 25.35 -12.82 6.13
CA THR B 392 25.22 -11.67 5.25
C THR B 392 26.09 -10.52 5.75
N GLY B 393 26.64 -9.75 4.80
CA GLY B 393 27.39 -8.57 5.14
C GLY B 393 27.09 -7.45 4.17
N THR B 394 27.03 -6.22 4.68
CA THR B 394 26.84 -5.06 3.82
C THR B 394 27.68 -3.91 4.36
N ILE B 395 28.32 -3.17 3.47
CA ILE B 395 28.86 -1.87 3.85
C ILE B 395 28.02 -0.83 3.11
N ILE B 396 27.42 0.12 3.84
CA ILE B 396 26.68 1.19 3.18
C ILE B 396 27.40 2.51 3.42
N GLU B 397 27.18 3.47 2.52
CA GLU B 397 27.75 4.79 2.68
C GLU B 397 26.66 5.85 2.50
N ARG B 398 26.71 6.92 3.30
CA ARG B 398 25.79 8.03 3.11
C ARG B 398 26.17 8.82 1.87
N ILE B 399 25.16 9.36 1.20
CA ILE B 399 25.37 10.22 0.04
C ILE B 399 25.20 11.67 0.47
N MET C 9 -29.19 21.11 28.69
CA MET C 9 -28.97 20.85 27.27
C MET C 9 -27.83 19.85 27.05
N GLY C 10 -26.61 20.36 26.93
CA GLY C 10 -25.49 19.51 26.58
C GLY C 10 -24.63 19.02 27.74
N TYR C 11 -23.96 17.88 27.52
CA TYR C 11 -23.06 17.28 28.50
C TYR C 11 -21.67 17.19 27.92
N PRO C 12 -20.84 18.22 28.15
CA PRO C 12 -19.54 18.30 27.48
C PRO C 12 -18.55 17.24 27.98
N VAL C 13 -17.94 16.53 27.04
CA VAL C 13 -16.91 15.55 27.36
C VAL C 13 -15.71 15.71 26.43
N ILE C 14 -14.52 15.40 26.92
CA ILE C 14 -13.35 15.34 26.05
C ILE C 14 -13.32 14.01 25.30
N VAL C 15 -13.05 14.06 24.00
CA VAL C 15 -12.92 12.83 23.20
C VAL C 15 -11.52 12.62 22.61
N GLU C 16 -10.76 13.69 22.47
CA GLU C 16 -9.38 13.59 22.00
CA GLU C 16 -9.39 13.60 21.99
C GLU C 16 -8.58 14.81 22.46
N ALA C 17 -7.28 14.62 22.65
CA ALA C 17 -6.41 15.71 23.07
C ALA C 17 -5.01 15.46 22.56
N THR C 18 -4.33 16.49 22.08
CA THR C 18 -2.99 16.26 21.56
C THR C 18 -2.18 17.55 21.66
N ARG C 19 -0.87 17.44 21.62
CA ARG C 19 -0.03 18.62 21.72
C ARG C 19 1.21 18.47 20.85
N SER C 20 1.78 19.60 20.44
CA SER C 20 3.09 19.54 19.79
C SER C 20 4.13 19.29 20.87
N PRO C 21 5.28 18.77 20.46
CA PRO C 21 6.42 18.88 21.35
C PRO C 21 6.65 20.36 21.63
N ILE C 22 7.32 20.69 22.73
CA ILE C 22 7.57 22.09 23.03
C ILE C 22 9.02 22.43 22.72
N GLY C 23 9.22 23.44 21.87
CA GLY C 23 10.57 23.85 21.49
C GLY C 23 11.09 24.97 22.37
N LYS C 24 12.41 25.03 22.52
CA LYS C 24 13.03 26.14 23.25
C LYS C 24 13.02 27.41 22.40
N ARG C 25 13.27 28.55 23.03
CA ARG C 25 13.40 29.81 22.31
C ARG C 25 14.47 29.70 21.22
N ASN C 26 14.10 30.08 19.99
CA ASN C 26 14.99 29.98 18.84
C ASN C 26 15.38 28.55 18.56
N GLY C 27 14.51 27.62 18.98
CA GLY C 27 14.81 26.21 18.92
C GLY C 27 14.11 25.48 17.77
N TRP C 28 13.73 24.24 18.04
CA TRP C 28 13.33 23.31 16.98
C TRP C 28 12.08 23.71 16.20
N LEU C 29 11.21 24.49 16.83
CA LEU C 29 9.96 24.90 16.18
C LEU C 29 9.98 26.35 15.75
N SER C 30 11.12 27.03 15.92
CA SER C 30 11.14 28.49 15.74
C SER C 30 11.07 28.90 14.27
N GLY C 31 11.29 27.95 13.37
CA GLY C 31 11.19 28.21 11.95
C GLY C 31 9.75 28.22 11.46
N LEU C 32 8.83 27.79 12.32
CA LEU C 32 7.41 27.79 11.95
C LEU C 32 6.72 29.10 12.32
N HIS C 33 5.83 29.53 11.46
CA HIS C 33 4.93 30.67 11.73
CA HIS C 33 5.01 30.68 11.82
C HIS C 33 3.97 30.24 12.83
N ALA C 34 3.57 31.15 13.71
CA ALA C 34 2.65 30.78 14.79
C ALA C 34 1.37 30.15 14.25
N THR C 35 0.88 30.66 13.12
CA THR C 35 -0.39 30.18 12.57
C THR C 35 -0.20 28.75 12.02
N GLU C 36 0.99 28.48 11.49
CA GLU C 36 1.31 27.15 10.97
C GLU C 36 1.36 26.11 12.10
N LEU C 37 1.99 26.48 13.21
CA LEU C 37 2.11 25.61 14.38
C LEU C 37 0.74 25.29 14.99
N LEU C 38 -0.09 26.31 15.20
CA LEU C 38 -1.41 26.06 15.75
C LEU C 38 -2.24 25.25 14.78
N GLY C 39 -2.18 25.63 13.50
CA GLY C 39 -2.94 24.95 12.47
C GLY C 39 -2.61 23.46 12.44
N ALA C 40 -1.32 23.14 12.56
CA ALA C 40 -0.92 21.73 12.51
C ALA C 40 -1.56 20.93 13.66
N VAL C 41 -1.62 21.54 14.84
CA VAL C 41 -2.16 20.87 16.01
C VAL C 41 -3.69 20.78 15.97
N GLN C 42 -4.34 21.80 15.43
CA GLN C 42 -5.79 21.77 15.24
C GLN C 42 -6.15 20.64 14.30
N LYS C 43 -5.40 20.53 13.20
CA LYS C 43 -5.68 19.47 12.24
C LYS C 43 -5.37 18.12 12.87
N ALA C 44 -4.29 18.06 13.66
CA ALA C 44 -3.86 16.79 14.25
C ALA C 44 -4.92 16.24 15.20
N VAL C 45 -5.59 17.10 15.97
CA VAL C 45 -6.56 16.59 16.93
C VAL C 45 -7.79 16.06 16.20
N VAL C 46 -8.17 16.72 15.10
CA VAL C 46 -9.26 16.21 14.26
C VAL C 46 -8.89 14.89 13.59
N ASP C 47 -7.70 14.81 13.01
CA ASP C 47 -7.28 13.56 12.35
C ASP C 47 -7.25 12.39 13.34
N LYS C 48 -6.76 12.66 14.55
CA LYS C 48 -6.62 11.63 15.57
C LYS C 48 -8.01 11.07 15.88
N ALA C 49 -8.99 11.96 15.97
CA ALA C 49 -10.37 11.54 16.28
C ALA C 49 -10.96 10.77 15.11
N GLY C 50 -10.50 11.10 13.90
CA GLY C 50 -10.97 10.43 12.70
C GLY C 50 -10.42 9.03 12.44
N ILE C 51 -9.43 8.60 13.22
CA ILE C 51 -8.81 7.28 12.99
C ILE C 51 -9.84 6.16 13.13
N GLN C 52 -10.60 6.18 14.22
CA GLN C 52 -11.59 5.13 14.46
C GLN C 52 -13.02 5.66 14.56
N SER C 53 -13.31 6.70 13.77
CA SER C 53 -14.67 7.25 13.72
C SER C 53 -14.91 7.92 12.36
N GLY C 54 -16.15 8.35 12.13
CA GLY C 54 -16.48 9.03 10.90
C GLY C 54 -16.39 10.53 11.05
N LEU C 55 -15.75 11.00 12.11
CA LEU C 55 -15.65 12.43 12.37
C LEU C 55 -14.69 13.14 11.41
N HIS C 56 -15.09 14.33 10.95
CA HIS C 56 -14.18 15.13 10.14
CA HIS C 56 -14.28 15.16 10.06
C HIS C 56 -14.17 16.59 10.58
N ALA C 57 -13.23 17.37 10.04
CA ALA C 57 -13.02 18.74 10.52
C ALA C 57 -14.28 19.59 10.40
N GLY C 58 -15.08 19.32 9.36
CA GLY C 58 -16.29 20.11 9.12
C GLY C 58 -17.37 19.88 10.15
N ASP C 59 -17.19 18.85 10.98
CA ASP C 59 -18.15 18.55 12.04
C ASP C 59 -17.92 19.42 13.27
N VAL C 60 -16.76 20.07 13.36
CA VAL C 60 -16.47 21.00 14.43
C VAL C 60 -17.28 22.27 14.21
N GLU C 61 -17.87 22.83 15.26
CA GLU C 61 -18.71 24.02 15.07
C GLU C 61 -17.98 25.32 15.46
N GLN C 62 -17.18 25.26 16.53
CA GLN C 62 -16.37 26.41 16.93
C GLN C 62 -15.04 25.97 17.50
N VAL C 63 -14.04 26.83 17.31
CA VAL C 63 -12.73 26.66 17.89
C VAL C 63 -12.51 27.87 18.80
N ILE C 64 -11.98 27.64 19.99
CA ILE C 64 -11.59 28.77 20.83
C ILE C 64 -10.14 28.51 21.24
N GLY C 65 -9.27 29.48 20.98
CA GLY C 65 -7.86 29.28 21.27
C GLY C 65 -7.27 30.37 22.15
N GLY C 66 -6.39 29.97 23.08
CA GLY C 66 -5.73 30.93 23.94
C GLY C 66 -4.42 31.38 23.32
N CYS C 67 -4.10 32.66 23.49
CA CYS C 67 -2.83 33.22 23.02
C CYS C 67 -2.61 34.50 23.78
N VAL C 68 -1.42 34.68 24.35
CA VAL C 68 -1.18 35.84 25.22
C VAL C 68 -0.76 37.10 24.46
N THR C 69 0.31 36.99 23.67
CA THR C 69 0.85 38.18 23.01
C THR C 69 0.25 38.28 21.61
N GLN C 70 -0.90 38.93 21.50
CA GLN C 70 -1.63 38.90 20.24
C GLN C 70 -1.17 40.02 19.33
N PHE C 71 0.07 39.88 18.88
CA PHE C 71 0.75 40.87 18.06
C PHE C 71 1.33 40.18 16.84
N GLY C 72 1.38 40.91 15.72
CA GLY C 72 2.03 40.39 14.53
C GLY C 72 1.43 39.09 14.08
N GLU C 73 2.25 38.06 13.90
CA GLU C 73 1.70 36.81 13.41
C GLU C 73 0.72 36.17 14.41
N GLN C 74 0.66 36.71 15.63
CA GLN C 74 -0.32 36.21 16.60
C GLN C 74 -1.52 37.15 16.79
N SER C 75 -1.65 38.16 15.94
CA SER C 75 -2.79 39.05 16.02
C SER C 75 -3.90 38.60 15.07
N ASN C 76 -4.99 39.35 15.04
CA ASN C 76 -6.08 39.13 14.10
C ASN C 76 -6.75 37.76 14.22
N ASN C 77 -7.03 37.35 15.44
CA ASN C 77 -7.73 36.09 15.70
C ASN C 77 -6.95 34.91 15.15
N ILE C 78 -5.79 34.64 15.75
CA ILE C 78 -4.94 33.57 15.27
C ILE C 78 -5.66 32.23 15.22
N SER C 79 -6.62 32.03 16.12
CA SER C 79 -7.38 30.76 16.09
C SER C 79 -8.00 30.53 14.73
N ARG C 80 -8.63 31.56 14.20
CA ARG C 80 -9.22 31.54 12.85
C ARG C 80 -8.18 31.46 11.74
N VAL C 81 -7.15 32.31 11.81
CA VAL C 81 -6.13 32.30 10.76
C VAL C 81 -5.45 30.94 10.67
N ALA C 82 -5.13 30.33 11.81
CA ALA C 82 -4.50 29.02 11.84
C ALA C 82 -5.39 27.96 11.18
N TRP C 83 -6.66 27.99 11.50
CA TRP C 83 -7.63 27.03 10.97
C TRP C 83 -7.66 27.09 9.44
N LEU C 84 -7.77 28.32 8.89
CA LEU C 84 -7.81 28.49 7.44
C LEU C 84 -6.47 28.13 6.80
N THR C 85 -5.39 28.49 7.49
CA THR C 85 -4.03 28.19 7.04
C THR C 85 -3.81 26.70 6.80
N ALA C 86 -4.34 25.90 7.73
CA ALA C 86 -4.19 24.45 7.70
C ALA C 86 -5.11 23.82 6.67
N GLY C 87 -5.93 24.65 6.02
CA GLY C 87 -6.81 24.17 4.96
C GLY C 87 -8.10 23.57 5.47
N LEU C 88 -8.47 23.91 6.71
CA LEU C 88 -9.64 23.31 7.35
C LEU C 88 -10.90 24.09 6.95
N PRO C 89 -12.08 23.46 7.12
CA PRO C 89 -13.30 24.02 6.50
C PRO C 89 -13.65 25.44 6.95
N GLU C 90 -14.05 26.27 5.99
CA GLU C 90 -14.31 27.70 6.23
CA GLU C 90 -14.26 27.69 6.29
C GLU C 90 -15.50 28.00 7.13
N HIS C 91 -16.48 27.11 7.14
CA HIS C 91 -17.72 27.40 7.89
C HIS C 91 -17.59 27.32 9.41
N VAL C 92 -16.48 26.78 9.90
CA VAL C 92 -16.25 26.63 11.33
C VAL C 92 -15.89 27.97 12.00
N GLY C 93 -16.59 28.35 13.07
CA GLY C 93 -16.28 29.61 13.74
C GLY C 93 -15.04 29.49 14.62
N ALA C 94 -14.39 30.63 14.92
CA ALA C 94 -13.19 30.61 15.77
C ALA C 94 -13.05 31.94 16.49
N THR C 95 -12.58 31.85 17.73
CA THR C 95 -12.36 33.03 18.59
C THR C 95 -11.05 32.81 19.34
N THR C 96 -10.32 33.90 19.59
CA THR C 96 -9.06 33.82 20.34
C THR C 96 -9.26 34.53 21.68
N VAL C 97 -8.73 33.95 22.76
CA VAL C 97 -8.99 34.52 24.08
C VAL C 97 -7.70 34.83 24.83
N ASP C 98 -7.77 35.81 25.71
CA ASP C 98 -6.62 36.25 26.50
C ASP C 98 -7.01 36.43 27.98
N CYS C 99 -6.58 35.49 28.82
CA CYS C 99 -6.50 35.76 30.25
C CYS C 99 -5.10 35.36 30.68
N GLN C 100 -4.13 35.87 29.91
CA GLN C 100 -2.72 35.66 30.18
C GLN C 100 -2.38 34.16 30.19
N SER C 101 -1.50 33.68 31.08
CA SER C 101 -1.13 32.28 30.95
CA SER C 101 -1.11 32.27 31.07
C SER C 101 -2.29 31.32 31.21
N GLY C 102 -3.41 31.84 31.72
CA GLY C 102 -4.60 31.02 31.90
C GLY C 102 -5.36 30.76 30.60
N SER C 103 -4.93 31.39 29.51
CA SER C 103 -5.71 31.40 28.28
C SER C 103 -6.08 30.04 27.69
N GLY C 104 -5.11 29.14 27.61
CA GLY C 104 -5.37 27.83 27.04
C GLY C 104 -6.30 27.00 27.90
N GLN C 105 -6.30 27.28 29.20
CA GLN C 105 -7.15 26.53 30.11
C GLN C 105 -8.59 27.09 30.01
N GLN C 106 -8.70 28.41 30.04
CA GLN C 106 -10.00 29.07 29.87
C GLN C 106 -10.65 28.70 28.54
N ALA C 107 -9.84 28.49 27.50
CA ALA C 107 -10.40 28.10 26.20
C ALA C 107 -11.22 26.81 26.36
N ASN C 108 -10.72 25.89 27.16
CA ASN C 108 -11.46 24.66 27.44
C ASN C 108 -12.73 24.92 28.22
N HIS C 109 -12.65 25.75 29.26
CA HIS C 109 -13.80 26.09 30.06
C HIS C 109 -14.90 26.67 29.18
N LEU C 110 -14.49 27.49 28.21
CA LEU C 110 -15.47 28.21 27.39
C LEU C 110 -16.14 27.31 26.36
N ILE C 111 -15.38 26.39 25.76
CA ILE C 111 -15.95 25.42 24.84
C ILE C 111 -16.96 24.55 25.58
N ALA C 112 -16.60 24.11 26.79
CA ALA C 112 -17.52 23.30 27.60
C ALA C 112 -18.80 24.09 27.86
N GLY C 113 -18.66 25.39 28.13
CA GLY C 113 -19.81 26.25 28.36
C GLY C 113 -20.73 26.31 27.15
N LEU C 114 -20.15 26.45 25.97
CA LEU C 114 -21.00 26.53 24.78
C LEU C 114 -21.73 25.22 24.55
N ILE C 115 -21.08 24.09 24.86
CA ILE C 115 -21.74 22.80 24.73
C ILE C 115 -22.85 22.65 25.76
N ALA C 116 -22.59 23.06 27.01
CA ALA C 116 -23.60 23.00 28.05
C ALA C 116 -24.82 23.84 27.68
N ALA C 117 -24.60 24.98 27.03
CA ALA C 117 -25.68 25.90 26.68
C ALA C 117 -26.49 25.39 25.51
N GLY C 118 -26.01 24.34 24.85
CA GLY C 118 -26.66 23.82 23.67
C GLY C 118 -26.37 24.65 22.42
N ALA C 119 -25.38 25.54 22.52
CA ALA C 119 -24.99 26.35 21.38
C ALA C 119 -24.28 25.53 20.29
N ILE C 120 -23.40 24.63 20.72
CA ILE C 120 -22.68 23.77 19.79
C ILE C 120 -22.65 22.33 20.31
N ASP C 121 -22.42 21.37 19.43
CA ASP C 121 -22.28 19.97 19.86
C ASP C 121 -20.84 19.48 19.77
N VAL C 122 -20.01 20.21 19.03
CA VAL C 122 -18.62 19.80 18.80
C VAL C 122 -17.76 21.04 18.77
N GLY C 123 -16.70 21.06 19.58
CA GLY C 123 -15.85 22.24 19.61
C GLY C 123 -14.41 21.84 19.89
N ILE C 124 -13.48 22.71 19.49
CA ILE C 124 -12.07 22.50 19.82
C ILE C 124 -11.60 23.64 20.70
N ALA C 125 -10.95 23.30 21.81
CA ALA C 125 -10.30 24.29 22.67
C ALA C 125 -8.82 24.14 22.41
N CYS C 126 -8.10 25.24 22.24
CA CYS C 126 -6.67 25.09 21.98
C CYS C 126 -5.87 26.25 22.53
N GLY C 127 -4.56 26.20 22.32
CA GLY C 127 -3.70 27.29 22.75
C GLY C 127 -2.44 27.30 21.92
N ILE C 128 -1.86 28.49 21.76
CA ILE C 128 -0.67 28.66 20.94
C ILE C 128 0.20 29.75 21.53
N GLU C 129 1.51 29.54 21.51
CA GLU C 129 2.44 30.65 21.68
C GLU C 129 3.71 30.31 20.94
N ALA C 130 4.16 31.21 20.07
CA ALA C 130 5.44 31.03 19.41
C ALA C 130 6.33 32.14 19.89
N MET C 131 6.88 31.97 21.09
CA MET C 131 7.59 33.05 21.76
C MET C 131 8.90 33.38 21.07
N SER C 132 9.37 32.48 20.20
CA SER C 132 10.58 32.76 19.44
C SER C 132 10.32 33.89 18.47
N ARG C 133 9.07 33.95 18.02
CA ARG C 133 8.67 34.86 16.95
C ARG C 133 7.90 36.07 17.47
N VAL C 134 7.17 35.89 18.57
CA VAL C 134 6.48 37.01 19.21
C VAL C 134 6.74 36.94 20.72
N GLY C 135 7.68 37.75 21.20
CA GLY C 135 8.08 37.70 22.59
C GLY C 135 7.17 38.46 23.54
N LEU C 136 7.29 38.15 24.83
CA LEU C 136 6.48 38.81 25.84
C LEU C 136 6.67 40.32 25.74
N GLY C 137 5.57 41.06 25.81
CA GLY C 137 5.64 42.52 25.80
C GLY C 137 5.58 43.11 24.41
N ALA C 138 5.64 42.27 23.38
CA ALA C 138 5.62 42.74 22.00
C ALA C 138 4.29 43.45 21.72
N ASN C 139 3.26 43.07 22.48
N ASN C 139 3.27 43.10 22.50
CA ASN C 139 1.92 43.61 22.29
CA ASN C 139 1.95 43.68 22.32
C ASN C 139 1.70 44.99 22.90
C ASN C 139 1.75 45.06 22.98
N ALA C 140 2.68 45.44 23.70
N ALA C 140 2.76 45.54 23.71
CA ALA C 140 2.70 46.82 24.12
CA ALA C 140 2.57 46.78 24.48
C ALA C 140 3.80 47.54 23.37
C ALA C 140 3.14 48.05 23.85
N GLY C 141 3.57 48.79 23.01
N GLY C 141 4.16 47.90 22.99
CA GLY C 141 4.59 49.56 22.33
CA GLY C 141 4.80 49.06 22.41
C GLY C 141 5.87 49.62 23.13
C GLY C 141 6.02 49.48 23.21
N PRO C 142 6.82 50.42 22.66
CA PRO C 142 8.15 50.69 23.24
C PRO C 142 8.08 51.28 24.65
N ASP C 143 7.18 52.23 24.87
CA ASP C 143 7.00 52.87 26.16
C ASP C 143 5.80 52.26 26.89
N ARG C 144 6.08 51.41 27.90
CA ARG C 144 5.05 50.59 28.53
C ARG C 144 4.24 51.32 29.60
N SER C 145 4.82 52.34 30.21
CA SER C 145 4.07 53.14 31.18
C SER C 145 2.79 53.67 30.53
N LEU C 146 2.74 53.62 29.20
CA LEU C 146 1.60 54.14 28.44
C LEU C 146 0.39 53.22 28.49
N ILE C 147 0.61 51.94 28.79
CA ILE C 147 -0.48 50.97 28.66
C ILE C 147 -1.41 50.97 29.88
N ARG C 148 -1.04 51.73 30.91
CA ARG C 148 -1.89 51.93 32.09
C ARG C 148 -2.30 53.39 32.22
N ALA C 149 -3.42 53.64 32.88
CA ALA C 149 -3.89 55.00 33.14
C ALA C 149 -3.08 55.63 34.28
N GLN C 150 -3.01 56.96 34.31
CA GLN C 150 -2.26 57.67 35.36
C GLN C 150 -2.83 57.35 36.74
N SER C 151 -4.13 57.15 36.82
CA SER C 151 -4.78 56.87 38.09
C SER C 151 -4.29 55.54 38.68
N TRP C 152 -3.68 54.69 37.86
CA TRP C 152 -3.21 53.38 38.30
C TRP C 152 -2.30 53.48 39.52
N ASP C 153 -2.72 52.91 40.65
CA ASP C 153 -1.92 52.95 41.86
C ASP C 153 -1.94 51.61 42.60
N ILE C 154 -1.87 50.52 41.84
CA ILE C 154 -1.87 49.19 42.43
C ILE C 154 -0.46 48.62 42.37
N ASP C 155 0.01 48.07 43.48
CA ASP C 155 1.35 47.52 43.55
C ASP C 155 1.40 46.16 42.86
N LEU C 156 1.36 46.16 41.53
CA LEU C 156 1.39 44.94 40.74
C LEU C 156 2.77 44.75 40.11
N PRO C 157 3.55 43.79 40.62
CA PRO C 157 4.95 43.66 40.21
C PRO C 157 5.08 42.86 38.92
N ASN C 158 6.24 42.92 38.27
CA ASN C 158 6.50 42.05 37.13
C ASN C 158 6.62 40.62 37.63
N GLN C 159 6.74 39.66 36.71
CA GLN C 159 6.70 38.25 37.09
C GLN C 159 7.88 37.82 37.94
N PHE C 160 9.04 38.41 37.72
CA PHE C 160 10.22 38.01 38.48
C PHE C 160 10.14 38.49 39.93
N GLU C 161 9.69 39.72 40.14
CA GLU C 161 9.49 40.26 41.48
CA GLU C 161 9.51 40.25 41.49
C GLU C 161 8.41 39.50 42.24
N ALA C 162 7.35 39.12 41.52
CA ALA C 162 6.28 38.33 42.11
C ALA C 162 6.87 37.04 42.71
N ALA C 163 7.69 36.35 41.92
CA ALA C 163 8.28 35.10 42.36
C ALA C 163 9.06 35.27 43.66
N GLU C 164 9.71 36.42 43.82
CA GLU C 164 10.50 36.66 45.02
C GLU C 164 9.61 37.08 46.19
N ARG C 165 8.56 37.85 45.92
CA ARG C 165 7.63 38.20 46.98
C ARG C 165 6.94 36.96 47.53
N ILE C 166 6.57 36.05 46.64
CA ILE C 166 5.94 34.80 47.04
C ILE C 166 6.91 33.98 47.90
N ALA C 167 8.16 33.92 47.46
CA ALA C 167 9.18 33.21 48.22
C ALA C 167 9.33 33.77 49.64
N LYS C 168 9.33 35.09 49.77
CA LYS C 168 9.51 35.71 51.08
C LYS C 168 8.28 35.46 51.94
N ARG C 169 7.10 35.53 51.33
CA ARG C 169 5.86 35.30 52.04
C ARG C 169 5.83 33.93 52.71
N ARG C 170 6.43 32.94 52.05
CA ARG C 170 6.32 31.55 52.47
C ARG C 170 7.57 31.00 53.17
N GLY C 171 8.65 31.79 53.19
CA GLY C 171 9.90 31.32 53.76
C GLY C 171 10.62 30.34 52.84
N ILE C 172 10.43 30.52 51.54
CA ILE C 172 11.04 29.64 50.54
C ILE C 172 12.45 30.10 50.20
N THR C 173 13.40 29.16 50.24
CA THR C 173 14.81 29.49 50.06
C THR C 173 15.37 29.04 48.70
N ARG C 174 16.50 29.62 48.32
CA ARG C 174 17.24 29.22 47.12
C ARG C 174 17.40 27.70 47.06
N GLU C 175 17.67 27.10 48.22
CA GLU C 175 17.85 25.65 48.28
C GLU C 175 16.54 24.93 47.99
N ASP C 176 15.45 25.42 48.57
CA ASP C 176 14.12 24.83 48.36
C ASP C 176 13.77 24.77 46.88
N VAL C 177 14.01 25.89 46.17
CA VAL C 177 13.63 25.94 44.76
C VAL C 177 14.57 25.13 43.87
N ASP C 178 15.86 25.08 44.20
CA ASP C 178 16.78 24.24 43.44
C ASP C 178 16.40 22.77 43.55
N VAL C 179 16.01 22.35 44.75
CA VAL C 179 15.52 20.99 44.96
C VAL C 179 14.31 20.74 44.06
N PHE C 180 13.40 21.69 44.00
CA PHE C 180 12.21 21.53 43.18
C PHE C 180 12.54 21.54 41.67
N GLY C 181 13.42 22.44 41.24
CA GLY C 181 13.82 22.49 39.84
C GLY C 181 14.52 21.23 39.36
N LEU C 182 15.29 20.61 40.25
CA LEU C 182 15.95 19.36 39.93
C LEU C 182 14.93 18.24 39.72
N GLU C 183 13.90 18.19 40.57
CA GLU C 183 12.91 17.13 40.50
C GLU C 183 12.05 17.30 39.25
N SER C 184 11.82 18.54 38.84
CA SER C 184 11.07 18.81 37.61
C SER C 184 11.81 18.19 36.42
N GLN C 185 13.09 18.49 36.30
CA GLN C 185 13.90 17.89 35.23
C GLN C 185 13.98 16.37 35.35
N ARG C 186 14.13 15.86 36.57
CA ARG C 186 14.17 14.40 36.76
C ARG C 186 12.89 13.72 36.29
N ARG C 187 11.74 14.30 36.66
CA ARG C 187 10.45 13.71 36.30
C ARG C 187 10.13 13.84 34.82
N ALA C 188 10.58 14.93 34.21
CA ALA C 188 10.38 15.11 32.78
C ALA C 188 11.18 14.07 32.00
N GLN C 189 12.43 13.86 32.41
CA GLN C 189 13.28 12.87 31.76
C GLN C 189 12.73 11.45 31.98
N ARG C 190 12.19 11.20 33.17
CA ARG C 190 11.60 9.88 33.47
C ARG C 190 10.39 9.64 32.57
N ALA C 191 9.56 10.67 32.41
CA ALA C 191 8.39 10.56 31.56
C ALA C 191 8.81 10.24 30.13
N TRP C 192 9.80 10.96 29.62
CA TRP C 192 10.28 10.68 28.26
C TRP C 192 11.00 9.35 28.13
N ALA C 193 11.68 8.91 29.18
CA ALA C 193 12.39 7.63 29.12
C ALA C 193 11.40 6.47 29.10
N GLU C 194 10.27 6.65 29.78
CA GLU C 194 9.27 5.59 29.90
C GLU C 194 8.24 5.64 28.79
N GLY C 195 8.12 6.77 28.10
CA GLY C 195 7.21 6.89 26.97
C GLY C 195 5.85 7.40 27.39
N ARG C 196 5.80 8.09 28.52
CA ARG C 196 4.52 8.57 29.03
C ARG C 196 3.87 9.59 28.11
N PHE C 197 4.67 10.33 27.36
CA PHE C 197 4.12 11.39 26.50
C PHE C 197 3.83 10.92 25.08
N ASP C 198 4.10 9.65 24.78
CA ASP C 198 3.98 9.20 23.39
C ASP C 198 2.55 9.39 22.87
N ARG C 199 1.57 9.01 23.67
CA ARG C 199 0.18 9.08 23.24
C ARG C 199 -0.26 10.51 22.92
N GLU C 200 0.13 11.47 23.75
CA GLU C 200 -0.42 12.83 23.65
C GLU C 200 0.28 13.72 22.63
N ILE C 201 1.44 13.27 22.15
CA ILE C 201 2.25 14.09 21.25
C ILE C 201 1.91 13.90 19.78
N SER C 202 1.70 15.00 19.07
CA SER C 202 1.65 14.96 17.61
C SER C 202 2.97 15.52 17.10
N PRO C 203 3.82 14.66 16.53
CA PRO C 203 5.08 15.13 15.93
C PRO C 203 4.79 16.17 14.86
N ILE C 204 5.63 17.20 14.78
CA ILE C 204 5.35 18.35 13.92
C ILE C 204 6.46 18.54 12.89
N GLN C 205 6.09 18.73 11.63
CA GLN C 205 7.06 19.04 10.58
CA GLN C 205 7.06 19.04 10.58
C GLN C 205 7.52 20.49 10.73
N ALA C 206 8.83 20.70 10.84
CA ALA C 206 9.37 22.05 10.99
C ALA C 206 10.58 22.30 10.11
N PRO C 207 10.73 23.54 9.62
CA PRO C 207 11.93 23.87 8.84
C PRO C 207 13.19 23.63 9.66
N VAL C 208 14.13 22.85 9.13
CA VAL C 208 15.42 22.62 9.79
C VAL C 208 16.25 23.91 9.72
N LEU C 209 17.07 24.14 10.74
CA LEU C 209 17.84 25.38 10.81
C LEU C 209 19.33 25.18 11.10
N ASP C 210 20.12 26.19 10.76
CA ASP C 210 21.56 26.27 10.98
CA ASP C 210 21.56 26.05 11.01
C ASP C 210 21.95 26.47 12.43
N GLU C 211 23.16 26.99 12.60
CA GLU C 211 23.59 27.55 13.88
C GLU C 211 23.44 29.06 13.78
N GLN C 212 23.15 29.54 12.57
CA GLN C 212 22.69 30.91 12.39
C GLN C 212 21.17 30.91 12.38
N ASN C 213 20.60 29.73 12.62
CA ASN C 213 19.15 29.55 12.70
C ASN C 213 18.38 30.06 11.47
N GLN C 214 19.03 30.04 10.31
CA GLN C 214 18.36 30.31 9.05
C GLN C 214 17.89 29.00 8.45
N PRO C 215 16.76 29.03 7.73
CA PRO C 215 16.26 27.79 7.10
C PRO C 215 17.25 27.24 6.09
N THR C 216 17.33 25.91 6.01
CA THR C 216 18.23 25.23 5.08
C THR C 216 17.46 24.87 3.82
N GLY C 217 16.13 24.91 3.93
CA GLY C 217 15.26 24.48 2.87
C GLY C 217 14.71 23.11 3.21
N GLU C 218 15.28 22.50 4.24
CA GLU C 218 14.90 21.16 4.68
C GLU C 218 13.80 21.21 5.74
N ARG C 219 12.89 20.24 5.70
CA ARG C 219 11.82 20.13 6.69
C ARG C 219 11.83 18.74 7.35
N ARG C 220 11.79 18.72 8.69
CA ARG C 220 11.88 17.45 9.40
CA ARG C 220 11.98 17.51 9.49
C ARG C 220 10.90 17.38 10.56
N LEU C 221 10.52 16.15 10.91
CA LEU C 221 9.64 15.93 12.06
C LEU C 221 10.38 16.24 13.37
N VAL C 222 9.70 16.95 14.27
CA VAL C 222 10.19 17.19 15.62
C VAL C 222 9.30 16.37 16.55
N PHE C 223 9.92 15.58 17.43
CA PHE C 223 9.17 14.60 18.23
C PHE C 223 9.08 14.93 19.72
N ARG C 224 10.12 15.55 20.26
CA ARG C 224 10.25 15.62 21.72
C ARG C 224 10.41 17.03 22.26
N ASP C 225 10.08 17.20 23.54
CA ASP C 225 10.28 18.48 24.21
C ASP C 225 11.76 18.82 24.31
N GLN C 226 12.11 20.01 23.88
CA GLN C 226 13.52 20.38 23.74
C GLN C 226 14.13 20.83 25.07
N GLY C 227 13.28 21.21 26.02
CA GLY C 227 13.73 21.83 27.26
C GLY C 227 14.46 20.93 28.23
N LEU C 228 14.36 19.61 28.04
CA LEU C 228 15.06 18.69 28.94
C LEU C 228 16.57 18.79 28.81
N ARG C 229 17.26 18.72 29.94
CA ARG C 229 18.71 18.67 29.93
C ARG C 229 19.22 18.09 31.23
N GLU C 230 20.40 17.47 31.18
CA GLU C 230 20.96 16.85 32.38
C GLU C 230 21.18 17.92 33.43
N THR C 231 20.58 17.70 34.59
CA THR C 231 20.59 18.71 35.65
C THR C 231 21.06 18.07 36.95
N THR C 232 21.90 18.79 37.69
CA THR C 232 22.36 18.34 38.99
C THR C 232 22.20 19.48 39.99
N MET C 233 22.15 19.13 41.27
CA MET C 233 22.06 20.14 42.32
C MET C 233 23.23 21.12 42.25
N ALA C 234 24.43 20.58 42.02
CA ALA C 234 25.63 21.41 41.90
C ALA C 234 25.48 22.39 40.75
N GLY C 235 25.01 21.88 39.62
CA GLY C 235 24.77 22.72 38.45
C GLY C 235 23.81 23.85 38.74
N LEU C 236 22.70 23.54 39.41
CA LEU C 236 21.71 24.55 39.77
C LEU C 236 22.22 25.56 40.79
N GLY C 237 22.98 25.09 41.78
CA GLY C 237 23.49 25.95 42.83
C GLY C 237 24.46 27.00 42.30
N GLU C 238 24.92 26.78 41.07
CA GLU C 238 25.90 27.65 40.45
C GLU C 238 25.27 28.75 39.59
N LEU C 239 23.99 28.64 39.29
CA LEU C 239 23.38 29.57 38.35
C LEU C 239 23.15 30.95 38.97
N LYS C 240 23.19 31.98 38.13
CA LYS C 240 23.00 33.35 38.59
C LYS C 240 21.52 33.67 38.66
N PRO C 241 21.09 34.25 39.79
CA PRO C 241 19.70 34.70 39.94
C PRO C 241 19.30 35.76 38.92
N VAL C 242 18.06 35.71 38.43
N VAL C 242 18.09 35.65 38.39
CA VAL C 242 17.58 36.69 37.46
CA VAL C 242 17.47 36.77 37.73
C VAL C 242 17.63 38.13 38.00
C VAL C 242 17.12 37.67 38.88
N LEU C 243 17.24 38.30 39.26
N LEU C 243 17.45 38.96 38.77
CA LEU C 243 17.26 39.60 39.92
CA LEU C 243 17.21 39.87 39.88
C LEU C 243 18.32 39.61 41.02
C LEU C 243 18.24 39.68 40.98
N GLU C 244 19.02 40.73 41.21
CA GLU C 244 19.99 40.76 42.30
C GLU C 244 19.26 40.51 43.61
N GLY C 245 19.76 39.58 44.41
CA GLY C 245 19.14 39.27 45.68
C GLY C 245 18.04 38.22 45.60
N GLY C 246 17.65 37.84 44.38
CA GLY C 246 16.61 36.84 44.19
C GLY C 246 17.12 35.42 44.34
N ILE C 247 16.18 34.48 44.43
CA ILE C 247 16.53 33.06 44.54
C ILE C 247 16.28 32.30 43.24
N HIS C 248 15.50 32.89 42.32
CA HIS C 248 15.19 32.19 41.08
C HIS C 248 16.23 32.41 39.99
N THR C 249 16.52 31.34 39.25
CA THR C 249 17.45 31.36 38.14
C THR C 249 16.78 30.73 36.92
N ALA C 250 17.53 30.57 35.83
CA ALA C 250 16.98 29.93 34.65
C ALA C 250 16.58 28.49 34.98
N GLY C 251 17.23 27.93 36.00
CA GLY C 251 16.98 26.53 36.37
C GLY C 251 15.78 26.32 37.26
N THR C 252 15.19 27.41 37.76
CA THR C 252 14.04 27.31 38.65
C THR C 252 12.89 28.19 38.16
N SER C 253 12.98 28.61 36.90
CA SER C 253 11.94 29.41 36.25
C SER C 253 11.46 28.69 35.00
N SER C 254 10.22 28.93 34.61
CA SER C 254 9.72 28.37 33.35
C SER C 254 10.61 28.84 32.20
N GLN C 255 10.69 28.02 31.15
CA GLN C 255 11.47 28.39 29.97
C GLN C 255 10.61 29.17 29.00
N ILE C 256 11.24 29.99 28.16
CA ILE C 256 10.53 30.64 27.05
C ILE C 256 10.49 29.62 25.91
N SER C 257 9.30 29.39 25.35
CA SER C 257 9.08 28.23 24.47
C SER C 257 8.12 28.46 23.31
N ASP C 258 8.10 27.52 22.37
CA ASP C 258 7.14 27.48 21.28
C ASP C 258 6.31 26.21 21.39
N GLY C 259 4.99 26.32 21.24
CA GLY C 259 4.18 25.11 21.30
C GLY C 259 2.71 25.39 21.07
N ALA C 260 1.93 24.35 20.77
CA ALA C 260 0.49 24.47 20.67
C ALA C 260 -0.14 23.18 21.19
N ALA C 261 -1.42 23.25 21.59
CA ALA C 261 -2.12 22.07 22.05
C ALA C 261 -3.60 22.22 21.72
N ALA C 262 -4.30 21.10 21.59
CA ALA C 262 -5.72 21.17 21.23
C ALA C 262 -6.49 20.02 21.84
N VAL C 263 -7.74 20.32 22.24
CA VAL C 263 -8.59 19.34 22.90
C VAL C 263 -9.93 19.34 22.17
N LEU C 264 -10.39 18.18 21.75
CA LEU C 264 -11.66 18.07 21.03
C LEU C 264 -12.78 17.70 22.01
N TRP C 265 -13.82 18.54 22.07
CA TRP C 265 -14.93 18.38 23.02
C TRP C 265 -16.22 18.09 22.26
N MET C 266 -17.08 17.26 22.83
CA MET C 266 -18.38 17.01 22.25
C MET C 266 -19.44 16.84 23.32
N ASP C 267 -20.69 17.08 22.95
CA ASP C 267 -21.79 16.60 23.79
C ASP C 267 -21.70 15.07 23.83
N GLU C 268 -21.89 14.49 25.01
CA GLU C 268 -21.66 13.06 25.18
C GLU C 268 -22.48 12.20 24.21
N ALA C 269 -23.77 12.49 24.07
CA ALA C 269 -24.62 11.72 23.18
C ALA C 269 -24.12 11.78 21.75
N VAL C 270 -23.68 12.96 21.33
CA VAL C 270 -23.14 13.16 19.98
C VAL C 270 -21.85 12.38 19.82
N ALA C 271 -20.99 12.43 20.83
CA ALA C 271 -19.78 11.59 20.84
C ALA C 271 -20.13 10.13 20.56
N ARG C 272 -21.05 9.56 21.34
CA ARG C 272 -21.39 8.14 21.19
C ARG C 272 -21.99 7.81 19.82
N ALA C 273 -22.84 8.68 19.31
CA ALA C 273 -23.44 8.50 17.99
C ALA C 273 -22.39 8.54 16.87
N HIS C 274 -21.29 9.25 17.12
CA HIS C 274 -20.18 9.31 16.17
C HIS C 274 -19.25 8.11 16.34
N GLY C 275 -19.47 7.31 17.38
CA GLY C 275 -18.58 6.19 17.65
C GLY C 275 -17.31 6.60 18.38
N LEU C 276 -17.32 7.75 19.03
CA LEU C 276 -16.17 8.21 19.81
C LEU C 276 -16.38 7.95 21.30
N THR C 277 -15.29 7.72 22.02
CA THR C 277 -15.36 7.40 23.45
C THR C 277 -15.20 8.63 24.33
N PRO C 278 -16.25 8.94 25.12
CA PRO C 278 -16.12 10.03 26.10
C PRO C 278 -15.03 9.67 27.09
N ARG C 279 -14.05 10.56 27.26
CA ARG C 279 -12.87 10.22 28.06
C ARG C 279 -12.79 10.94 29.40
N ALA C 280 -13.33 12.17 29.47
CA ALA C 280 -13.35 12.92 30.72
C ALA C 280 -14.38 14.03 30.68
N ARG C 281 -14.72 14.54 31.86
CA ARG C 281 -15.61 15.71 31.92
C ARG C 281 -15.09 16.65 33.00
N ILE C 282 -15.57 17.89 32.97
CA ILE C 282 -15.28 18.86 34.01
C ILE C 282 -16.19 18.70 35.22
N VAL C 283 -15.60 18.55 36.40
CA VAL C 283 -16.34 18.49 37.65
C VAL C 283 -16.59 19.91 38.15
N ALA C 284 -15.56 20.75 38.06
CA ALA C 284 -15.68 22.15 38.45
C ALA C 284 -14.64 22.98 37.70
N GLN C 285 -14.99 24.21 37.35
CA GLN C 285 -14.04 25.10 36.68
C GLN C 285 -14.13 26.49 37.26
N ALA C 286 -13.04 27.24 37.14
CA ALA C 286 -13.05 28.62 37.62
C ALA C 286 -11.94 29.45 37.02
N LEU C 287 -12.19 30.76 36.96
CA LEU C 287 -11.15 31.75 36.71
C LEU C 287 -11.37 32.82 37.76
N VAL C 288 -10.42 32.95 38.68
CA VAL C 288 -10.57 33.88 39.78
C VAL C 288 -9.49 34.95 39.77
N GLY C 289 -9.76 36.04 40.47
CA GLY C 289 -8.74 37.06 40.70
C GLY C 289 -7.89 36.69 41.89
N ALA C 290 -6.62 37.10 41.85
CA ALA C 290 -5.70 36.84 42.95
C ALA C 290 -5.23 38.12 43.60
N GLU C 291 -4.41 37.99 44.64
CA GLU C 291 -3.87 39.16 45.33
C GLU C 291 -2.81 39.83 44.47
N PRO C 292 -3.04 41.10 44.12
CA PRO C 292 -2.15 41.84 43.22
C PRO C 292 -0.70 41.94 43.72
N TYR C 293 -0.50 42.24 45.00
CA TYR C 293 0.85 42.38 45.52
C TYR C 293 1.74 41.18 45.20
N TYR C 294 1.19 39.97 45.32
CA TYR C 294 1.96 38.76 45.04
C TYR C 294 1.85 38.34 43.59
N HIS C 295 0.73 38.68 42.97
CA HIS C 295 0.53 38.54 41.53
C HIS C 295 0.27 37.08 41.12
N LEU C 296 1.21 36.19 41.45
CA LEU C 296 1.17 34.83 40.92
C LEU C 296 0.85 33.74 41.96
N ASP C 297 0.23 34.13 43.07
CA ASP C 297 -0.11 33.15 44.11
C ASP C 297 -1.57 32.68 44.00
N GLY C 298 -2.22 33.00 42.88
CA GLY C 298 -3.62 32.67 42.66
C GLY C 298 -4.00 31.20 42.62
N PRO C 299 -3.02 30.32 42.34
CA PRO C 299 -3.41 28.90 42.38
C PRO C 299 -3.99 28.53 43.75
N VAL C 300 -3.59 29.24 44.80
CA VAL C 300 -4.18 29.01 46.11
C VAL C 300 -5.69 29.24 46.04
N GLN C 301 -6.10 30.37 45.45
CA GLN C 301 -7.51 30.74 45.37
C GLN C 301 -8.29 29.94 44.34
N SER C 302 -7.70 29.69 43.17
CA SER C 302 -8.42 28.94 42.16
C SER C 302 -8.59 27.48 42.61
N THR C 303 -7.58 26.93 43.28
CA THR C 303 -7.70 25.59 43.84
C THR C 303 -8.82 25.54 44.91
N ALA C 304 -8.85 26.52 45.79
CA ALA C 304 -9.85 26.51 46.84
C ALA C 304 -11.24 26.55 46.21
N LYS C 305 -11.39 27.33 45.15
CA LYS C 305 -12.72 27.52 44.55
C LYS C 305 -13.25 26.26 43.86
N VAL C 306 -12.41 25.58 43.09
CA VAL C 306 -12.89 24.37 42.41
C VAL C 306 -13.14 23.21 43.38
N LEU C 307 -12.31 23.10 44.41
CA LEU C 307 -12.55 22.10 45.44
C LEU C 307 -13.89 22.36 46.12
N GLU C 308 -14.15 23.64 46.41
CA GLU C 308 -15.39 24.05 47.06
C GLU C 308 -16.60 23.72 46.20
N LYS C 309 -16.53 24.09 44.92
CA LYS C 309 -17.61 23.81 43.97
C LYS C 309 -17.84 22.31 43.83
N ALA C 310 -16.74 21.55 43.78
CA ALA C 310 -16.80 20.09 43.59
C ALA C 310 -17.17 19.34 44.86
N GLY C 311 -17.09 20.01 46.01
CA GLY C 311 -17.34 19.37 47.28
C GLY C 311 -16.22 18.41 47.63
N MET C 312 -15.01 18.73 47.21
CA MET C 312 -13.87 17.85 47.42
C MET C 312 -12.79 18.49 48.29
N LYS C 313 -11.84 17.67 48.75
CA LYS C 313 -10.63 18.15 49.41
C LYS C 313 -9.44 17.72 48.57
N ILE C 314 -8.27 18.30 48.82
CA ILE C 314 -7.10 17.99 48.00
C ILE C 314 -6.79 16.48 47.96
N GLY C 315 -7.08 15.77 49.04
CA GLY C 315 -6.78 14.34 49.10
C GLY C 315 -7.59 13.49 48.14
N ASP C 316 -8.71 14.03 47.65
CA ASP C 316 -9.55 13.33 46.67
C ASP C 316 -8.94 13.33 45.27
N ILE C 317 -7.99 14.24 45.05
CA ILE C 317 -7.40 14.44 43.73
C ILE C 317 -6.24 13.49 43.47
N ASP C 318 -6.28 12.79 42.34
CA ASP C 318 -5.26 11.77 42.08
C ASP C 318 -3.99 12.35 41.44
N ILE C 319 -4.21 13.33 40.57
CA ILE C 319 -3.15 13.90 39.75
C ILE C 319 -3.31 15.41 39.72
N VAL C 320 -2.24 16.15 40.02
CA VAL C 320 -2.30 17.61 39.96
C VAL C 320 -1.32 18.13 38.91
N GLU C 321 -1.80 19.04 38.06
CA GLU C 321 -0.92 19.82 37.19
C GLU C 321 -1.02 21.28 37.61
N ILE C 322 0.02 21.77 38.28
CA ILE C 322 0.10 23.19 38.65
C ILE C 322 1.25 23.81 37.87
N ASN C 323 0.99 24.87 37.12
CA ASN C 323 2.04 25.36 36.23
C ASN C 323 3.28 25.93 36.94
N GLU C 324 4.45 25.43 36.54
CA GLU C 324 5.71 25.83 37.14
C GLU C 324 6.24 27.14 36.56
N ALA C 325 5.46 28.22 36.66
CA ALA C 325 5.90 29.53 36.20
C ALA C 325 7.23 29.85 36.86
N PHE C 326 7.27 29.65 38.18
CA PHE C 326 8.50 29.74 38.95
C PHE C 326 8.37 28.73 40.07
N ALA C 327 9.49 28.21 40.59
CA ALA C 327 9.41 27.21 41.64
C ALA C 327 8.61 27.71 42.85
N SER C 328 8.78 28.97 43.24
CA SER C 328 8.10 29.47 44.44
C SER C 328 6.58 29.44 44.32
N VAL C 329 6.05 29.58 43.11
CA VAL C 329 4.61 29.51 42.91
C VAL C 329 4.08 28.15 43.34
N VAL C 330 4.79 27.10 42.94
CA VAL C 330 4.39 25.73 43.26
C VAL C 330 4.57 25.43 44.76
N LEU C 331 5.72 25.81 45.31
CA LEU C 331 5.99 25.54 46.72
C LEU C 331 5.04 26.31 47.63
N SER C 332 4.68 27.53 47.22
CA SER C 332 3.73 28.33 47.99
C SER C 332 2.38 27.62 48.04
N TRP C 333 1.88 27.26 46.86
CA TRP C 333 0.63 26.51 46.75
C TRP C 333 0.67 25.25 47.64
N ALA C 334 1.77 24.50 47.58
CA ALA C 334 1.87 23.24 48.31
C ALA C 334 1.92 23.44 49.83
N ARG C 335 2.53 24.54 50.26
CA ARG C 335 2.59 24.86 51.68
C ARG C 335 1.23 25.25 52.24
N VAL C 336 0.36 25.77 51.38
CA VAL C 336 -1.00 26.13 51.79
C VAL C 336 -1.95 24.92 51.71
N HIS C 337 -1.92 24.21 50.58
CA HIS C 337 -2.90 23.14 50.33
C HIS C 337 -2.45 21.75 50.79
N GLU C 338 -1.15 21.58 51.02
CA GLU C 338 -0.60 20.34 51.57
C GLU C 338 -0.97 19.04 50.82
N PRO C 339 -0.68 18.99 49.51
CA PRO C 339 -0.90 17.80 48.71
C PRO C 339 0.23 16.80 48.95
N ASP C 340 0.04 15.58 48.48
CA ASP C 340 1.12 14.62 48.39
C ASP C 340 1.92 14.99 47.15
N MET C 341 3.19 15.37 47.30
CA MET C 341 3.96 15.87 46.17
C MET C 341 4.30 14.78 45.13
N ASP C 342 4.11 13.52 45.52
CA ASP C 342 4.25 12.42 44.56
C ASP C 342 3.12 12.43 43.53
N ARG C 343 2.10 13.25 43.77
CA ARG C 343 0.97 13.40 42.84
C ARG C 343 1.01 14.69 42.02
N VAL C 344 2.00 15.54 42.28
CA VAL C 344 2.04 16.88 41.67
C VAL C 344 3.07 16.94 40.55
N ASN C 345 2.63 17.34 39.35
CA ASN C 345 3.52 17.43 38.18
C ASN C 345 4.37 16.18 38.05
N VAL C 346 3.70 15.04 37.92
CA VAL C 346 4.40 13.75 37.99
C VAL C 346 5.24 13.49 36.76
N ASN C 347 4.99 14.22 35.69
CA ASN C 347 5.73 14.04 34.45
C ASN C 347 6.63 15.23 34.14
N GLY C 348 6.92 16.02 35.19
CA GLY C 348 7.69 17.23 35.02
C GLY C 348 6.79 18.41 34.75
N GLY C 349 7.38 19.60 34.82
CA GLY C 349 6.59 20.80 34.54
C GLY C 349 7.38 21.80 33.73
N ALA C 350 6.82 23.01 33.63
CA ALA C 350 7.33 24.06 32.75
C ALA C 350 8.80 24.40 32.96
N ILE C 351 9.31 24.19 34.16
CA ILE C 351 10.73 24.44 34.40
C ILE C 351 11.56 23.57 33.45
N ALA C 352 11.11 22.34 33.21
CA ALA C 352 11.82 21.40 32.36
C ALA C 352 11.23 21.30 30.96
N LEU C 353 9.90 21.39 30.87
CA LEU C 353 9.20 21.14 29.62
C LEU C 353 9.01 22.40 28.79
N GLY C 354 9.06 23.57 29.42
CA GLY C 354 8.85 24.80 28.69
C GLY C 354 7.45 25.34 28.91
N HIS C 355 7.25 26.61 28.59
CA HIS C 355 6.00 27.27 28.89
C HIS C 355 5.65 28.24 27.77
N PRO C 356 5.14 27.71 26.64
CA PRO C 356 4.58 28.61 25.62
C PRO C 356 3.28 29.14 26.19
N VAL C 357 3.29 30.40 26.65
CA VAL C 357 2.31 30.85 27.62
C VAL C 357 0.84 30.58 27.25
N GLY C 358 0.44 30.91 26.02
CA GLY C 358 -0.95 30.72 25.63
C GLY C 358 -1.32 29.27 25.40
N CYS C 359 -0.32 28.43 25.15
CA CYS C 359 -0.56 27.01 24.89
C CYS C 359 -0.72 26.21 26.18
N THR C 360 0.01 26.60 27.22
CA THR C 360 0.17 25.75 28.40
C THR C 360 -1.12 25.25 29.05
N GLY C 361 -2.13 26.13 29.13
CA GLY C 361 -3.42 25.73 29.69
C GLY C 361 -4.02 24.51 29.01
N SER C 362 -4.01 24.48 27.69
CA SER C 362 -4.51 23.32 26.98
C SER C 362 -3.54 22.15 27.08
N ARG C 363 -2.25 22.47 27.15
CA ARG C 363 -1.23 21.44 27.33
C ARG C 363 -1.42 20.69 28.64
N LEU C 364 -1.71 21.41 29.73
CA LEU C 364 -1.81 20.77 31.04
C LEU C 364 -3.04 19.87 31.12
N ILE C 365 -4.14 20.31 30.53
CA ILE C 365 -5.32 19.46 30.48
C ILE C 365 -5.00 18.20 29.69
N THR C 366 -4.27 18.36 28.59
CA THR C 366 -3.87 17.20 27.78
C THR C 366 -3.00 16.24 28.57
N THR C 367 -2.01 16.78 29.28
CA THR C 367 -1.07 15.95 30.02
C THR C 367 -1.79 15.26 31.19
N ALA C 368 -2.63 16.00 31.89
CA ALA C 368 -3.36 15.45 33.04
C ALA C 368 -4.28 14.28 32.63
N LEU C 369 -5.04 14.46 31.54
CA LEU C 369 -5.94 13.41 31.09
C LEU C 369 -5.16 12.15 30.75
N HIS C 370 -4.07 12.31 29.99
CA HIS C 370 -3.31 11.15 29.57
C HIS C 370 -2.68 10.44 30.77
N GLU C 371 -2.30 11.19 31.80
CA GLU C 371 -1.73 10.55 32.98
C GLU C 371 -2.81 9.83 33.80
N LEU C 372 -4.02 10.40 33.89
CA LEU C 372 -5.12 9.69 34.54
C LEU C 372 -5.37 8.36 33.82
N GLU C 373 -5.30 8.40 32.50
CA GLU C 373 -5.57 7.20 31.70
C GLU C 373 -4.46 6.18 31.86
N ARG C 374 -3.22 6.65 31.84
CA ARG C 374 -2.07 5.74 31.96
C ARG C 374 -2.07 5.00 33.28
N THR C 375 -2.52 5.68 34.34
CA THR C 375 -2.50 5.11 35.68
C THR C 375 -3.86 4.55 36.12
N ASP C 376 -4.85 4.67 35.25
CA ASP C 376 -6.21 4.23 35.56
C ASP C 376 -6.72 4.88 36.84
N GLN C 377 -6.56 6.20 36.94
CA GLN C 377 -7.07 6.96 38.07
C GLN C 377 -8.23 7.85 37.63
N SER C 378 -8.83 8.57 38.58
CA SER C 378 -10.11 9.23 38.34
CA SER C 378 -10.11 9.22 38.35
C SER C 378 -10.08 10.76 38.24
N LEU C 379 -9.46 11.42 39.22
CA LEU C 379 -9.56 12.87 39.33
C LEU C 379 -8.25 13.64 39.18
N ALA C 380 -8.28 14.71 38.38
CA ALA C 380 -7.11 15.57 38.23
C ALA C 380 -7.48 17.03 38.46
N LEU C 381 -6.57 17.76 39.10
CA LEU C 381 -6.72 19.20 39.29
C LEU C 381 -5.68 19.90 38.42
N ILE C 382 -6.12 20.90 37.65
CA ILE C 382 -5.20 21.70 36.85
C ILE C 382 -5.33 23.13 37.37
N THR C 383 -4.22 23.75 37.74
CA THR C 383 -4.26 25.12 38.28
C THR C 383 -3.07 25.94 37.77
N MET C 384 -3.33 27.18 37.38
CA MET C 384 -2.28 28.05 36.82
C MET C 384 -2.36 29.47 37.37
N CYS C 385 -1.19 30.04 37.67
CA CYS C 385 -1.17 31.47 37.92
C CYS C 385 -1.23 32.20 36.58
N ALA C 386 -1.53 33.49 36.61
CA ALA C 386 -1.61 34.26 35.38
C ALA C 386 -1.41 35.76 35.62
N GLY C 387 -0.88 36.43 34.61
CA GLY C 387 -0.71 37.88 34.66
C GLY C 387 -2.01 38.61 34.93
N GLY C 388 -1.89 39.79 35.51
CA GLY C 388 -3.07 40.56 35.91
C GLY C 388 -3.62 40.07 37.23
N ALA C 389 -2.84 39.24 37.92
CA ALA C 389 -3.27 38.64 39.19
C ALA C 389 -4.55 37.84 39.00
N LEU C 390 -4.44 36.78 38.19
CA LEU C 390 -5.54 35.88 37.90
C LEU C 390 -5.08 34.44 38.10
N SER C 391 -6.04 33.51 38.16
CA SER C 391 -5.70 32.09 38.18
C SER C 391 -6.86 31.23 37.70
N THR C 392 -6.54 30.26 36.84
CA THR C 392 -7.51 29.28 36.37
C THR C 392 -7.40 27.99 37.17
N GLY C 393 -8.54 27.34 37.40
CA GLY C 393 -8.58 26.04 38.04
C GLY C 393 -9.57 25.14 37.34
N THR C 394 -9.23 23.85 37.22
CA THR C 394 -10.16 22.87 36.68
C THR C 394 -9.98 21.58 37.45
N ILE C 395 -11.08 20.94 37.81
CA ILE C 395 -11.03 19.54 38.22
C ILE C 395 -11.72 18.73 37.13
N ILE C 396 -11.01 17.75 36.58
CA ILE C 396 -11.58 16.88 35.56
C ILE C 396 -11.69 15.47 36.10
N GLU C 397 -12.64 14.72 35.55
CA GLU C 397 -12.89 13.37 36.01
C GLU C 397 -12.92 12.45 34.81
N ARG C 398 -12.20 11.33 34.92
CA ARG C 398 -12.20 10.34 33.85
C ARG C 398 -13.55 9.64 33.77
N ILE C 399 -14.00 9.39 32.55
N ILE C 399 -14.01 9.41 32.55
CA ILE C 399 -15.25 8.70 32.32
CA ILE C 399 -15.24 8.68 32.32
C ILE C 399 -14.99 7.22 32.05
C ILE C 399 -14.93 7.23 32.00
N MET D 9 -30.93 -7.85 -50.00
CA MET D 9 -30.84 -6.71 -50.92
C MET D 9 -29.77 -5.74 -50.47
N GLY D 10 -30.06 -5.00 -49.40
CA GLY D 10 -29.12 -4.01 -48.92
C GLY D 10 -28.27 -4.56 -47.81
N TYR D 11 -27.04 -4.07 -47.71
CA TYR D 11 -26.12 -4.48 -46.65
C TYR D 11 -25.77 -3.26 -45.82
N PRO D 12 -26.49 -3.07 -44.70
CA PRO D 12 -26.40 -1.83 -43.92
C PRO D 12 -25.06 -1.72 -43.21
N VAL D 13 -24.40 -0.58 -43.35
CA VAL D 13 -23.17 -0.32 -42.62
C VAL D 13 -23.18 1.09 -42.05
N ILE D 14 -22.54 1.26 -40.89
CA ILE D 14 -22.33 2.59 -40.34
C ILE D 14 -21.17 3.29 -41.04
N VAL D 15 -21.37 4.54 -41.44
CA VAL D 15 -20.29 5.30 -42.09
C VAL D 15 -19.84 6.50 -41.23
N GLU D 16 -20.72 6.97 -40.37
CA GLU D 16 -20.38 8.09 -39.49
CA GLU D 16 -20.37 8.08 -39.49
C GLU D 16 -21.25 8.03 -38.24
N ALA D 17 -20.73 8.51 -37.12
CA ALA D 17 -21.51 8.57 -35.87
C ALA D 17 -21.01 9.73 -35.04
N THR D 18 -21.93 10.48 -34.43
CA THR D 18 -21.51 11.63 -33.61
C THR D 18 -22.52 11.88 -32.50
N ARG D 19 -22.09 12.58 -31.46
CA ARG D 19 -23.00 12.89 -30.35
C ARG D 19 -22.71 14.29 -29.82
N SER D 20 -23.71 14.93 -29.22
CA SER D 20 -23.48 16.16 -28.49
C SER D 20 -22.77 15.81 -27.19
N PRO D 21 -22.11 16.80 -26.59
CA PRO D 21 -21.73 16.61 -25.18
C PRO D 21 -23.01 16.40 -24.40
N ILE D 22 -22.92 15.77 -23.23
CA ILE D 22 -24.11 15.53 -22.43
C ILE D 22 -24.18 16.55 -21.29
N GLY D 23 -25.26 17.33 -21.25
CA GLY D 23 -25.41 18.34 -20.22
C GLY D 23 -26.20 17.84 -19.01
N LYS D 24 -25.93 18.39 -17.84
CA LYS D 24 -26.70 18.06 -16.64
C LYS D 24 -28.06 18.78 -16.69
N ARG D 25 -28.99 18.34 -15.86
CA ARG D 25 -30.32 18.97 -15.78
C ARG D 25 -30.18 20.44 -15.44
N ASN D 26 -30.86 21.29 -16.21
CA ASN D 26 -30.76 22.75 -16.05
C ASN D 26 -29.32 23.22 -16.24
N GLY D 27 -28.56 22.43 -17.00
CA GLY D 27 -27.17 22.72 -17.22
C GLY D 27 -26.83 23.41 -18.54
N TRP D 28 -25.68 23.03 -19.10
CA TRP D 28 -25.07 23.76 -20.20
C TRP D 28 -25.87 23.77 -21.50
N LEU D 29 -26.75 22.79 -21.66
CA LEU D 29 -27.55 22.66 -22.89
C LEU D 29 -29.02 23.02 -22.63
N SER D 30 -29.34 23.43 -21.41
CA SER D 30 -30.74 23.57 -21.01
C SER D 30 -31.44 24.74 -21.71
N GLY D 31 -30.66 25.64 -22.30
CA GLY D 31 -31.23 26.79 -22.99
C GLY D 31 -31.53 26.56 -24.46
N LEU D 32 -31.22 25.36 -24.95
CA LEU D 32 -31.46 24.99 -26.34
C LEU D 32 -32.81 24.33 -26.48
N HIS D 33 -33.61 24.78 -27.45
CA HIS D 33 -34.87 24.12 -27.77
C HIS D 33 -34.56 22.68 -28.16
N ALA D 34 -35.41 21.73 -27.78
CA ALA D 34 -35.10 20.33 -28.06
C ALA D 34 -34.90 20.07 -29.55
N THR D 35 -35.66 20.77 -30.38
CA THR D 35 -35.56 20.58 -31.83
C THR D 35 -34.24 21.12 -32.38
N GLU D 36 -33.66 22.11 -31.71
CA GLU D 36 -32.38 22.68 -32.14
C GLU D 36 -31.23 21.76 -31.75
N LEU D 37 -31.33 21.18 -30.56
CA LEU D 37 -30.32 20.22 -30.12
C LEU D 37 -30.28 19.00 -31.05
N LEU D 38 -31.43 18.41 -31.38
CA LEU D 38 -31.41 17.26 -32.27
C LEU D 38 -30.94 17.67 -33.67
N GLY D 39 -31.46 18.79 -34.18
CA GLY D 39 -31.13 19.23 -35.52
C GLY D 39 -29.66 19.51 -35.70
N ALA D 40 -29.01 20.02 -34.66
CA ALA D 40 -27.61 20.36 -34.75
C ALA D 40 -26.76 19.09 -34.88
N VAL D 41 -27.20 18.03 -34.22
CA VAL D 41 -26.52 16.75 -34.27
C VAL D 41 -26.82 16.00 -35.59
N GLN D 42 -28.05 16.12 -36.08
CA GLN D 42 -28.37 15.60 -37.41
C GLN D 42 -27.50 16.27 -38.47
N LYS D 43 -27.36 17.59 -38.39
CA LYS D 43 -26.58 18.32 -39.37
C LYS D 43 -25.11 17.94 -39.23
N ALA D 44 -24.66 17.78 -37.99
CA ALA D 44 -23.28 17.46 -37.70
C ALA D 44 -22.84 16.12 -38.28
N VAL D 45 -23.71 15.11 -38.20
CA VAL D 45 -23.33 13.79 -38.73
C VAL D 45 -23.27 13.83 -40.25
N VAL D 46 -24.16 14.62 -40.85
CA VAL D 46 -24.12 14.81 -42.29
C VAL D 46 -22.86 15.56 -42.73
N ASP D 47 -22.55 16.65 -42.04
CA ASP D 47 -21.37 17.44 -42.40
C ASP D 47 -20.10 16.62 -42.27
N LYS D 48 -20.04 15.75 -41.25
CA LYS D 48 -18.88 14.89 -41.06
C LYS D 48 -18.69 13.90 -42.21
N ALA D 49 -19.79 13.31 -42.66
CA ALA D 49 -19.74 12.30 -43.72
C ALA D 49 -19.38 12.94 -45.05
N GLY D 50 -19.63 14.25 -45.16
CA GLY D 50 -19.38 14.97 -46.40
C GLY D 50 -17.93 15.34 -46.66
N ILE D 51 -17.09 15.26 -45.64
CA ILE D 51 -15.67 15.56 -45.81
CA ILE D 51 -15.67 15.55 -45.79
C ILE D 51 -15.03 14.63 -46.83
N GLN D 52 -14.57 15.19 -47.94
CA GLN D 52 -13.91 14.42 -48.99
C GLN D 52 -14.75 13.21 -49.43
N SER D 53 -16.05 13.45 -49.65
CA SER D 53 -16.95 12.42 -50.14
C SER D 53 -18.03 13.09 -50.98
N GLY D 54 -18.86 12.28 -51.65
CA GLY D 54 -19.91 12.85 -52.47
C GLY D 54 -21.24 12.89 -51.74
N LEU D 55 -21.22 12.61 -50.44
CA LEU D 55 -22.43 12.52 -49.65
C LEU D 55 -22.90 13.91 -49.18
N HIS D 56 -24.17 14.22 -49.44
CA HIS D 56 -24.76 15.47 -48.97
C HIS D 56 -26.09 15.19 -48.27
N ALA D 57 -26.62 16.16 -47.53
CA ALA D 57 -27.80 15.92 -46.71
C ALA D 57 -29.01 15.41 -47.53
N GLY D 58 -29.10 15.85 -48.78
CA GLY D 58 -30.21 15.48 -49.64
C GLY D 58 -30.18 14.04 -50.08
N ASP D 59 -29.05 13.37 -49.85
CA ASP D 59 -28.91 11.96 -50.17
C ASP D 59 -29.52 11.08 -49.10
N VAL D 60 -29.73 11.65 -47.91
CA VAL D 60 -30.39 10.90 -46.83
C VAL D 60 -31.84 10.69 -47.25
N GLU D 61 -32.35 9.47 -47.08
CA GLU D 61 -33.73 9.19 -47.50
C GLU D 61 -34.73 9.22 -46.34
N GLN D 62 -34.31 8.67 -45.20
CA GLN D 62 -35.13 8.69 -44.00
C GLN D 62 -34.29 8.90 -42.75
N VAL D 63 -34.91 9.53 -41.76
CA VAL D 63 -34.33 9.69 -40.44
C VAL D 63 -35.26 8.99 -39.45
N ILE D 64 -34.72 8.22 -38.52
CA ILE D 64 -35.55 7.66 -37.45
C ILE D 64 -34.89 8.04 -36.14
N GLY D 65 -35.62 8.73 -35.28
CA GLY D 65 -35.06 9.19 -34.02
C GLY D 65 -35.82 8.69 -32.80
N GLY D 66 -35.08 8.31 -31.75
CA GLY D 66 -35.69 7.93 -30.48
C GLY D 66 -35.95 9.13 -29.60
N CYS D 67 -37.09 9.12 -28.91
CA CYS D 67 -37.43 10.15 -27.93
C CYS D 67 -38.49 9.60 -27.00
N VAL D 68 -38.30 9.73 -25.69
CA VAL D 68 -39.20 9.08 -24.73
C VAL D 68 -40.40 9.95 -24.38
N THR D 69 -40.14 11.17 -23.92
CA THR D 69 -41.23 12.01 -23.44
C THR D 69 -41.69 12.93 -24.58
N GLN D 70 -42.61 12.41 -25.41
CA GLN D 70 -42.97 13.12 -26.63
C GLN D 70 -44.06 14.14 -26.39
N PHE D 71 -43.69 15.14 -25.60
CA PHE D 71 -44.58 16.21 -25.21
C PHE D 71 -43.95 17.55 -25.54
N GLY D 72 -44.79 18.53 -25.88
CA GLY D 72 -44.33 19.90 -26.04
C GLY D 72 -43.27 20.02 -27.12
N GLU D 73 -42.10 20.56 -26.76
CA GLU D 73 -41.00 20.67 -27.71
C GLU D 73 -40.65 19.33 -28.32
N GLN D 74 -40.99 18.23 -27.64
CA GLN D 74 -40.60 16.90 -28.11
C GLN D 74 -41.76 16.12 -28.75
N SER D 75 -42.87 16.81 -28.98
CA SER D 75 -44.04 16.19 -29.60
C SER D 75 -44.02 16.40 -31.11
N ASN D 76 -45.03 15.86 -31.81
CA ASN D 76 -45.21 16.19 -33.23
C ASN D 76 -44.04 15.78 -34.11
N ASN D 77 -43.48 14.61 -33.82
CA ASN D 77 -42.43 14.01 -34.64
C ASN D 77 -41.19 14.88 -34.62
N ILE D 78 -40.53 14.92 -33.47
CA ILE D 78 -39.37 15.80 -33.32
C ILE D 78 -38.29 15.51 -34.37
N SER D 79 -38.14 14.25 -34.77
CA SER D 79 -37.12 13.89 -35.75
C SER D 79 -37.27 14.71 -37.02
N ARG D 80 -38.52 14.92 -37.43
CA ARG D 80 -38.85 15.72 -38.60
C ARG D 80 -38.72 17.21 -38.30
N VAL D 81 -39.25 17.65 -37.16
CA VAL D 81 -39.23 19.08 -36.85
C VAL D 81 -37.80 19.57 -36.69
N ALA D 82 -36.94 18.76 -36.08
CA ALA D 82 -35.54 19.09 -35.92
C ALA D 82 -34.86 19.23 -37.30
N TRP D 83 -35.13 18.28 -38.19
CA TRP D 83 -34.54 18.29 -39.51
C TRP D 83 -34.90 19.59 -40.23
N LEU D 84 -36.17 19.96 -40.23
CA LEU D 84 -36.60 21.20 -40.88
C LEU D 84 -35.99 22.45 -40.20
N THR D 85 -35.98 22.43 -38.87
CA THR D 85 -35.49 23.57 -38.11
C THR D 85 -34.01 23.85 -38.40
N ALA D 86 -33.25 22.79 -38.64
CA ALA D 86 -31.83 22.91 -38.93
C ALA D 86 -31.58 23.35 -40.38
N GLY D 87 -32.65 23.44 -41.17
CA GLY D 87 -32.53 23.94 -42.55
C GLY D 87 -32.16 22.85 -43.53
N LEU D 88 -32.32 21.59 -43.13
CA LEU D 88 -31.97 20.45 -43.97
C LEU D 88 -33.10 20.17 -44.99
N PRO D 89 -32.78 19.42 -46.07
CA PRO D 89 -33.70 19.36 -47.22
C PRO D 89 -35.09 18.78 -46.90
N GLU D 90 -36.13 19.42 -47.43
CA GLU D 90 -37.54 19.08 -47.19
CA GLU D 90 -37.48 19.05 -47.08
C GLU D 90 -37.90 17.66 -47.54
N HIS D 91 -37.28 17.14 -48.59
CA HIS D 91 -37.75 15.89 -49.18
C HIS D 91 -37.40 14.64 -48.38
N VAL D 92 -36.61 14.81 -47.31
CA VAL D 92 -36.17 13.69 -46.47
C VAL D 92 -37.27 13.31 -45.47
N GLY D 93 -37.64 12.03 -45.42
CA GLY D 93 -38.66 11.57 -44.48
C GLY D 93 -38.10 11.35 -43.09
N ALA D 94 -38.95 11.42 -42.07
CA ALA D 94 -38.49 11.20 -40.69
C ALA D 94 -39.60 10.65 -39.83
N THR D 95 -39.22 9.82 -38.86
CA THR D 95 -40.14 9.16 -37.95
C THR D 95 -39.52 9.21 -36.56
N THR D 96 -40.34 9.33 -35.52
CA THR D 96 -39.83 9.29 -34.15
C THR D 96 -40.34 8.04 -33.46
N VAL D 97 -39.50 7.39 -32.64
CA VAL D 97 -39.92 6.12 -32.04
C VAL D 97 -39.75 6.11 -30.51
N ASP D 98 -40.55 5.27 -29.87
CA ASP D 98 -40.61 5.16 -28.42
C ASP D 98 -40.63 3.68 -28.01
N CYS D 99 -39.51 3.18 -27.49
CA CYS D 99 -39.53 1.98 -26.65
C CYS D 99 -38.76 2.35 -25.38
N GLN D 100 -39.14 3.49 -24.83
CA GLN D 100 -38.52 4.03 -23.62
C GLN D 100 -36.99 4.14 -23.77
N SER D 101 -36.21 3.76 -22.78
CA SER D 101 -34.77 4.04 -22.90
CA SER D 101 -34.76 3.95 -22.85
C SER D 101 -34.10 3.23 -24.03
N GLY D 102 -34.79 2.24 -24.57
CA GLY D 102 -34.24 1.56 -25.74
C GLY D 102 -34.39 2.35 -27.04
N SER D 103 -35.08 3.49 -27.00
CA SER D 103 -35.51 4.16 -28.22
C SER D 103 -34.39 4.49 -29.21
N GLY D 104 -33.29 5.06 -28.71
CA GLY D 104 -32.21 5.48 -29.60
C GLY D 104 -31.49 4.30 -30.21
N GLN D 105 -31.58 3.15 -29.54
CA GLN D 105 -30.90 1.95 -30.00
C GLN D 105 -31.79 1.28 -31.06
N GLN D 106 -33.08 1.15 -30.76
CA GLN D 106 -34.06 0.66 -31.73
C GLN D 106 -34.09 1.50 -33.01
N ALA D 107 -33.86 2.82 -32.91
CA ALA D 107 -33.81 3.64 -34.13
C ALA D 107 -32.76 3.10 -35.10
N ASN D 108 -31.62 2.67 -34.56
CA ASN D 108 -30.57 2.10 -35.40
C ASN D 108 -30.98 0.76 -36.02
N HIS D 109 -31.61 -0.09 -35.22
CA HIS D 109 -32.11 -1.37 -35.71
C HIS D 109 -33.08 -1.16 -36.87
N LEU D 110 -33.93 -0.14 -36.75
CA LEU D 110 -34.96 0.13 -37.73
C LEU D 110 -34.41 0.70 -39.04
N ILE D 111 -33.38 1.55 -38.96
CA ILE D 111 -32.76 2.06 -40.19
C ILE D 111 -32.02 0.92 -40.92
N ALA D 112 -31.33 0.08 -40.17
CA ALA D 112 -30.66 -1.06 -40.78
C ALA D 112 -31.68 -1.96 -41.50
N GLY D 113 -32.83 -2.17 -40.87
CA GLY D 113 -33.90 -2.96 -41.47
C GLY D 113 -34.39 -2.37 -42.79
N LEU D 114 -34.60 -1.05 -42.80
CA LEU D 114 -35.04 -0.40 -44.04
C LEU D 114 -34.00 -0.54 -45.13
N ILE D 115 -32.72 -0.50 -44.79
CA ILE D 115 -31.69 -0.65 -45.80
C ILE D 115 -31.67 -2.10 -46.29
N ALA D 116 -31.78 -3.03 -45.34
CA ALA D 116 -31.79 -4.46 -45.67
C ALA D 116 -32.89 -4.79 -46.66
N ALA D 117 -34.04 -4.18 -46.45
CA ALA D 117 -35.22 -4.41 -47.28
C ALA D 117 -35.11 -3.76 -48.65
N GLY D 118 -34.08 -2.93 -48.84
CA GLY D 118 -33.95 -2.22 -50.10
C GLY D 118 -34.90 -1.03 -50.21
N ALA D 119 -35.49 -0.65 -49.09
CA ALA D 119 -36.38 0.52 -49.07
C ALA D 119 -35.58 1.81 -49.27
N ILE D 120 -34.44 1.92 -48.58
CA ILE D 120 -33.59 3.10 -48.68
C ILE D 120 -32.13 2.68 -48.79
N ASP D 121 -31.27 3.57 -49.32
CA ASP D 121 -29.83 3.31 -49.39
C ASP D 121 -29.04 4.14 -48.38
N VAL D 122 -29.66 5.19 -47.85
CA VAL D 122 -28.99 6.07 -46.90
C VAL D 122 -29.99 6.50 -45.85
N GLY D 123 -29.64 6.35 -44.57
CA GLY D 123 -30.54 6.73 -43.51
C GLY D 123 -29.79 7.20 -42.28
N ILE D 124 -30.45 8.00 -41.47
CA ILE D 124 -29.87 8.42 -40.19
C ILE D 124 -30.71 7.86 -39.05
N ALA D 125 -30.04 7.21 -38.10
CA ALA D 125 -30.66 6.82 -36.84
C ALA D 125 -30.16 7.78 -35.77
N CYS D 126 -31.07 8.27 -34.92
CA CYS D 126 -30.67 9.26 -33.93
C CYS D 126 -31.51 9.16 -32.67
N GLY D 127 -31.22 10.02 -31.70
CA GLY D 127 -31.98 10.02 -30.45
C GLY D 127 -31.82 11.38 -29.80
N ILE D 128 -32.85 11.82 -29.08
CA ILE D 128 -32.85 13.13 -28.43
C ILE D 128 -33.55 13.02 -27.09
N GLU D 129 -33.01 13.66 -26.07
CA GLU D 129 -33.82 13.95 -24.89
C GLU D 129 -33.32 15.23 -24.25
N ALA D 130 -34.19 16.23 -24.19
CA ALA D 130 -33.87 17.47 -23.50
C ALA D 130 -34.64 17.46 -22.19
N MET D 131 -34.11 16.72 -21.21
CA MET D 131 -34.83 16.49 -19.96
C MET D 131 -34.97 17.74 -19.10
N SER D 132 -34.11 18.73 -19.31
CA SER D 132 -34.26 20.01 -18.59
C SER D 132 -35.55 20.69 -19.02
N ARG D 133 -35.91 20.50 -20.29
CA ARG D 133 -37.02 21.25 -20.88
C ARG D 133 -38.31 20.43 -20.94
N VAL D 134 -38.18 19.13 -21.18
CA VAL D 134 -39.32 18.21 -21.11
C VAL D 134 -38.98 17.07 -20.15
N GLY D 135 -39.46 17.17 -18.91
CA GLY D 135 -39.11 16.18 -17.90
C GLY D 135 -39.90 14.89 -18.01
N LEU D 136 -39.38 13.82 -17.40
CA LEU D 136 -40.11 12.55 -17.36
C LEU D 136 -41.52 12.79 -16.82
N GLY D 137 -42.50 12.13 -17.42
CA GLY D 137 -43.87 12.21 -16.94
C GLY D 137 -44.68 13.35 -17.54
N ALA D 138 -44.01 14.26 -18.25
CA ALA D 138 -44.70 15.40 -18.84
C ALA D 138 -45.71 14.94 -19.88
N ASN D 139 -45.48 13.76 -20.44
CA ASN D 139 -46.37 13.18 -21.45
C ASN D 139 -47.59 12.49 -20.83
N ALA D 140 -47.69 12.50 -19.51
CA ALA D 140 -48.81 11.86 -18.82
C ALA D 140 -49.87 12.86 -18.38
N LEU D 156 -46.42 -2.20 -13.19
CA LEU D 156 -44.97 -2.36 -13.11
C LEU D 156 -44.38 -1.49 -12.01
N PRO D 157 -43.38 -2.01 -11.28
CA PRO D 157 -42.78 -1.21 -10.21
C PRO D 157 -42.12 0.03 -10.81
N ASN D 158 -42.02 1.12 -10.05
CA ASN D 158 -41.26 2.26 -10.54
C ASN D 158 -39.77 1.89 -10.63
N GLN D 159 -38.97 2.74 -11.28
CA GLN D 159 -37.59 2.40 -11.60
CA GLN D 159 -37.61 2.36 -11.61
C GLN D 159 -36.69 2.19 -10.39
N PHE D 160 -36.88 3.02 -9.36
CA PHE D 160 -36.03 2.91 -8.18
C PHE D 160 -36.36 1.63 -7.38
N GLU D 161 -37.65 1.32 -7.30
CA GLU D 161 -38.09 0.08 -6.68
CA GLU D 161 -38.09 0.08 -6.68
C GLU D 161 -37.53 -1.12 -7.44
N ALA D 162 -37.56 -1.03 -8.77
CA ALA D 162 -37.01 -2.09 -9.61
C ALA D 162 -35.52 -2.33 -9.29
N ALA D 163 -34.76 -1.25 -9.18
CA ALA D 163 -33.33 -1.37 -8.92
C ALA D 163 -33.08 -2.09 -7.59
N GLU D 164 -33.91 -1.80 -6.60
CA GLU D 164 -33.80 -2.44 -5.30
C GLU D 164 -34.16 -3.93 -5.35
N ARG D 165 -35.18 -4.27 -6.14
CA ARG D 165 -35.59 -5.66 -6.27
C ARG D 165 -34.50 -6.49 -6.94
N ILE D 166 -33.88 -5.89 -7.95
CA ILE D 166 -32.79 -6.55 -8.65
C ILE D 166 -31.59 -6.75 -7.72
N ALA D 167 -31.32 -5.77 -6.86
CA ALA D 167 -30.21 -5.90 -5.90
C ALA D 167 -30.49 -7.06 -4.94
N LYS D 168 -31.73 -7.15 -4.47
CA LYS D 168 -32.09 -8.22 -3.54
C LYS D 168 -31.98 -9.58 -4.22
N ARG D 169 -32.39 -9.65 -5.48
CA ARG D 169 -32.36 -10.90 -6.23
C ARG D 169 -30.94 -11.46 -6.28
N ARG D 170 -29.96 -10.58 -6.41
CA ARG D 170 -28.58 -10.96 -6.68
C ARG D 170 -27.65 -10.82 -5.48
N GLY D 171 -28.17 -10.37 -4.35
CA GLY D 171 -27.35 -10.16 -3.16
C GLY D 171 -26.37 -9.01 -3.35
N ILE D 172 -26.81 -7.98 -4.06
CA ILE D 172 -25.96 -6.81 -4.32
C ILE D 172 -26.11 -5.80 -3.19
N THR D 173 -24.99 -5.33 -2.64
CA THR D 173 -25.01 -4.51 -1.45
C THR D 173 -24.77 -3.03 -1.73
N ARG D 174 -25.00 -2.20 -0.71
CA ARG D 174 -24.69 -0.78 -0.82
C ARG D 174 -23.22 -0.58 -1.19
N GLU D 175 -22.33 -1.34 -0.56
CA GLU D 175 -20.92 -1.24 -0.89
CA GLU D 175 -20.92 -1.23 -0.89
C GLU D 175 -20.64 -1.63 -2.34
N ASP D 176 -21.27 -2.71 -2.80
CA ASP D 176 -21.06 -3.15 -4.18
C ASP D 176 -21.41 -2.05 -5.17
N VAL D 177 -22.53 -1.37 -4.96
CA VAL D 177 -22.95 -0.36 -5.92
C VAL D 177 -22.07 0.89 -5.83
N ASP D 178 -21.63 1.26 -4.64
CA ASP D 178 -20.72 2.39 -4.49
C ASP D 178 -19.38 2.13 -5.19
N VAL D 179 -18.87 0.91 -5.09
CA VAL D 179 -17.66 0.53 -5.82
C VAL D 179 -17.85 0.75 -7.32
N PHE D 180 -18.99 0.30 -7.85
CA PHE D 180 -19.26 0.44 -9.28
C PHE D 180 -19.44 1.90 -9.68
N GLY D 181 -20.16 2.68 -8.87
CA GLY D 181 -20.38 4.08 -9.17
C GLY D 181 -19.07 4.87 -9.19
N LEU D 182 -18.17 4.54 -8.26
CA LEU D 182 -16.87 5.20 -8.22
C LEU D 182 -16.10 4.91 -9.51
N GLU D 183 -16.17 3.68 -9.98
CA GLU D 183 -15.40 3.27 -11.15
C GLU D 183 -15.95 3.94 -12.40
N SER D 184 -17.27 4.14 -12.46
CA SER D 184 -17.86 4.83 -13.61
C SER D 184 -17.27 6.24 -13.72
N GLN D 185 -17.27 6.96 -12.61
CA GLN D 185 -16.65 8.30 -12.58
C GLN D 185 -15.15 8.25 -12.89
N ARG D 186 -14.44 7.25 -12.37
CA ARG D 186 -12.99 7.15 -12.66
C ARG D 186 -12.75 6.94 -14.16
N ARG D 187 -13.55 6.05 -14.75
CA ARG D 187 -13.35 5.73 -16.16
C ARG D 187 -13.77 6.87 -17.07
N ALA D 188 -14.78 7.61 -16.67
CA ALA D 188 -15.22 8.76 -17.45
C ALA D 188 -14.11 9.80 -17.43
N GLN D 189 -13.54 10.00 -16.25
CA GLN D 189 -12.47 10.98 -16.11
CA GLN D 189 -12.45 10.97 -16.08
C GLN D 189 -11.22 10.56 -16.88
N ARG D 190 -10.91 9.26 -16.87
CA ARG D 190 -9.75 8.76 -17.62
C ARG D 190 -10.00 9.00 -19.11
N ALA D 191 -11.22 8.74 -19.56
CA ALA D 191 -11.57 8.93 -20.95
C ALA D 191 -11.39 10.40 -21.37
N TRP D 192 -11.87 11.31 -20.54
CA TRP D 192 -11.71 12.72 -20.85
C TRP D 192 -10.27 13.19 -20.77
N ALA D 193 -9.53 12.69 -19.79
CA ALA D 193 -8.11 13.04 -19.67
C ALA D 193 -7.30 12.57 -20.87
N GLU D 194 -7.64 11.40 -21.40
CA GLU D 194 -6.91 10.82 -22.53
C GLU D 194 -7.44 11.30 -23.87
N GLY D 195 -8.53 12.06 -23.86
CA GLY D 195 -9.13 12.53 -25.11
C GLY D 195 -9.87 11.46 -25.91
N ARG D 196 -10.34 10.41 -25.24
CA ARG D 196 -11.04 9.33 -25.95
C ARG D 196 -12.30 9.77 -26.66
N PHE D 197 -13.02 10.74 -26.09
CA PHE D 197 -14.29 11.16 -26.68
C PHE D 197 -14.15 12.26 -27.74
N ASP D 198 -12.93 12.74 -27.99
CA ASP D 198 -12.75 13.90 -28.86
C ASP D 198 -13.28 13.67 -30.28
N ARG D 199 -13.08 12.47 -30.80
CA ARG D 199 -13.53 12.15 -32.16
C ARG D 199 -15.05 12.14 -32.28
N GLU D 200 -15.72 11.59 -31.27
CA GLU D 200 -17.17 11.34 -31.39
C GLU D 200 -18.04 12.54 -31.04
N ILE D 201 -17.44 13.57 -30.41
CA ILE D 201 -18.24 14.70 -29.94
C ILE D 201 -18.33 15.84 -30.96
N SER D 202 -19.56 16.25 -31.26
CA SER D 202 -19.82 17.47 -32.01
C SER D 202 -20.15 18.60 -31.04
N PRO D 203 -19.31 19.62 -30.99
CA PRO D 203 -19.60 20.73 -30.07
C PRO D 203 -20.89 21.45 -30.50
N ILE D 204 -21.61 21.99 -29.52
CA ILE D 204 -22.92 22.59 -29.78
C ILE D 204 -23.02 24.01 -29.22
N GLN D 205 -23.50 24.96 -30.02
CA GLN D 205 -23.78 26.32 -29.54
C GLN D 205 -25.04 26.33 -28.69
N ALA D 206 -24.97 26.87 -27.48
CA ALA D 206 -26.16 26.91 -26.62
C ALA D 206 -26.35 28.23 -25.89
N PRO D 207 -27.58 28.77 -25.94
CA PRO D 207 -27.95 29.99 -25.23
C PRO D 207 -27.78 29.78 -23.72
N VAL D 208 -27.12 30.71 -23.04
CA VAL D 208 -26.92 30.59 -21.59
C VAL D 208 -28.17 31.01 -20.83
N LEU D 209 -28.54 30.21 -19.83
CA LEU D 209 -29.68 30.53 -18.96
C LEU D 209 -29.20 30.98 -17.58
N ASP D 210 -29.86 32.00 -17.01
CA ASP D 210 -29.48 32.47 -15.67
C ASP D 210 -30.06 31.61 -14.54
N GLU D 211 -30.35 32.25 -13.41
CA GLU D 211 -30.72 31.56 -12.17
C GLU D 211 -32.17 31.07 -12.11
N GLN D 212 -33.09 31.89 -12.60
CA GLN D 212 -34.48 31.44 -12.76
C GLN D 212 -34.67 30.97 -14.20
N ASN D 213 -33.59 30.39 -14.75
CA ASN D 213 -33.62 29.80 -16.08
C ASN D 213 -34.13 30.76 -17.15
N GLN D 214 -33.60 31.98 -17.12
CA GLN D 214 -33.86 32.97 -18.14
C GLN D 214 -32.58 33.20 -18.95
N PRO D 215 -32.73 33.43 -20.27
CA PRO D 215 -31.56 33.62 -21.13
C PRO D 215 -30.86 34.93 -20.79
N THR D 216 -29.52 34.89 -20.74
CA THR D 216 -28.74 36.09 -20.43
C THR D 216 -28.48 36.87 -21.70
N GLY D 217 -28.65 36.20 -22.83
CA GLY D 217 -28.35 36.79 -24.13
C GLY D 217 -27.05 36.25 -24.69
N GLU D 218 -26.32 35.50 -23.88
CA GLU D 218 -25.02 34.92 -24.23
CA GLU D 218 -25.05 34.97 -24.35
C GLU D 218 -25.16 33.53 -24.84
N ARG D 219 -24.37 33.23 -25.88
CA ARG D 219 -24.32 31.90 -26.48
C ARG D 219 -22.93 31.30 -26.26
N ARG D 220 -22.86 30.09 -25.72
CA ARG D 220 -21.58 29.44 -25.52
CA ARG D 220 -21.59 29.42 -25.49
C ARG D 220 -21.47 28.13 -26.30
N LEU D 221 -20.25 27.83 -26.76
CA LEU D 221 -20.00 26.57 -27.46
C LEU D 221 -19.68 25.51 -26.40
N VAL D 222 -20.52 24.47 -26.34
CA VAL D 222 -20.37 23.42 -25.33
C VAL D 222 -19.72 22.20 -25.98
N PHE D 223 -18.65 21.68 -25.38
CA PHE D 223 -17.96 20.54 -25.98
C PHE D 223 -17.64 19.38 -25.01
N ARG D 224 -17.90 19.57 -23.72
CA ARG D 224 -17.56 18.51 -22.77
C ARG D 224 -18.76 18.03 -21.96
N ASP D 225 -18.71 16.77 -21.54
CA ASP D 225 -19.76 16.18 -20.72
C ASP D 225 -19.77 16.79 -19.33
N GLN D 226 -20.93 17.24 -18.87
CA GLN D 226 -21.03 18.01 -17.64
C GLN D 226 -21.13 17.13 -16.39
N GLY D 227 -21.46 15.86 -16.57
CA GLY D 227 -21.76 14.99 -15.44
C GLY D 227 -20.57 14.56 -14.58
N LEU D 228 -19.37 14.75 -15.11
CA LEU D 228 -18.15 14.32 -14.40
C LEU D 228 -17.89 15.15 -13.17
N ARG D 229 -17.43 14.48 -12.11
N ARG D 229 -17.51 14.48 -12.08
CA ARG D 229 -17.09 15.20 -10.90
CA ARG D 229 -17.12 15.20 -10.88
C ARG D 229 -16.25 14.34 -9.97
C ARG D 229 -16.23 14.36 -9.99
N GLU D 230 -15.38 15.02 -9.22
CA GLU D 230 -14.48 14.38 -8.28
CA GLU D 230 -14.48 14.34 -8.30
C GLU D 230 -15.27 13.50 -7.30
N THR D 231 -15.00 12.20 -7.32
CA THR D 231 -15.79 11.23 -6.56
C THR D 231 -14.88 10.34 -5.71
N THR D 232 -15.24 10.14 -4.45
CA THR D 232 -14.51 9.19 -3.61
C THR D 232 -15.45 8.17 -3.00
N MET D 233 -14.87 7.10 -2.47
CA MET D 233 -15.66 6.05 -1.84
C MET D 233 -16.28 6.62 -0.56
N ALA D 234 -15.52 7.43 0.16
CA ALA D 234 -16.02 8.05 1.39
C ALA D 234 -17.17 9.00 1.09
N GLY D 235 -17.04 9.78 0.02
CA GLY D 235 -18.09 10.70 -0.39
C GLY D 235 -19.38 9.99 -0.79
N LEU D 236 -19.23 8.89 -1.52
CA LEU D 236 -20.39 8.11 -1.94
C LEU D 236 -21.10 7.48 -0.74
N GLY D 237 -20.33 7.13 0.28
CA GLY D 237 -20.88 6.48 1.46
C GLY D 237 -21.77 7.38 2.29
N GLU D 238 -21.60 8.69 2.12
CA GLU D 238 -22.37 9.67 2.88
C GLU D 238 -23.71 10.02 2.22
N LEU D 239 -23.83 9.67 0.94
CA LEU D 239 -25.04 10.02 0.18
C LEU D 239 -26.28 9.30 0.70
N LYS D 240 -27.44 9.94 0.56
CA LYS D 240 -28.69 9.37 1.02
C LYS D 240 -29.38 8.61 -0.11
N PRO D 241 -29.85 7.38 0.19
CA PRO D 241 -30.57 6.60 -0.82
C PRO D 241 -31.87 7.29 -1.24
N VAL D 242 -32.28 7.07 -2.49
CA VAL D 242 -33.48 7.70 -3.04
C VAL D 242 -34.71 7.15 -2.32
N LEU D 243 -34.71 5.84 -2.08
CA LEU D 243 -35.72 5.22 -1.25
C LEU D 243 -35.10 4.97 0.12
N GLU D 244 -35.78 5.37 1.19
CA GLU D 244 -35.24 5.14 2.52
C GLU D 244 -35.00 3.64 2.72
N GLY D 245 -33.84 3.30 3.28
CA GLY D 245 -33.45 1.92 3.47
C GLY D 245 -32.94 1.27 2.19
N GLY D 246 -33.01 2.00 1.09
CA GLY D 246 -32.50 1.50 -0.19
C GLY D 246 -30.99 1.54 -0.26
N ILE D 247 -30.42 1.06 -1.37
CA ILE D 247 -28.97 1.11 -1.54
C ILE D 247 -28.54 2.08 -2.64
N HIS D 248 -29.45 2.42 -3.55
CA HIS D 248 -29.09 3.35 -4.62
C HIS D 248 -29.25 4.82 -4.23
N THR D 249 -28.23 5.60 -4.57
CA THR D 249 -28.20 7.04 -4.31
C THR D 249 -27.99 7.76 -5.62
N ALA D 250 -27.88 9.08 -5.57
CA ALA D 250 -27.56 9.86 -6.76
C ALA D 250 -26.23 9.40 -7.38
N GLY D 251 -25.32 8.91 -6.54
CA GLY D 251 -23.99 8.54 -7.01
C GLY D 251 -23.92 7.16 -7.63
N THR D 252 -25.02 6.42 -7.59
CA THR D 252 -25.05 5.08 -8.16
C THR D 252 -26.23 4.87 -9.11
N SER D 253 -26.80 5.99 -9.58
CA SER D 253 -27.95 6.00 -10.49
C SER D 253 -27.58 6.92 -11.63
N SER D 254 -28.22 6.74 -12.79
CA SER D 254 -27.91 7.61 -13.93
C SER D 254 -28.34 9.03 -13.61
N GLN D 255 -27.72 10.01 -14.27
CA GLN D 255 -28.08 11.40 -14.07
C GLN D 255 -29.13 11.82 -15.09
N ILE D 256 -30.05 12.70 -14.67
CA ILE D 256 -30.99 13.31 -15.60
C ILE D 256 -30.23 14.32 -16.48
N SER D 257 -30.42 14.26 -17.80
CA SER D 257 -29.50 14.96 -18.72
C SER D 257 -30.12 15.44 -20.02
N ASP D 258 -29.38 16.29 -20.73
CA ASP D 258 -29.76 16.76 -22.07
C ASP D 258 -28.73 16.26 -23.08
N GLY D 259 -29.17 15.75 -24.22
CA GLY D 259 -28.22 15.30 -25.23
C GLY D 259 -28.90 14.73 -26.47
N ALA D 260 -28.12 14.64 -27.55
CA ALA D 260 -28.58 13.97 -28.77
C ALA D 260 -27.41 13.26 -29.42
N ALA D 261 -27.73 12.30 -30.29
CA ALA D 261 -26.70 11.54 -31.01
C ALA D 261 -27.27 11.08 -32.34
N ALA D 262 -26.41 10.86 -33.32
CA ALA D 262 -26.86 10.49 -34.66
C ALA D 262 -25.86 9.56 -35.33
N VAL D 263 -26.36 8.54 -36.02
CA VAL D 263 -25.52 7.58 -36.74
C VAL D 263 -25.99 7.52 -38.19
N LEU D 264 -25.05 7.68 -39.12
CA LEU D 264 -25.37 7.66 -40.54
C LEU D 264 -25.09 6.27 -41.10
N TRP D 265 -26.13 5.66 -41.66
CA TRP D 265 -26.09 4.31 -42.22
C TRP D 265 -26.24 4.34 -43.72
N MET D 266 -25.59 3.42 -44.42
CA MET D 266 -25.76 3.30 -45.87
C MET D 266 -25.71 1.85 -46.28
N ASP D 267 -26.26 1.53 -47.45
CA ASP D 267 -25.92 0.26 -48.08
C ASP D 267 -24.41 0.28 -48.40
N GLU D 268 -23.73 -0.84 -48.15
CA GLU D 268 -22.27 -0.84 -48.28
C GLU D 268 -21.80 -0.41 -49.67
N ALA D 269 -22.40 -0.94 -50.73
CA ALA D 269 -21.96 -0.59 -52.07
C ALA D 269 -22.13 0.91 -52.34
N VAL D 270 -23.22 1.49 -51.83
CA VAL D 270 -23.49 2.90 -52.01
C VAL D 270 -22.46 3.75 -51.26
N ALA D 271 -22.15 3.34 -50.03
CA ALA D 271 -21.10 4.00 -49.26
C ALA D 271 -19.80 4.04 -50.07
N ARG D 272 -19.37 2.90 -50.58
CA ARG D 272 -18.11 2.85 -51.33
C ARG D 272 -18.16 3.73 -52.57
N ALA D 273 -19.32 3.79 -53.22
CA ALA D 273 -19.48 4.64 -54.41
C ALA D 273 -19.37 6.12 -54.08
N HIS D 274 -19.87 6.54 -52.91
CA HIS D 274 -19.75 7.93 -52.49
C HIS D 274 -18.36 8.24 -51.95
N GLY D 275 -17.48 7.23 -51.95
CA GLY D 275 -16.14 7.39 -51.41
C GLY D 275 -16.08 7.34 -49.89
N LEU D 276 -17.03 6.62 -49.29
CA LEU D 276 -17.09 6.50 -47.84
C LEU D 276 -16.57 5.15 -47.35
N THR D 277 -15.95 5.14 -46.17
CA THR D 277 -15.45 3.93 -45.56
C THR D 277 -16.49 3.26 -44.68
N PRO D 278 -16.90 2.02 -45.03
CA PRO D 278 -17.80 1.30 -44.14
C PRO D 278 -17.07 1.02 -42.83
N ARG D 279 -17.68 1.36 -41.70
CA ARG D 279 -16.98 1.27 -40.41
C ARG D 279 -17.46 0.12 -39.52
N ALA D 280 -18.74 -0.23 -39.61
CA ALA D 280 -19.28 -1.31 -38.80
C ALA D 280 -20.58 -1.83 -39.39
N ARG D 281 -20.96 -3.03 -38.96
CA ARG D 281 -22.26 -3.57 -39.33
CA ARG D 281 -22.25 -3.60 -39.34
C ARG D 281 -22.88 -4.28 -38.14
N ILE D 282 -24.19 -4.52 -38.20
CA ILE D 282 -24.88 -5.24 -37.15
C ILE D 282 -24.74 -6.75 -37.38
N VAL D 283 -24.25 -7.46 -36.36
CA VAL D 283 -24.18 -8.92 -36.39
C VAL D 283 -25.51 -9.51 -35.94
N ALA D 284 -26.06 -8.94 -34.87
CA ALA D 284 -27.37 -9.34 -34.34
C ALA D 284 -28.05 -8.18 -33.63
N GLN D 285 -29.37 -8.14 -33.70
CA GLN D 285 -30.13 -7.09 -33.00
C GLN D 285 -31.37 -7.69 -32.39
N ALA D 286 -31.84 -7.08 -31.29
CA ALA D 286 -33.05 -7.58 -30.63
C ALA D 286 -33.72 -6.52 -29.77
N LEU D 287 -35.03 -6.65 -29.62
CA LEU D 287 -35.80 -5.90 -28.63
C LEU D 287 -36.71 -6.94 -28.01
N VAL D 288 -36.45 -7.26 -26.75
CA VAL D 288 -37.18 -8.34 -26.09
C VAL D 288 -37.87 -7.84 -24.84
N GLY D 289 -38.86 -8.62 -24.39
CA GLY D 289 -39.50 -8.31 -23.13
C GLY D 289 -38.71 -8.90 -21.99
N ALA D 290 -38.84 -8.27 -20.82
CA ALA D 290 -38.17 -8.73 -19.62
C ALA D 290 -39.22 -9.16 -18.61
N GLU D 291 -38.76 -9.64 -17.46
CA GLU D 291 -39.65 -9.99 -16.37
C GLU D 291 -40.21 -8.74 -15.72
N PRO D 292 -41.54 -8.56 -15.77
CA PRO D 292 -42.18 -7.35 -15.21
C PRO D 292 -41.91 -7.14 -13.72
N TYR D 293 -41.80 -8.20 -12.93
CA TYR D 293 -41.56 -8.03 -11.49
C TYR D 293 -40.26 -7.28 -11.22
N TYR D 294 -39.21 -7.62 -11.97
CA TYR D 294 -37.92 -6.95 -11.78
C TYR D 294 -37.82 -5.74 -12.70
N HIS D 295 -38.60 -5.76 -13.78
CA HIS D 295 -38.73 -4.61 -14.67
C HIS D 295 -37.48 -4.28 -15.48
N LEU D 296 -36.37 -4.00 -14.79
CA LEU D 296 -35.18 -3.50 -15.46
C LEU D 296 -34.03 -4.50 -15.59
N ASP D 297 -34.31 -5.79 -15.45
CA ASP D 297 -33.24 -6.79 -15.51
C ASP D 297 -33.17 -7.38 -16.90
N GLY D 298 -33.85 -6.73 -17.85
CA GLY D 298 -33.89 -7.17 -19.23
C GLY D 298 -32.58 -7.33 -19.99
N PRO D 299 -31.52 -6.60 -19.60
CA PRO D 299 -30.25 -6.81 -20.32
C PRO D 299 -29.81 -8.25 -20.28
N VAL D 300 -30.21 -8.98 -19.24
CA VAL D 300 -29.91 -10.40 -19.18
C VAL D 300 -30.48 -11.14 -20.40
N GLN D 301 -31.75 -10.84 -20.71
CA GLN D 301 -32.44 -11.48 -21.82
C GLN D 301 -32.03 -10.97 -23.20
N SER D 302 -31.84 -9.66 -23.34
CA SER D 302 -31.44 -9.14 -24.65
C SER D 302 -30.02 -9.58 -24.99
N THR D 303 -29.15 -9.60 -23.99
CA THR D 303 -27.78 -10.09 -24.20
C THR D 303 -27.81 -11.56 -24.64
N ALA D 304 -28.57 -12.39 -23.91
CA ALA D 304 -28.67 -13.81 -24.30
C ALA D 304 -29.17 -13.98 -25.73
N LYS D 305 -30.15 -13.18 -26.13
CA LYS D 305 -30.74 -13.33 -27.46
CA LYS D 305 -30.75 -13.29 -27.46
C LYS D 305 -29.77 -12.93 -28.58
N VAL D 306 -29.08 -11.81 -28.44
CA VAL D 306 -28.12 -11.43 -29.49
C VAL D 306 -26.93 -12.39 -29.56
N LEU D 307 -26.46 -12.85 -28.40
CA LEU D 307 -25.39 -13.85 -28.42
C LEU D 307 -25.83 -15.13 -29.12
N GLU D 308 -27.05 -15.59 -28.82
CA GLU D 308 -27.60 -16.78 -29.49
C GLU D 308 -27.69 -16.58 -31.01
N LYS D 309 -28.27 -15.45 -31.41
CA LYS D 309 -28.42 -15.16 -32.84
C LYS D 309 -27.08 -15.07 -33.56
N ALA D 310 -26.08 -14.49 -32.89
CA ALA D 310 -24.76 -14.30 -33.48
C ALA D 310 -23.85 -15.52 -33.37
N GLY D 311 -24.27 -16.53 -32.61
CA GLY D 311 -23.45 -17.71 -32.39
C GLY D 311 -22.19 -17.39 -31.62
N MET D 312 -22.31 -16.53 -30.61
CA MET D 312 -21.15 -16.04 -29.87
C MET D 312 -21.33 -16.22 -28.37
N LYS D 313 -20.23 -16.11 -27.65
CA LYS D 313 -20.23 -16.10 -26.18
C LYS D 313 -19.85 -14.71 -25.72
N ILE D 314 -20.17 -14.37 -24.48
CA ILE D 314 -19.86 -13.03 -23.99
C ILE D 314 -18.35 -12.76 -24.05
N GLY D 315 -17.55 -13.82 -23.90
CA GLY D 315 -16.10 -13.68 -23.92
C GLY D 315 -15.52 -13.35 -25.29
N ASP D 316 -16.35 -13.45 -26.34
CA ASP D 316 -15.94 -13.09 -27.70
C ASP D 316 -16.04 -11.59 -27.94
N ILE D 317 -16.74 -10.89 -27.06
CA ILE D 317 -17.03 -9.47 -27.29
C ILE D 317 -15.88 -8.63 -26.74
N ASP D 318 -15.41 -7.65 -27.53
CA ASP D 318 -14.24 -6.87 -27.12
C ASP D 318 -14.62 -5.67 -26.26
N ILE D 319 -15.80 -5.11 -26.52
CA ILE D 319 -16.27 -3.92 -25.82
C ILE D 319 -17.75 -4.05 -25.52
N VAL D 320 -18.15 -3.79 -24.26
CA VAL D 320 -19.57 -3.79 -23.93
C VAL D 320 -19.97 -2.40 -23.47
N GLU D 321 -21.12 -1.94 -23.97
CA GLU D 321 -21.79 -0.79 -23.38
C GLU D 321 -23.11 -1.28 -22.84
N ILE D 322 -23.26 -1.27 -21.52
CA ILE D 322 -24.53 -1.58 -20.89
C ILE D 322 -24.98 -0.34 -20.13
N ASN D 323 -26.18 0.15 -20.43
CA ASN D 323 -26.58 1.41 -19.82
C ASN D 323 -26.68 1.35 -18.30
N GLU D 324 -26.01 2.31 -17.64
CA GLU D 324 -25.96 2.38 -16.18
C GLU D 324 -27.16 3.12 -15.64
N ALA D 325 -28.36 2.62 -15.91
CA ALA D 325 -29.56 3.25 -15.35
C ALA D 325 -29.46 3.26 -13.83
N PHE D 326 -29.04 2.11 -13.29
CA PHE D 326 -28.77 1.93 -11.87
C PHE D 326 -27.64 0.93 -11.76
N ALA D 327 -26.78 1.08 -10.75
CA ALA D 327 -25.65 0.17 -10.60
C ALA D 327 -26.10 -1.30 -10.53
N SER D 328 -27.19 -1.57 -9.82
CA SER D 328 -27.66 -2.95 -9.65
C SER D 328 -28.00 -3.62 -10.98
N VAL D 329 -28.48 -2.83 -11.95
CA VAL D 329 -28.82 -3.40 -13.27
C VAL D 329 -27.57 -4.00 -13.92
N VAL D 330 -26.49 -3.23 -13.88
CA VAL D 330 -25.22 -3.69 -14.47
C VAL D 330 -24.66 -4.87 -13.69
N LEU D 331 -24.66 -4.75 -12.36
CA LEU D 331 -24.06 -5.80 -11.55
C LEU D 331 -24.86 -7.09 -11.63
N SER D 332 -26.18 -6.96 -11.78
CA SER D 332 -27.03 -8.15 -11.93
C SER D 332 -26.69 -8.85 -13.24
N TRP D 333 -26.69 -8.08 -14.31
CA TRP D 333 -26.34 -8.60 -15.63
C TRP D 333 -24.95 -9.26 -15.58
N ALA D 334 -24.00 -8.63 -14.89
CA ALA D 334 -22.65 -9.16 -14.81
C ALA D 334 -22.59 -10.48 -14.02
N ARG D 335 -23.40 -10.58 -12.97
CA ARG D 335 -23.41 -11.80 -12.19
C ARG D 335 -23.99 -12.97 -12.98
N VAL D 336 -24.91 -12.67 -13.90
CA VAL D 336 -25.49 -13.75 -14.73
C VAL D 336 -24.58 -14.13 -15.88
N HIS D 337 -24.02 -13.14 -16.57
CA HIS D 337 -23.31 -13.42 -17.82
C HIS D 337 -21.80 -13.56 -17.67
N GLU D 338 -21.27 -13.05 -16.56
CA GLU D 338 -19.84 -13.16 -16.25
CA GLU D 338 -19.84 -13.16 -16.25
C GLU D 338 -18.95 -12.55 -17.34
N PRO D 339 -19.22 -11.28 -17.67
CA PRO D 339 -18.39 -10.60 -18.67
C PRO D 339 -17.06 -10.19 -18.04
N ASP D 340 -16.13 -9.74 -18.88
CA ASP D 340 -14.87 -9.17 -18.41
C ASP D 340 -15.15 -7.70 -18.08
N MET D 341 -15.23 -7.37 -16.79
CA MET D 341 -15.59 -6.00 -16.41
C MET D 341 -14.51 -4.98 -16.84
N ASP D 342 -13.33 -5.46 -17.19
CA ASP D 342 -12.31 -4.58 -17.76
C ASP D 342 -12.73 -4.07 -19.15
N ARG D 343 -13.71 -4.74 -19.75
CA ARG D 343 -14.16 -4.41 -21.10
C ARG D 343 -15.58 -3.84 -21.14
N VAL D 344 -16.14 -3.57 -19.96
CA VAL D 344 -17.52 -3.10 -19.83
C VAL D 344 -17.53 -1.63 -19.44
N ASN D 345 -18.21 -0.80 -20.23
CA ASN D 345 -18.29 0.64 -19.97
C ASN D 345 -16.92 1.26 -19.69
N VAL D 346 -15.99 1.01 -20.61
CA VAL D 346 -14.58 1.33 -20.38
C VAL D 346 -14.31 2.82 -20.31
N ASN D 347 -15.23 3.62 -20.86
CA ASN D 347 -15.07 5.09 -20.88
C ASN D 347 -16.05 5.76 -19.93
N GLY D 348 -16.58 4.98 -19.00
CA GLY D 348 -17.57 5.47 -18.07
C GLY D 348 -18.98 5.18 -18.59
N GLY D 349 -19.97 5.32 -17.73
CA GLY D 349 -21.35 5.10 -18.15
C GLY D 349 -22.26 6.19 -17.63
N ALA D 350 -23.57 5.98 -17.76
CA ALA D 350 -24.58 6.99 -17.43
C ALA D 350 -24.50 7.54 -15.99
N ILE D 351 -24.00 6.75 -15.04
CA ILE D 351 -23.85 7.27 -13.68
C ILE D 351 -22.95 8.50 -13.70
N ALA D 352 -21.91 8.46 -14.54
CA ALA D 352 -20.96 9.57 -14.63
C ALA D 352 -21.27 10.52 -15.79
N LEU D 353 -21.73 9.95 -16.90
CA LEU D 353 -21.90 10.72 -18.15
C LEU D 353 -23.31 11.30 -18.34
N GLY D 354 -24.31 10.72 -17.66
CA GLY D 354 -25.67 11.19 -17.84
C GLY D 354 -26.47 10.29 -18.76
N HIS D 355 -27.80 10.37 -18.67
CA HIS D 355 -28.68 9.50 -19.44
C HIS D 355 -29.84 10.29 -20.01
N PRO D 356 -29.61 11.05 -21.11
CA PRO D 356 -30.76 11.67 -21.77
C PRO D 356 -31.50 10.53 -22.47
N VAL D 357 -32.59 10.08 -21.83
CA VAL D 357 -33.15 8.77 -22.13
CA VAL D 357 -33.18 8.78 -22.13
C VAL D 357 -33.25 8.40 -23.62
N GLY D 358 -33.94 9.22 -24.42
CA GLY D 358 -34.11 8.90 -25.83
C GLY D 358 -32.84 8.91 -26.67
N CYS D 359 -31.83 9.63 -26.21
CA CYS D 359 -30.58 9.75 -26.94
C CYS D 359 -29.63 8.59 -26.66
N THR D 360 -29.68 8.08 -25.44
CA THR D 360 -28.63 7.15 -24.98
C THR D 360 -28.36 5.96 -25.89
N GLY D 361 -29.40 5.31 -26.43
CA GLY D 361 -29.19 4.17 -27.31
C GLY D 361 -28.29 4.46 -28.51
N SER D 362 -28.47 5.62 -29.13
CA SER D 362 -27.62 6.01 -30.26
C SER D 362 -26.29 6.49 -29.73
N ARG D 363 -26.29 7.03 -28.51
CA ARG D 363 -25.05 7.48 -27.88
C ARG D 363 -24.15 6.27 -27.59
N LEU D 364 -24.73 5.17 -27.13
CA LEU D 364 -23.93 3.99 -26.80
C LEU D 364 -23.33 3.35 -28.04
N ILE D 365 -24.07 3.33 -29.14
CA ILE D 365 -23.55 2.74 -30.36
C ILE D 365 -22.39 3.60 -30.85
N THR D 366 -22.56 4.91 -30.74
CA THR D 366 -21.52 5.88 -31.13
C THR D 366 -20.25 5.68 -30.29
N THR D 367 -20.43 5.59 -28.97
CA THR D 367 -19.30 5.44 -28.05
C THR D 367 -18.60 4.09 -28.27
N ALA D 368 -19.37 3.04 -28.43
CA ALA D 368 -18.80 1.70 -28.66
C ALA D 368 -18.00 1.64 -29.95
N LEU D 369 -18.55 2.18 -31.04
CA LEU D 369 -17.84 2.13 -32.31
C LEU D 369 -16.52 2.87 -32.20
N HIS D 370 -16.53 4.04 -31.57
CA HIS D 370 -15.30 4.82 -31.49
C HIS D 370 -14.26 4.11 -30.61
N GLU D 371 -14.71 3.38 -29.60
CA GLU D 371 -13.75 2.66 -28.76
C GLU D 371 -13.17 1.45 -29.49
N LEU D 372 -13.98 0.75 -30.29
CA LEU D 372 -13.44 -0.33 -31.11
C LEU D 372 -12.37 0.19 -32.04
N GLU D 373 -12.62 1.36 -32.62
CA GLU D 373 -11.67 1.96 -33.55
C GLU D 373 -10.41 2.43 -32.83
N ARG D 374 -10.58 3.00 -31.64
CA ARG D 374 -9.42 3.51 -30.90
C ARG D 374 -8.47 2.37 -30.57
N THR D 375 -9.04 1.21 -30.26
CA THR D 375 -8.25 0.07 -29.78
C THR D 375 -8.01 -0.96 -30.87
N ASP D 376 -8.49 -0.66 -32.07
CA ASP D 376 -8.38 -1.58 -33.22
C ASP D 376 -8.92 -2.96 -32.86
N GLN D 377 -10.13 -2.99 -32.32
CA GLN D 377 -10.77 -4.25 -31.98
C GLN D 377 -11.98 -4.48 -32.86
N SER D 378 -12.70 -5.57 -32.63
CA SER D 378 -13.68 -6.05 -33.62
CA SER D 378 -13.68 -6.05 -33.62
C SER D 378 -15.14 -6.00 -33.20
N LEU D 379 -15.45 -6.55 -32.03
CA LEU D 379 -16.85 -6.77 -31.66
C LEU D 379 -17.30 -5.97 -30.44
N ALA D 380 -18.47 -5.36 -30.53
CA ALA D 380 -19.04 -4.70 -29.36
C ALA D 380 -20.49 -5.13 -29.13
N LEU D 381 -20.87 -5.16 -27.87
CA LEU D 381 -22.24 -5.45 -27.49
CA LEU D 381 -22.23 -5.45 -27.48
C LEU D 381 -22.83 -4.23 -26.80
N ILE D 382 -24.04 -3.87 -27.20
CA ILE D 382 -24.75 -2.75 -26.58
C ILE D 382 -26.07 -3.29 -26.03
N THR D 383 -26.36 -3.02 -24.76
CA THR D 383 -27.56 -3.55 -24.15
C THR D 383 -28.11 -2.56 -23.13
N MET D 384 -29.42 -2.40 -23.13
CA MET D 384 -30.07 -1.42 -22.24
C MET D 384 -31.36 -1.97 -21.68
N CYS D 385 -31.60 -1.68 -20.40
CA CYS D 385 -32.92 -1.91 -19.80
C CYS D 385 -33.85 -0.81 -20.27
N ALA D 386 -35.16 -1.05 -20.18
CA ALA D 386 -36.13 -0.05 -20.60
C ALA D 386 -37.47 -0.19 -19.89
N GLY D 387 -38.15 0.93 -19.71
CA GLY D 387 -39.48 0.93 -19.11
C GLY D 387 -40.44 0.08 -19.91
N GLY D 388 -41.49 -0.41 -19.26
CA GLY D 388 -42.39 -1.36 -19.89
C GLY D 388 -41.80 -2.77 -19.87
N ALA D 389 -40.73 -2.96 -19.09
CA ALA D 389 -40.06 -4.27 -18.99
C ALA D 389 -39.60 -4.74 -20.37
N LEU D 390 -38.72 -3.95 -20.98
CA LEU D 390 -38.17 -4.22 -22.29
C LEU D 390 -36.65 -4.12 -22.24
N SER D 391 -35.97 -4.69 -23.22
CA SER D 391 -34.53 -4.48 -23.33
C SER D 391 -34.07 -4.60 -24.77
N THR D 392 -33.22 -3.67 -25.19
CA THR D 392 -32.62 -3.70 -26.52
C THR D 392 -31.21 -4.29 -26.43
N GLY D 393 -30.81 -5.02 -27.47
CA GLY D 393 -29.45 -5.53 -27.56
C GLY D 393 -28.96 -5.44 -28.99
N THR D 394 -27.67 -5.17 -29.17
CA THR D 394 -27.07 -5.15 -30.51
C THR D 394 -25.66 -5.70 -30.38
N ILE D 395 -25.24 -6.51 -31.34
CA ILE D 395 -23.80 -6.80 -31.47
C ILE D 395 -23.38 -6.15 -32.78
N ILE D 396 -22.34 -5.31 -32.72
CA ILE D 396 -21.80 -4.73 -33.95
C ILE D 396 -20.39 -5.24 -34.18
N GLU D 397 -19.98 -5.22 -35.44
CA GLU D 397 -18.67 -5.71 -35.84
C GLU D 397 -18.00 -4.67 -36.71
N ARG D 398 -16.76 -4.31 -36.41
CA ARG D 398 -16.03 -3.40 -37.30
C ARG D 398 -15.75 -4.02 -38.66
N ILE D 399 -15.77 -3.15 -39.68
N ILE D 399 -15.78 -3.17 -39.69
CA ILE D 399 -15.39 -3.53 -41.03
CA ILE D 399 -15.42 -3.58 -41.04
C ILE D 399 -14.03 -2.92 -41.33
C ILE D 399 -14.04 -3.00 -41.35
#